data_4GPY
# 
_entry.id   4GPY 
# 
_audit_conform.dict_name       mmcif_pdbx.dic 
_audit_conform.dict_version    5.388 
_audit_conform.dict_location   http://mmcif.pdb.org/dictionaries/ascii/mmcif_pdbx.dic 
# 
loop_
_database_2.database_id 
_database_2.database_code 
_database_2.pdbx_database_accession 
_database_2.pdbx_DOI 
PDB   4GPY         pdb_00004gpy 10.2210/pdb4gpy/pdb 
NDB   NA2007       ?            ?                   
RCSB  RCSB074491   ?            ?                   
WWPDB D_1000074491 ?            ?                   
# 
loop_
_pdbx_audit_revision_history.ordinal 
_pdbx_audit_revision_history.data_content_type 
_pdbx_audit_revision_history.major_revision 
_pdbx_audit_revision_history.minor_revision 
_pdbx_audit_revision_history.revision_date 
1 'Structure model' 1 0 2013-04-03 
2 'Structure model' 1 1 2013-07-17 
3 'Structure model' 1 2 2024-03-20 
# 
_pdbx_audit_revision_details.ordinal             1 
_pdbx_audit_revision_details.revision_ordinal    1 
_pdbx_audit_revision_details.data_content_type   'Structure model' 
_pdbx_audit_revision_details.provider            repository 
_pdbx_audit_revision_details.type                'Initial release' 
_pdbx_audit_revision_details.description         ? 
_pdbx_audit_revision_details.details             ? 
# 
loop_
_pdbx_audit_revision_group.ordinal 
_pdbx_audit_revision_group.revision_ordinal 
_pdbx_audit_revision_group.data_content_type 
_pdbx_audit_revision_group.group 
1 2 'Structure model' 'Database references'  
2 3 'Structure model' 'Data collection'      
3 3 'Structure model' 'Database references'  
4 3 'Structure model' 'Derived calculations' 
# 
loop_
_pdbx_audit_revision_category.ordinal 
_pdbx_audit_revision_category.revision_ordinal 
_pdbx_audit_revision_category.data_content_type 
_pdbx_audit_revision_category.category 
1 3 'Structure model' chem_comp_atom 
2 3 'Structure model' chem_comp_bond 
3 3 'Structure model' database_2     
4 3 'Structure model' struct_site    
# 
loop_
_pdbx_audit_revision_item.ordinal 
_pdbx_audit_revision_item.revision_ordinal 
_pdbx_audit_revision_item.data_content_type 
_pdbx_audit_revision_item.item 
1 3 'Structure model' '_database_2.pdbx_DOI'                
2 3 'Structure model' '_database_2.pdbx_database_accession' 
3 3 'Structure model' '_struct_site.pdbx_auth_asym_id'      
4 3 'Structure model' '_struct_site.pdbx_auth_comp_id'      
5 3 'Structure model' '_struct_site.pdbx_auth_seq_id'       
# 
_pdbx_database_status.status_code                     REL 
_pdbx_database_status.entry_id                        4GPY 
_pdbx_database_status.recvd_initial_deposition_date   2012-08-22 
_pdbx_database_status.deposit_site                    RCSB 
_pdbx_database_status.process_site                    PDBJ 
_pdbx_database_status.methods_development_category    ? 
_pdbx_database_status.status_code_sf                  REL 
_pdbx_database_status.status_code_mr                  ? 
_pdbx_database_status.SG_entry                        ? 
_pdbx_database_status.status_code_cs                  ? 
_pdbx_database_status.pdb_format_compatible           Y 
_pdbx_database_status.status_code_nmr_data            ? 
# 
loop_
_pdbx_database_related.db_name 
_pdbx_database_related.db_id 
_pdbx_database_related.details 
_pdbx_database_related.content_type 
PDB 4F8U . unspecified 
PDB 4F8V . unspecified 
PDB 4GPW . unspecified 
PDB 4GPX . unspecified 
# 
loop_
_audit_author.name 
_audit_author.pdbx_ordinal 
'Kondo, J.'     1 
'Koganei, M.'   2 
'Maianti, J.P.' 3 
'Ly, V.L.'      4 
'Hanessian, S.' 5 
# 
_citation.id                        primary 
_citation.title                     
;Crystal structures of a bioactive 6'-hydroxy variant of sisomicin bound to the bacterial and protozoal ribosomal decoding sites
;
_citation.journal_abbrev            Chemmedchem 
_citation.journal_volume            8 
_citation.page_first                733 
_citation.page_last                 739 
_citation.year                      2013 
_citation.journal_id_ASTM           ? 
_citation.country                   DE 
_citation.journal_id_ISSN           1860-7179 
_citation.journal_id_CSD            ? 
_citation.book_publisher            ? 
_citation.pdbx_database_id_PubMed   23436717 
_citation.pdbx_database_id_DOI      10.1002/cmdc.201200579 
# 
loop_
_citation_author.citation_id 
_citation_author.name 
_citation_author.ordinal 
_citation_author.identifier_ORCID 
primary 'Kondo, J.'     1 ? 
primary 'Koganei, M.'   2 ? 
primary 'Maianti, J.P.' 3 ? 
primary 'Ly, V.L.'      4 ? 
primary 'Hanessian, S.' 5 ? 
# 
loop_
_entity.id 
_entity.type 
_entity.src_method 
_entity.pdbx_description 
_entity.formula_weight 
_entity.pdbx_number_of_molecules 
_entity.pdbx_ec 
_entity.pdbx_mutation 
_entity.pdbx_fragment 
_entity.details 
1 polymer     syn 
;RNA (5'-R(*UP*UP*GP*CP*GP*UP*CP*AP*CP*GP*CP*CP*GP*GP*CP*GP*AP*AP*GP*UP*CP*GP*C)-3')
;
7370.424 2  ? ? ? ? 
2 non-polymer syn 
;(1S,2S,3R,4S,6R)-4,6-diamino-3-{[(2S,3R)-3-amino-6-(hydroxymethyl)-3,4-dihydro-2H-pyran-2-yl]oxy}-2-hydroxycyclohexyl 3-deoxy-4-C-methyl-3-(methylamino)-beta-L-arabinopyranoside
;
448.511  2  ? ? ? ? 
3 water       nat water 18.015   36 ? ? ? ? 
# 
_entity_poly.entity_id                      1 
_entity_poly.type                           polyribonucleotide 
_entity_poly.nstd_linkage                   no 
_entity_poly.nstd_monomer                   no 
_entity_poly.pdbx_seq_one_letter_code       UUGCGUCACGCCGGCGAAGUCGC 
_entity_poly.pdbx_seq_one_letter_code_can   UUGCGUCACGCCGGCGAAGUCGC 
_entity_poly.pdbx_strand_id                 A,B 
_entity_poly.pdbx_target_identifier         ? 
# 
loop_
_pdbx_entity_nonpoly.entity_id 
_pdbx_entity_nonpoly.name 
_pdbx_entity_nonpoly.comp_id 
2 
;(1S,2S,3R,4S,6R)-4,6-diamino-3-{[(2S,3R)-3-amino-6-(hydroxymethyl)-3,4-dihydro-2H-pyran-2-yl]oxy}-2-hydroxycyclohexyl 3-deoxy-4-C-methyl-3-(methylamino)-beta-L-arabinopyranoside
;
6HS 
3 water HOH 
# 
loop_
_entity_poly_seq.entity_id 
_entity_poly_seq.num 
_entity_poly_seq.mon_id 
_entity_poly_seq.hetero 
1 1  U n 
1 2  U n 
1 3  G n 
1 4  C n 
1 5  G n 
1 6  U n 
1 7  C n 
1 8  A n 
1 9  C n 
1 10 G n 
1 11 C n 
1 12 C n 
1 13 G n 
1 14 G n 
1 15 C n 
1 16 G n 
1 17 A n 
1 18 A n 
1 19 G n 
1 20 U n 
1 21 C n 
1 22 G n 
1 23 C n 
# 
loop_
_chem_comp.id 
_chem_comp.type 
_chem_comp.mon_nstd_flag 
_chem_comp.name 
_chem_comp.pdbx_synonyms 
_chem_comp.formula 
_chem_comp.formula_weight 
6HS non-polymer   . 
;(1S,2S,3R,4S,6R)-4,6-diamino-3-{[(2S,3R)-3-amino-6-(hydroxymethyl)-3,4-dihydro-2H-pyran-2-yl]oxy}-2-hydroxycyclohexyl 3-deoxy-4-C-methyl-3-(methylamino)-beta-L-arabinopyranoside
;
"6'-hydroxysisomicin" 'C19 H36 N4 O8'   448.511 
A   'RNA linking' y "ADENOSINE-5'-MONOPHOSPHATE" ?                     'C10 H14 N5 O7 P' 347.221 
C   'RNA linking' y "CYTIDINE-5'-MONOPHOSPHATE" ?                     'C9 H14 N3 O8 P'  323.197 
G   'RNA linking' y "GUANOSINE-5'-MONOPHOSPHATE" ?                     'C10 H14 N5 O8 P' 363.221 
HOH non-polymer   . WATER ?                     'H2 O'            18.015  
U   'RNA linking' y "URIDINE-5'-MONOPHOSPHATE" ?                     'C9 H13 N2 O9 P'  324.181 
# 
loop_
_pdbx_poly_seq_scheme.asym_id 
_pdbx_poly_seq_scheme.entity_id 
_pdbx_poly_seq_scheme.seq_id 
_pdbx_poly_seq_scheme.mon_id 
_pdbx_poly_seq_scheme.ndb_seq_num 
_pdbx_poly_seq_scheme.pdb_seq_num 
_pdbx_poly_seq_scheme.auth_seq_num 
_pdbx_poly_seq_scheme.pdb_mon_id 
_pdbx_poly_seq_scheme.auth_mon_id 
_pdbx_poly_seq_scheme.pdb_strand_id 
_pdbx_poly_seq_scheme.pdb_ins_code 
_pdbx_poly_seq_scheme.hetero 
A 1 1  U 1  1  ?  ? ? A . n 
A 1 2  U 2  2  2  U U A . n 
A 1 3  G 3  3  3  G G A . n 
A 1 4  C 4  4  4  C C A . n 
A 1 5  G 5  5  5  G G A . n 
A 1 6  U 6  6  6  U U A . n 
A 1 7  C 7  7  7  C C A . n 
A 1 8  A 8  8  8  A A A . n 
A 1 9  C 9  9  9  C C A . n 
A 1 10 G 10 10 10 G G A . n 
A 1 11 C 11 11 11 C C A . n 
A 1 12 C 12 12 12 C C A . n 
A 1 13 G 13 13 13 G G A . n 
A 1 14 G 14 14 14 G G A . n 
A 1 15 C 15 15 15 C C A . n 
A 1 16 G 16 16 16 G G A . n 
A 1 17 A 17 17 17 A A A . n 
A 1 18 A 18 18 18 A A A . n 
A 1 19 G 19 19 19 G G A . n 
A 1 20 U 20 20 20 U U A . n 
A 1 21 C 21 21 21 C C A . n 
A 1 22 G 22 22 22 G G A . n 
A 1 23 C 23 23 23 C C A . n 
B 1 1  U 1  24 ?  ? ? B . n 
B 1 2  U 2  25 25 U U B . n 
B 1 3  G 3  26 26 G G B . n 
B 1 4  C 4  27 27 C C B . n 
B 1 5  G 5  28 28 G G B . n 
B 1 6  U 6  29 29 U U B . n 
B 1 7  C 7  30 30 C C B . n 
B 1 8  A 8  31 31 A A B . n 
B 1 9  C 9  32 32 C C B . n 
B 1 10 G 10 33 33 G G B . n 
B 1 11 C 11 34 34 C C B . n 
B 1 12 C 12 35 35 C C B . n 
B 1 13 G 13 36 36 G G B . n 
B 1 14 G 14 37 37 G G B . n 
B 1 15 C 15 38 38 C C B . n 
B 1 16 G 16 39 39 G G B . n 
B 1 17 A 17 40 40 A A B . n 
B 1 18 A 18 41 41 A A B . n 
B 1 19 G 19 42 42 G G B . n 
B 1 20 U 20 43 43 U U B . n 
B 1 21 C 21 44 44 C C B . n 
B 1 22 G 22 45 45 G G B . n 
B 1 23 C 23 46 46 C C B . n 
# 
loop_
_pdbx_nonpoly_scheme.asym_id 
_pdbx_nonpoly_scheme.entity_id 
_pdbx_nonpoly_scheme.mon_id 
_pdbx_nonpoly_scheme.ndb_seq_num 
_pdbx_nonpoly_scheme.pdb_seq_num 
_pdbx_nonpoly_scheme.auth_seq_num 
_pdbx_nonpoly_scheme.pdb_mon_id 
_pdbx_nonpoly_scheme.auth_mon_id 
_pdbx_nonpoly_scheme.pdb_strand_id 
_pdbx_nonpoly_scheme.pdb_ins_code 
C 2 6HS 1  101 50  6HS 6HS A . 
D 2 6HS 1  102 51  6HS 6HS A . 
E 3 HOH 1  201 106 HOH HOH A . 
E 3 HOH 2  202 107 HOH HOH A . 
E 3 HOH 3  203 108 HOH HOH A . 
E 3 HOH 4  204 109 HOH HOH A . 
E 3 HOH 5  205 110 HOH HOH A . 
E 3 HOH 6  206 114 HOH HOH A . 
E 3 HOH 7  207 117 HOH HOH A . 
E 3 HOH 8  208 121 HOH HOH A . 
E 3 HOH 9  209 125 HOH HOH A . 
E 3 HOH 10 210 127 HOH HOH A . 
E 3 HOH 11 211 133 HOH HOH A . 
F 3 HOH 1  201 105 HOH HOH B . 
F 3 HOH 2  202 101 HOH HOH B . 
F 3 HOH 3  203 102 HOH HOH B . 
F 3 HOH 4  204 103 HOH HOH B . 
F 3 HOH 5  205 104 HOH HOH B . 
F 3 HOH 6  206 111 HOH HOH B . 
F 3 HOH 7  207 112 HOH HOH B . 
F 3 HOH 8  208 113 HOH HOH B . 
F 3 HOH 9  209 115 HOH HOH B . 
F 3 HOH 10 210 116 HOH HOH B . 
F 3 HOH 11 211 118 HOH HOH B . 
F 3 HOH 12 212 119 HOH HOH B . 
F 3 HOH 13 213 120 HOH HOH B . 
F 3 HOH 14 214 122 HOH HOH B . 
F 3 HOH 15 215 123 HOH HOH B . 
F 3 HOH 16 216 124 HOH HOH B . 
F 3 HOH 17 217 126 HOH HOH B . 
F 3 HOH 18 218 128 HOH HOH B . 
F 3 HOH 19 219 129 HOH HOH B . 
F 3 HOH 20 220 130 HOH HOH B . 
F 3 HOH 21 221 131 HOH HOH B . 
F 3 HOH 22 222 132 HOH HOH B . 
F 3 HOH 23 223 134 HOH HOH B . 
F 3 HOH 24 224 135 HOH HOH B . 
F 3 HOH 25 225 136 HOH HOH B . 
# 
loop_
_software.name 
_software.classification 
_software.version 
_software.citation_id 
_software.pdbx_ordinal 
ADSC         'data collection' Quantum ? 1 
PHENIX       'model building'  .       ? 2 
CNS          refinement        1.3     ? 3 
CrystalClear 'data reduction'  .       ? 4 
CrystalClear 'data scaling'    .       ? 5 
PHENIX       phasing           .       ? 6 
# 
_cell.entry_id           4GPY 
_cell.length_a           33.742 
_cell.length_b           84.715 
_cell.length_c           47.770 
_cell.angle_alpha        90.00 
_cell.angle_beta         90.00 
_cell.angle_gamma        90.00 
_cell.Z_PDB              8 
_cell.pdbx_unique_axis   ? 
_cell.length_a_esd       ? 
_cell.length_b_esd       ? 
_cell.length_c_esd       ? 
_cell.angle_alpha_esd    ? 
_cell.angle_beta_esd     ? 
_cell.angle_gamma_esd    ? 
# 
_symmetry.entry_id                         4GPY 
_symmetry.space_group_name_H-M             'P 21 21 2' 
_symmetry.pdbx_full_space_group_name_H-M   ? 
_symmetry.cell_setting                     ? 
_symmetry.Int_Tables_number                18 
_symmetry.space_group_name_Hall            ? 
# 
_exptl.entry_id          4GPY 
_exptl.method            'X-RAY DIFFRACTION' 
_exptl.crystals_number   1 
# 
_exptl_crystal.id                    1 
_exptl_crystal.density_meas          ? 
_exptl_crystal.density_Matthews      2.32 
_exptl_crystal.density_percent_sol   46.89 
_exptl_crystal.description           ? 
_exptl_crystal.F_000                 ? 
_exptl_crystal.preparation           ? 
# 
_exptl_crystal_grow.crystal_id      1 
_exptl_crystal_grow.method          'VAPOR DIFFUSION, HANGING DROP' 
_exptl_crystal_grow.temp            293 
_exptl_crystal_grow.temp_details    ? 
_exptl_crystal_grow.pH              7.0 
_exptl_crystal_grow.pdbx_details    'Na Cacodylate, Spermine, NaCl, MPD , pH 7.0, VAPOR DIFFUSION, HANGING DROP, temperature 293K' 
_exptl_crystal_grow.pdbx_pH_range   ? 
# 
_diffrn.id                     1 
_diffrn.ambient_temp           100 
_diffrn.ambient_temp_details   ? 
_diffrn.crystal_id             1 
# 
_diffrn_detector.diffrn_id              1 
_diffrn_detector.detector               CCD 
_diffrn_detector.type                   'ADSC QUANTUM 210' 
_diffrn_detector.pdbx_collection_date   2012-06-16 
_diffrn_detector.details                ? 
# 
_diffrn_radiation.diffrn_id                        1 
_diffrn_radiation.wavelength_id                    1 
_diffrn_radiation.pdbx_monochromatic_or_laue_m_l   M 
_diffrn_radiation.monochromator                    ? 
_diffrn_radiation.pdbx_diffrn_protocol             'SINGLE WAVELENGTH' 
_diffrn_radiation.pdbx_scattering_type             x-ray 
# 
_diffrn_radiation_wavelength.id           1 
_diffrn_radiation_wavelength.wavelength   1.0 
_diffrn_radiation_wavelength.wt           1.0 
# 
_diffrn_source.diffrn_id                   1 
_diffrn_source.source                      SYNCHROTRON 
_diffrn_source.type                        'PHOTON FACTORY BEAMLINE AR-NW12A' 
_diffrn_source.pdbx_synchrotron_site       'Photon Factory' 
_diffrn_source.pdbx_synchrotron_beamline   AR-NW12A 
_diffrn_source.pdbx_wavelength             ? 
_diffrn_source.pdbx_wavelength_list        1.0 
# 
_reflns.entry_id                     4GPY 
_reflns.observed_criterion_sigma_I   ? 
_reflns.observed_criterion_sigma_F   ? 
_reflns.d_resolution_low             47.8 
_reflns.d_resolution_high            2.8 
_reflns.number_obs                   3348 
_reflns.number_all                   ? 
_reflns.percent_possible_obs         ? 
_reflns.pdbx_Rmerge_I_obs            ? 
_reflns.pdbx_Rsym_value              ? 
_reflns.pdbx_netI_over_sigmaI        ? 
_reflns.B_iso_Wilson_estimate        ? 
_reflns.pdbx_redundancy              ? 
_reflns.R_free_details               ? 
_reflns.limit_h_max                  ? 
_reflns.limit_h_min                  ? 
_reflns.limit_k_max                  ? 
_reflns.limit_k_min                  ? 
_reflns.limit_l_max                  ? 
_reflns.limit_l_min                  ? 
_reflns.observed_criterion_F_max     ? 
_reflns.observed_criterion_F_min     ? 
_reflns.pdbx_chi_squared             ? 
_reflns.pdbx_scaling_rejects         ? 
_reflns.pdbx_ordinal                 1 
_reflns.pdbx_diffrn_id               1 
# 
_refine.entry_id                                 4GPY 
_refine.ls_number_reflns_obs                     3344 
_refine.ls_number_reflns_all                     ? 
_refine.pdbx_ls_sigma_I                          ? 
_refine.pdbx_ls_sigma_F                          ? 
_refine.pdbx_data_cutoff_high_absF               ? 
_refine.pdbx_data_cutoff_low_absF                ? 
_refine.pdbx_data_cutoff_high_rms_absF           ? 
_refine.ls_d_res_low                             30.0 
_refine.ls_d_res_high                            2.8 
_refine.ls_percent_reflns_obs                    91.1000 
_refine.ls_R_factor_obs                          ? 
_refine.ls_R_factor_all                          ? 
_refine.ls_R_factor_R_work                       0.201 
_refine.ls_R_factor_R_free                       0.227 
_refine.ls_R_factor_R_free_error                 ? 
_refine.ls_R_factor_R_free_error_details         ? 
_refine.ls_percent_reflns_R_free                 9.0000 
_refine.ls_number_reflns_R_free                  330 
_refine.ls_number_parameters                     ? 
_refine.ls_number_restraints                     ? 
_refine.correlation_coeff_Fo_to_Fc               ? 
_refine.correlation_coeff_Fo_to_Fc_free          ? 
_refine.B_iso_mean                               43.0193 
_refine.solvent_model_param_bsol                 34.3561 
_refine.solvent_model_param_ksol                 ? 
_refine.pdbx_isotropic_thermal_model             ? 
_refine.aniso_B[1][1]                            -1.6160 
_refine.aniso_B[2][2]                            15.8620 
_refine.aniso_B[3][3]                            -14.2460 
_refine.aniso_B[1][2]                            0.0000 
_refine.aniso_B[1][3]                            0.0000 
_refine.aniso_B[2][3]                            0.0000 
_refine.pdbx_starting_model                      ? 
_refine.pdbx_method_to_determine_struct          'MOLECULAR REPLACEMENT' 
_refine.B_iso_max                                103.490 
_refine.B_iso_min                                9.550 
_refine.pdbx_overall_phase_error                 ? 
_refine.occupancy_max                            1.000 
_refine.occupancy_min                            1.000 
_refine.ls_redundancy_reflns_obs                 ? 
_refine.pdbx_ls_cross_valid_method               ? 
_refine.pdbx_R_Free_selection_details            ? 
_refine.pdbx_stereochem_target_val_spec_case     ? 
_refine.pdbx_stereochemistry_target_values       ? 
_refine.solvent_model_details                    ? 
_refine.overall_SU_ML                            ? 
_refine.overall_SU_B                             ? 
_refine.pdbx_overall_ESU_R                       ? 
_refine.pdbx_overall_ESU_R_Free                  ? 
_refine.details                                  ? 
_refine.pdbx_solvent_vdw_probe_radii             ? 
_refine.pdbx_solvent_ion_probe_radii             ? 
_refine.pdbx_solvent_shrinkage_radii             ? 
_refine.overall_SU_R_Cruickshank_DPI             ? 
_refine.overall_SU_R_free                        ? 
_refine.ls_wR_factor_R_free                      ? 
_refine.ls_wR_factor_R_work                      ? 
_refine.overall_FOM_free_R_set                   ? 
_refine.overall_FOM_work_R_set                   ? 
_refine.pdbx_diffrn_id                           1 
_refine.pdbx_refine_id                           'X-RAY DIFFRACTION' 
_refine.pdbx_TLS_residual_ADP_flag               ? 
_refine.pdbx_overall_SU_R_free_Cruickshank_DPI   ? 
_refine.pdbx_overall_SU_R_Blow_DPI               ? 
_refine.pdbx_overall_SU_R_free_Blow_DPI          ? 
# 
_refine_hist.pdbx_refine_id                   'X-RAY DIFFRACTION' 
_refine_hist.cycle_id                         LAST 
_refine_hist.pdbx_number_atoms_protein        0 
_refine_hist.pdbx_number_atoms_nucleic_acid   940 
_refine_hist.pdbx_number_atoms_ligand         62 
_refine_hist.number_atoms_solvent             36 
_refine_hist.number_atoms_total               1038 
_refine_hist.d_res_high                       2.8 
_refine_hist.d_res_low                        30.0 
# 
loop_
_refine_ls_restr.pdbx_refine_id 
_refine_ls_restr.type 
_refine_ls_restr.number 
_refine_ls_restr.dev_ideal 
_refine_ls_restr.dev_ideal_target 
_refine_ls_restr.weight 
_refine_ls_restr.pdbx_restraint_function 
'X-RAY DIFFRACTION' c_bond_d     ? 0.005 ?     ? ? 
'X-RAY DIFFRACTION' c_angle_d    ? 0.969 ?     ? ? 
'X-RAY DIFFRACTION' c_mcbond_it  ? 0.000 1.500 ? ? 
'X-RAY DIFFRACTION' c_scbond_it  ? 2.467 2.000 ? ? 
'X-RAY DIFFRACTION' c_mcangle_it ? 0.000 2.000 ? ? 
'X-RAY DIFFRACTION' c_scangle_it ? 3.659 2.500 ? ? 
# 
loop_
_refine_ls_shell.d_res_high 
_refine_ls_shell.d_res_low 
_refine_ls_shell.pdbx_total_number_of_bins_used 
_refine_ls_shell.percent_reflns_obs 
_refine_ls_shell.number_reflns_R_work 
_refine_ls_shell.R_factor_all 
_refine_ls_shell.R_factor_R_work 
_refine_ls_shell.R_factor_R_free 
_refine_ls_shell.percent_reflns_R_free 
_refine_ls_shell.number_reflns_R_free 
_refine_ls_shell.R_factor_R_free_error 
_refine_ls_shell.number_reflns_all 
_refine_ls_shell.number_reflns_obs 
_refine_ls_shell.pdbx_refine_id 
_refine_ls_shell.redundancy_reflns_obs 
2.8000 2.9000  10 93.7000 301 . 0.3827 0.3356 . 26 . 327 . 'X-RAY DIFFRACTION' . 
2.9000 3.0200  10 92.2000 295 . 0.3258 0.4144 . 34 . 329 . 'X-RAY DIFFRACTION' . 
3.0200 3.1500  10 92.2000 286 . 0.2840 0.2856 . 44 . 330 . 'X-RAY DIFFRACTION' . 
3.1500 3.3200  10 87.5000 283 . 0.2576 0.2458 . 31 . 314 . 'X-RAY DIFFRACTION' . 
3.3200 3.5300  10 88.2000 281 . 0.2398 0.3498 . 33 . 314 . 'X-RAY DIFFRACTION' . 
3.5300 3.8000  10 88.3000 283 . 0.1807 0.1909 . 41 . 324 . 'X-RAY DIFFRACTION' . 
3.8000 4.1800  10 87.4000 283 . 0.1985 0.2155 . 36 . 319 . 'X-RAY DIFFRACTION' . 
4.1800 4.7800  10 89.3000 303 . 0.1498 0.1743 . 30 . 333 . 'X-RAY DIFFRACTION' . 
4.7800 6.0200  10 95.2000 337 . 0.1308 0.1150 . 21 . 358 . 'X-RAY DIFFRACTION' . 
6.0200 30.0000 10 96.4000 362 . 0.1680 0.1910 . 34 . 396 . 'X-RAY DIFFRACTION' . 
# 
loop_
_pdbx_xplor_file.pdbx_refine_id 
_pdbx_xplor_file.serial_no 
_pdbx_xplor_file.param_file 
_pdbx_xplor_file.topol_file 
'X-RAY DIFFRACTION' 1 dna-rna_free.param ? 
'X-RAY DIFFRACTION' 2 water_rep.param    ? 
'X-RAY DIFFRACTION' 3 ion.param          ? 
'X-RAY DIFFRACTION' 4 115_xplor.param    ? 
# 
_struct.entry_id                  4GPY 
_struct.title                     
;Crystal structure of the bacterial ribosomal decoding site in complex with 6'-hydroxysisomicin
;
_struct.pdbx_model_details        ? 
_struct.pdbx_CASP_flag            ? 
_struct.pdbx_model_type_details   ? 
# 
_struct_keywords.entry_id        4GPY 
_struct_keywords.pdbx_keywords   RNA/ANTIBIOTIC 
_struct_keywords.text            'ribosome, aminoglycoside, RNA-ANTIBIOTIC complex, antiprotozoal activity, antibacterial activity' 
# 
loop_
_struct_asym.id 
_struct_asym.pdbx_blank_PDB_chainid_flag 
_struct_asym.pdbx_modified 
_struct_asym.entity_id 
_struct_asym.details 
A N N 1 ? 
B N N 1 ? 
C N N 2 ? 
D N N 2 ? 
E N N 3 ? 
F N N 3 ? 
# 
_struct_ref.id                         1 
_struct_ref.db_name                    PDB 
_struct_ref.db_code                    4GPY 
_struct_ref.pdbx_db_accession          4GPY 
_struct_ref.entity_id                  1 
_struct_ref.pdbx_align_begin           ? 
_struct_ref.pdbx_seq_one_letter_code   ? 
_struct_ref.pdbx_db_isoform            ? 
# 
loop_
_struct_ref_seq.align_id 
_struct_ref_seq.ref_id 
_struct_ref_seq.pdbx_PDB_id_code 
_struct_ref_seq.pdbx_strand_id 
_struct_ref_seq.seq_align_beg 
_struct_ref_seq.pdbx_seq_align_beg_ins_code 
_struct_ref_seq.seq_align_end 
_struct_ref_seq.pdbx_seq_align_end_ins_code 
_struct_ref_seq.pdbx_db_accession 
_struct_ref_seq.db_align_beg 
_struct_ref_seq.pdbx_db_align_beg_ins_code 
_struct_ref_seq.db_align_end 
_struct_ref_seq.pdbx_db_align_end_ins_code 
_struct_ref_seq.pdbx_auth_seq_align_beg 
_struct_ref_seq.pdbx_auth_seq_align_end 
1 1 4GPY A 1 ? 23 ? 4GPY 1  ? 23 ? 1  23 
2 1 4GPY B 1 ? 23 ? 4GPY 24 ? 46 ? 24 46 
# 
_pdbx_struct_assembly.id                   1 
_pdbx_struct_assembly.details              author_and_software_defined_assembly 
_pdbx_struct_assembly.method_details       PISA 
_pdbx_struct_assembly.oligomeric_details   dimeric 
_pdbx_struct_assembly.oligomeric_count     2 
# 
loop_
_pdbx_struct_assembly_prop.biol_id 
_pdbx_struct_assembly_prop.type 
_pdbx_struct_assembly_prop.value 
_pdbx_struct_assembly_prop.details 
1 'ABSA (A^2)' 2530 ? 
1 MORE         -14  ? 
1 'SSA (A^2)'  8660 ? 
# 
_pdbx_struct_assembly_gen.assembly_id       1 
_pdbx_struct_assembly_gen.oper_expression   1 
_pdbx_struct_assembly_gen.asym_id_list      A,B,C,D,E,F 
# 
_pdbx_struct_oper_list.id                   1 
_pdbx_struct_oper_list.type                 'identity operation' 
_pdbx_struct_oper_list.name                 1_555 
_pdbx_struct_oper_list.symmetry_operation   x,y,z 
_pdbx_struct_oper_list.matrix[1][1]         1.0000000000 
_pdbx_struct_oper_list.matrix[1][2]         0.0000000000 
_pdbx_struct_oper_list.matrix[1][3]         0.0000000000 
_pdbx_struct_oper_list.vector[1]            0.0000000000 
_pdbx_struct_oper_list.matrix[2][1]         0.0000000000 
_pdbx_struct_oper_list.matrix[2][2]         1.0000000000 
_pdbx_struct_oper_list.matrix[2][3]         0.0000000000 
_pdbx_struct_oper_list.vector[2]            0.0000000000 
_pdbx_struct_oper_list.matrix[3][1]         0.0000000000 
_pdbx_struct_oper_list.matrix[3][2]         0.0000000000 
_pdbx_struct_oper_list.matrix[3][3]         1.0000000000 
_pdbx_struct_oper_list.vector[3]            0.0000000000 
# 
_struct_biol.id        1 
_struct_biol.details   ? 
# 
loop_
_struct_conn.id 
_struct_conn.conn_type_id 
_struct_conn.pdbx_leaving_atom_flag 
_struct_conn.pdbx_PDB_id 
_struct_conn.ptnr1_label_asym_id 
_struct_conn.ptnr1_label_comp_id 
_struct_conn.ptnr1_label_seq_id 
_struct_conn.ptnr1_label_atom_id 
_struct_conn.pdbx_ptnr1_label_alt_id 
_struct_conn.pdbx_ptnr1_PDB_ins_code 
_struct_conn.pdbx_ptnr1_standard_comp_id 
_struct_conn.ptnr1_symmetry 
_struct_conn.ptnr2_label_asym_id 
_struct_conn.ptnr2_label_comp_id 
_struct_conn.ptnr2_label_seq_id 
_struct_conn.ptnr2_label_atom_id 
_struct_conn.pdbx_ptnr2_label_alt_id 
_struct_conn.pdbx_ptnr2_PDB_ins_code 
_struct_conn.ptnr1_auth_asym_id 
_struct_conn.ptnr1_auth_comp_id 
_struct_conn.ptnr1_auth_seq_id 
_struct_conn.ptnr2_auth_asym_id 
_struct_conn.ptnr2_auth_comp_id 
_struct_conn.ptnr2_auth_seq_id 
_struct_conn.ptnr2_symmetry 
_struct_conn.pdbx_ptnr3_label_atom_id 
_struct_conn.pdbx_ptnr3_label_seq_id 
_struct_conn.pdbx_ptnr3_label_comp_id 
_struct_conn.pdbx_ptnr3_label_asym_id 
_struct_conn.pdbx_ptnr3_label_alt_id 
_struct_conn.pdbx_ptnr3_PDB_ins_code 
_struct_conn.details 
_struct_conn.pdbx_dist_value 
_struct_conn.pdbx_value_order 
_struct_conn.pdbx_role 
hydrog1  hydrog ? ? A G 3  N1 ? ? ? 1_555 B C 23 N3 ? ? A G 3  B C 46 1_555 ? ? ? ? ? ? WATSON-CRICK  ? ? ? 
hydrog2  hydrog ? ? A G 3  N2 ? ? ? 1_555 B C 23 O2 ? ? A G 3  B C 46 1_555 ? ? ? ? ? ? WATSON-CRICK  ? ? ? 
hydrog3  hydrog ? ? A G 3  O6 ? ? ? 1_555 B C 23 N4 ? ? A G 3  B C 46 1_555 ? ? ? ? ? ? WATSON-CRICK  ? ? ? 
hydrog4  hydrog ? ? A C 4  N3 ? ? ? 1_555 B G 22 N1 ? ? A C 4  B G 45 1_555 ? ? ? ? ? ? WATSON-CRICK  ? ? ? 
hydrog5  hydrog ? ? A C 4  N4 ? ? ? 1_555 B G 22 O6 ? ? A C 4  B G 45 1_555 ? ? ? ? ? ? WATSON-CRICK  ? ? ? 
hydrog6  hydrog ? ? A C 4  O2 ? ? ? 1_555 B G 22 N2 ? ? A C 4  B G 45 1_555 ? ? ? ? ? ? WATSON-CRICK  ? ? ? 
hydrog7  hydrog ? ? A G 5  N1 ? ? ? 1_555 B C 21 N3 ? ? A G 5  B C 44 1_555 ? ? ? ? ? ? WATSON-CRICK  ? ? ? 
hydrog8  hydrog ? ? A G 5  N2 ? ? ? 1_555 B C 21 O2 ? ? A G 5  B C 44 1_555 ? ? ? ? ? ? WATSON-CRICK  ? ? ? 
hydrog9  hydrog ? ? A G 5  O6 ? ? ? 1_555 B C 21 N4 ? ? A G 5  B C 44 1_555 ? ? ? ? ? ? WATSON-CRICK  ? ? ? 
hydrog10 hydrog ? ? A U 6  O4 ? ? ? 1_555 B U 20 N3 ? ? A U 6  B U 43 1_555 ? ? ? ? ? ? 'U-U MISPAIR' ? ? ? 
hydrog11 hydrog ? ? A U 6  N3 ? ? ? 1_555 B C 21 O2 ? ? A U 6  B C 44 1_555 ? ? ? ? ? ? 'U-C MISPAIR' ? ? ? 
hydrog12 hydrog ? ? A C 7  N3 ? ? ? 1_555 B G 19 N1 ? ? A C 7  B G 42 1_555 ? ? ? ? ? ? WATSON-CRICK  ? ? ? 
hydrog13 hydrog ? ? A C 7  N4 ? ? ? 1_555 B G 19 O6 ? ? A C 7  B G 42 1_555 ? ? ? ? ? ? WATSON-CRICK  ? ? ? 
hydrog14 hydrog ? ? A C 7  O2 ? ? ? 1_555 B G 19 N2 ? ? A C 7  B G 42 1_555 ? ? ? ? ? ? WATSON-CRICK  ? ? ? 
hydrog15 hydrog ? ? A C 9  N3 ? ? ? 1_555 B G 16 N1 ? ? A C 9  B G 39 1_555 ? ? ? ? ? ? WATSON-CRICK  ? ? ? 
hydrog16 hydrog ? ? A C 9  N4 ? ? ? 1_555 B G 16 O6 ? ? A C 9  B G 39 1_555 ? ? ? ? ? ? WATSON-CRICK  ? ? ? 
hydrog17 hydrog ? ? A C 9  O2 ? ? ? 1_555 B G 16 N2 ? ? A C 9  B G 39 1_555 ? ? ? ? ? ? WATSON-CRICK  ? ? ? 
hydrog18 hydrog ? ? A G 10 N1 ? ? ? 1_555 B C 15 N3 ? ? A G 10 B C 38 1_555 ? ? ? ? ? ? WATSON-CRICK  ? ? ? 
hydrog19 hydrog ? ? A G 10 N2 ? ? ? 1_555 B C 15 O2 ? ? A G 10 B C 38 1_555 ? ? ? ? ? ? WATSON-CRICK  ? ? ? 
hydrog20 hydrog ? ? A G 10 O6 ? ? ? 1_555 B C 15 N4 ? ? A G 10 B C 38 1_555 ? ? ? ? ? ? WATSON-CRICK  ? ? ? 
hydrog21 hydrog ? ? A C 11 N3 ? ? ? 1_555 B G 14 N1 ? ? A C 11 B G 37 1_555 ? ? ? ? ? ? WATSON-CRICK  ? ? ? 
hydrog22 hydrog ? ? A C 11 N4 ? ? ? 1_555 B G 14 O6 ? ? A C 11 B G 37 1_555 ? ? ? ? ? ? WATSON-CRICK  ? ? ? 
hydrog23 hydrog ? ? A C 11 O2 ? ? ? 1_555 B G 14 N2 ? ? A C 11 B G 37 1_555 ? ? ? ? ? ? WATSON-CRICK  ? ? ? 
hydrog24 hydrog ? ? A C 12 N3 ? ? ? 1_555 B G 13 N1 ? ? A C 12 B G 36 1_555 ? ? ? ? ? ? WATSON-CRICK  ? ? ? 
hydrog25 hydrog ? ? A C 12 N4 ? ? ? 1_555 B G 13 O6 ? ? A C 12 B G 36 1_555 ? ? ? ? ? ? WATSON-CRICK  ? ? ? 
hydrog26 hydrog ? ? A C 12 O2 ? ? ? 1_555 B G 13 N2 ? ? A C 12 B G 36 1_555 ? ? ? ? ? ? WATSON-CRICK  ? ? ? 
hydrog27 hydrog ? ? A G 13 N1 ? ? ? 1_555 B C 12 N3 ? ? A G 13 B C 35 1_555 ? ? ? ? ? ? WATSON-CRICK  ? ? ? 
hydrog28 hydrog ? ? A G 13 N2 ? ? ? 1_555 B C 12 O2 ? ? A G 13 B C 35 1_555 ? ? ? ? ? ? WATSON-CRICK  ? ? ? 
hydrog29 hydrog ? ? A G 13 O6 ? ? ? 1_555 B C 12 N4 ? ? A G 13 B C 35 1_555 ? ? ? ? ? ? WATSON-CRICK  ? ? ? 
hydrog30 hydrog ? ? A G 14 N1 ? ? ? 1_555 B C 11 N3 ? ? A G 14 B C 34 1_555 ? ? ? ? ? ? WATSON-CRICK  ? ? ? 
hydrog31 hydrog ? ? A G 14 N2 ? ? ? 1_555 B C 11 O2 ? ? A G 14 B C 34 1_555 ? ? ? ? ? ? WATSON-CRICK  ? ? ? 
hydrog32 hydrog ? ? A G 14 O6 ? ? ? 1_555 B C 11 N4 ? ? A G 14 B C 34 1_555 ? ? ? ? ? ? WATSON-CRICK  ? ? ? 
hydrog33 hydrog ? ? A C 15 N3 ? ? ? 1_555 B G 10 N1 ? ? A C 15 B G 33 1_555 ? ? ? ? ? ? WATSON-CRICK  ? ? ? 
hydrog34 hydrog ? ? A C 15 N4 ? ? ? 1_555 B G 10 O6 ? ? A C 15 B G 33 1_555 ? ? ? ? ? ? WATSON-CRICK  ? ? ? 
hydrog35 hydrog ? ? A C 15 O2 ? ? ? 1_555 B G 10 N2 ? ? A C 15 B G 33 1_555 ? ? ? ? ? ? WATSON-CRICK  ? ? ? 
hydrog36 hydrog ? ? A G 16 N1 ? ? ? 1_555 B C 9  N3 ? ? A G 16 B C 32 1_555 ? ? ? ? ? ? WATSON-CRICK  ? ? ? 
hydrog37 hydrog ? ? A G 16 N2 ? ? ? 1_555 B C 9  O2 ? ? A G 16 B C 32 1_555 ? ? ? ? ? ? WATSON-CRICK  ? ? ? 
hydrog38 hydrog ? ? A G 16 O6 ? ? ? 1_555 B C 9  N4 ? ? A G 16 B C 32 1_555 ? ? ? ? ? ? WATSON-CRICK  ? ? ? 
hydrog39 hydrog ? ? A G 19 N1 ? ? ? 1_555 B C 7  N3 ? ? A G 19 B C 30 1_555 ? ? ? ? ? ? WATSON-CRICK  ? ? ? 
hydrog40 hydrog ? ? A G 19 N2 ? ? ? 1_555 B C 7  O2 ? ? A G 19 B C 30 1_555 ? ? ? ? ? ? WATSON-CRICK  ? ? ? 
hydrog41 hydrog ? ? A G 19 O6 ? ? ? 1_555 B C 7  N4 ? ? A G 19 B C 30 1_555 ? ? ? ? ? ? WATSON-CRICK  ? ? ? 
hydrog42 hydrog ? ? A U 20 N3 ? ? ? 1_555 B U 6  O4 ? ? A U 20 B U 29 1_555 ? ? ? ? ? ? 'U-U MISPAIR' ? ? ? 
hydrog43 hydrog ? ? A C 21 N3 ? ? ? 1_555 B G 5  N1 ? ? A C 21 B G 28 1_555 ? ? ? ? ? ? WATSON-CRICK  ? ? ? 
hydrog44 hydrog ? ? A C 21 N4 ? ? ? 1_555 B G 5  O6 ? ? A C 21 B G 28 1_555 ? ? ? ? ? ? WATSON-CRICK  ? ? ? 
hydrog45 hydrog ? ? A C 21 O2 ? ? ? 1_555 B G 5  N2 ? ? A C 21 B G 28 1_555 ? ? ? ? ? ? WATSON-CRICK  ? ? ? 
hydrog46 hydrog ? ? A G 22 N1 ? ? ? 1_555 B C 4  N3 ? ? A G 22 B C 27 1_555 ? ? ? ? ? ? WATSON-CRICK  ? ? ? 
hydrog47 hydrog ? ? A G 22 N2 ? ? ? 1_555 B C 4  O2 ? ? A G 22 B C 27 1_555 ? ? ? ? ? ? WATSON-CRICK  ? ? ? 
hydrog48 hydrog ? ? A G 22 O6 ? ? ? 1_555 B C 4  N4 ? ? A G 22 B C 27 1_555 ? ? ? ? ? ? WATSON-CRICK  ? ? ? 
hydrog49 hydrog ? ? A C 23 N3 ? ? ? 1_555 B G 3  N1 ? ? A C 23 B G 26 1_555 ? ? ? ? ? ? WATSON-CRICK  ? ? ? 
hydrog50 hydrog ? ? A C 23 N4 ? ? ? 1_555 B G 3  O6 ? ? A C 23 B G 26 1_555 ? ? ? ? ? ? WATSON-CRICK  ? ? ? 
hydrog51 hydrog ? ? A C 23 O2 ? ? ? 1_555 B G 3  N2 ? ? A C 23 B G 26 1_555 ? ? ? ? ? ? WATSON-CRICK  ? ? ? 
# 
_struct_conn_type.id          hydrog 
_struct_conn_type.criteria    ? 
_struct_conn_type.reference   ? 
# 
loop_
_struct_site.id 
_struct_site.pdbx_evidence_code 
_struct_site.pdbx_auth_asym_id 
_struct_site.pdbx_auth_comp_id 
_struct_site.pdbx_auth_seq_id 
_struct_site.pdbx_auth_ins_code 
_struct_site.pdbx_num_residues 
_struct_site.details 
AC1 Software A 6HS 101 ? 9  'BINDING SITE FOR RESIDUE 6HS A 101' 
AC2 Software A 6HS 102 ? 14 'BINDING SITE FOR RESIDUE 6HS A 102' 
1   ?        ? ?   ?   ? ?  ?                                    
# 
loop_
_struct_site_gen.id 
_struct_site_gen.site_id 
_struct_site_gen.pdbx_num_res 
_struct_site_gen.label_comp_id 
_struct_site_gen.label_asym_id 
_struct_site_gen.label_seq_id 
_struct_site_gen.pdbx_auth_ins_code 
_struct_site_gen.auth_comp_id 
_struct_site_gen.auth_asym_id 
_struct_site_gen.auth_seq_id 
_struct_site_gen.label_atom_id 
_struct_site_gen.label_alt_id 
_struct_site_gen.symmetry 
_struct_site_gen.details 
1  AC1 9  G   A 16 ? G   A 16  . ? 1_555 ? 
2  AC1 9  A   A 18 ? A   A 18  . ? 1_555 ? 
3  AC1 9  G   A 19 ? G   A 19  . ? 1_555 ? 
4  AC1 9  U   A 20 ? U   A 20  . ? 1_555 ? 
5  AC1 9  C   B 4  ? C   B 27  . ? 1_555 ? 
6  AC1 9  G   B 5  ? G   B 28  . ? 1_555 ? 
7  AC1 9  U   B 6  ? U   B 29  . ? 1_555 ? 
8  AC1 9  C   B 7  ? C   B 30  . ? 1_555 ? 
9  AC1 9  A   B 8  ? A   B 31  . ? 1_555 ? 
10 AC2 14 C   A 4  ? C   A 4   . ? 1_555 ? 
11 AC2 14 G   A 5  ? G   A 5   . ? 1_555 ? 
12 AC2 14 U   A 6  ? U   A 6   . ? 1_555 ? 
13 AC2 14 C   A 7  ? C   A 7   . ? 1_555 ? 
14 AC2 14 A   A 8  ? A   A 8   . ? 1_555 ? 
15 AC2 14 HOH E .  ? HOH A 201 . ? 1_555 ? 
16 AC2 14 HOH E .  ? HOH A 205 . ? 1_555 ? 
17 AC2 14 G   B 16 ? G   B 39  . ? 1_555 ? 
18 AC2 14 A   B 18 ? A   B 41  . ? 1_555 ? 
19 AC2 14 G   B 19 ? G   B 42  . ? 1_555 ? 
20 AC2 14 U   B 20 ? U   B 43  . ? 1_555 ? 
21 AC2 14 HOH F .  ? HOH B 201 . ? 1_555 ? 
22 AC2 14 HOH F .  ? HOH B 202 . ? 1_555 ? 
23 AC2 14 HOH F .  ? HOH B 205 . ? 1_555 ? 
# 
_pdbx_validate_close_contact.id               1 
_pdbx_validate_close_contact.PDB_model_num    1 
_pdbx_validate_close_contact.auth_atom_id_1   O2 
_pdbx_validate_close_contact.auth_asym_id_1   B 
_pdbx_validate_close_contact.auth_comp_id_1   U 
_pdbx_validate_close_contact.auth_seq_id_1    29 
_pdbx_validate_close_contact.PDB_ins_code_1   ? 
_pdbx_validate_close_contact.label_alt_id_1   ? 
_pdbx_validate_close_contact.auth_atom_id_2   O 
_pdbx_validate_close_contact.auth_asym_id_2   B 
_pdbx_validate_close_contact.auth_comp_id_2   HOH 
_pdbx_validate_close_contact.auth_seq_id_2    219 
_pdbx_validate_close_contact.PDB_ins_code_2   ? 
_pdbx_validate_close_contact.label_alt_id_2   ? 
_pdbx_validate_close_contact.dist             2.13 
# 
_struct_site_keywords.site_id   1 
_struct_site_keywords.text      'MAJOR GROOVE BINDER' 
# 
_pdbx_struct_special_symmetry.id              1 
_pdbx_struct_special_symmetry.PDB_model_num   1 
_pdbx_struct_special_symmetry.auth_asym_id    B 
_pdbx_struct_special_symmetry.auth_comp_id    HOH 
_pdbx_struct_special_symmetry.auth_seq_id     216 
_pdbx_struct_special_symmetry.PDB_ins_code    ? 
_pdbx_struct_special_symmetry.label_asym_id   F 
_pdbx_struct_special_symmetry.label_comp_id   HOH 
_pdbx_struct_special_symmetry.label_seq_id    . 
# 
loop_
_pdbx_unobs_or_zero_occ_residues.id 
_pdbx_unobs_or_zero_occ_residues.PDB_model_num 
_pdbx_unobs_or_zero_occ_residues.polymer_flag 
_pdbx_unobs_or_zero_occ_residues.occupancy_flag 
_pdbx_unobs_or_zero_occ_residues.auth_asym_id 
_pdbx_unobs_or_zero_occ_residues.auth_comp_id 
_pdbx_unobs_or_zero_occ_residues.auth_seq_id 
_pdbx_unobs_or_zero_occ_residues.PDB_ins_code 
_pdbx_unobs_or_zero_occ_residues.label_asym_id 
_pdbx_unobs_or_zero_occ_residues.label_comp_id 
_pdbx_unobs_or_zero_occ_residues.label_seq_id 
1 1 Y 1 A U 1  ? A U 1 
2 1 Y 1 B U 24 ? B U 1 
# 
loop_
_chem_comp_atom.comp_id 
_chem_comp_atom.atom_id 
_chem_comp_atom.type_symbol 
_chem_comp_atom.pdbx_aromatic_flag 
_chem_comp_atom.pdbx_stereo_config 
_chem_comp_atom.pdbx_ordinal 
6HS C11    C N S 1   
6HS C12    C N R 2   
6HS C13    C N R 3   
6HS C21    C N R 4   
6HS C22    C N N 5   
6HS C23    C N R 6   
6HS C31    C N N 7   
6HS C32    C N S 8   
6HS C33    C N R 9   
6HS C41    C N N 10  
6HS C42    C N R 11  
6HS C43    C N R 12  
6HS C51    C N N 13  
6HS C52    C N S 14  
6HS C53    C N N 15  
6HS C61    C N N 16  
6HS C62    C N S 17  
6HS C83    C N N 18  
6HS C93    C N N 19  
6HS N12    N N N 20  
6HS N21    N N N 21  
6HS N32    N N N 22  
6HS N33    N N N 23  
6HS O61    O N N 24  
6HS O11    O N N 25  
6HS O23    O N N 26  
6HS O43    O N N 27  
6HS O51    O N N 28  
6HS O52    O N N 29  
6HS O53    O N N 30  
6HS O62    O N N 31  
6HS H1     H N N 32  
6HS H2     H N N 33  
6HS H3     H N N 34  
6HS H4     H N N 35  
6HS H5     H N N 36  
6HS H6     H N N 37  
6HS H7     H N N 38  
6HS H8     H N N 39  
6HS H9     H N N 40  
6HS H10    H N N 41  
6HS H11    H N N 42  
6HS H12    H N N 43  
6HS H13    H N N 44  
6HS H14    H N N 45  
6HS H15    H N N 46  
6HS H16    H N N 47  
6HS H17    H N N 48  
6HS H18    H N N 49  
6HS H19    H N N 50  
6HS H20    H N N 51  
6HS H21    H N N 52  
6HS H22    H N N 53  
6HS H23    H N N 54  
6HS H24    H N N 55  
6HS H25    H N N 56  
6HS H26    H N N 57  
6HS H27    H N N 58  
6HS H29    H N N 59  
6HS H30    H N N 60  
6HS H32    H N N 61  
6HS H33    H N N 62  
6HS H35    H N N 63  
6HS H37    H N N 64  
6HS H38    H N N 65  
6HS H39    H N N 66  
6HS H40    H N N 67  
A   OP3    O N N 68  
A   P      P N N 69  
A   OP1    O N N 70  
A   OP2    O N N 71  
A   "O5'"  O N N 72  
A   "C5'"  C N N 73  
A   "C4'"  C N R 74  
A   "O4'"  O N N 75  
A   "C3'"  C N S 76  
A   "O3'"  O N N 77  
A   "C2'"  C N R 78  
A   "O2'"  O N N 79  
A   "C1'"  C N R 80  
A   N9     N Y N 81  
A   C8     C Y N 82  
A   N7     N Y N 83  
A   C5     C Y N 84  
A   C6     C Y N 85  
A   N6     N N N 86  
A   N1     N Y N 87  
A   C2     C Y N 88  
A   N3     N Y N 89  
A   C4     C Y N 90  
A   HOP3   H N N 91  
A   HOP2   H N N 92  
A   "H5'"  H N N 93  
A   "H5''" H N N 94  
A   "H4'"  H N N 95  
A   "H3'"  H N N 96  
A   "HO3'" H N N 97  
A   "H2'"  H N N 98  
A   "HO2'" H N N 99  
A   "H1'"  H N N 100 
A   H8     H N N 101 
A   H61    H N N 102 
A   H62    H N N 103 
A   H2     H N N 104 
C   OP3    O N N 105 
C   P      P N N 106 
C   OP1    O N N 107 
C   OP2    O N N 108 
C   "O5'"  O N N 109 
C   "C5'"  C N N 110 
C   "C4'"  C N R 111 
C   "O4'"  O N N 112 
C   "C3'"  C N S 113 
C   "O3'"  O N N 114 
C   "C2'"  C N R 115 
C   "O2'"  O N N 116 
C   "C1'"  C N R 117 
C   N1     N N N 118 
C   C2     C N N 119 
C   O2     O N N 120 
C   N3     N N N 121 
C   C4     C N N 122 
C   N4     N N N 123 
C   C5     C N N 124 
C   C6     C N N 125 
C   HOP3   H N N 126 
C   HOP2   H N N 127 
C   "H5'"  H N N 128 
C   "H5''" H N N 129 
C   "H4'"  H N N 130 
C   "H3'"  H N N 131 
C   "HO3'" H N N 132 
C   "H2'"  H N N 133 
C   "HO2'" H N N 134 
C   "H1'"  H N N 135 
C   H41    H N N 136 
C   H42    H N N 137 
C   H5     H N N 138 
C   H6     H N N 139 
G   OP3    O N N 140 
G   P      P N N 141 
G   OP1    O N N 142 
G   OP2    O N N 143 
G   "O5'"  O N N 144 
G   "C5'"  C N N 145 
G   "C4'"  C N R 146 
G   "O4'"  O N N 147 
G   "C3'"  C N S 148 
G   "O3'"  O N N 149 
G   "C2'"  C N R 150 
G   "O2'"  O N N 151 
G   "C1'"  C N R 152 
G   N9     N Y N 153 
G   C8     C Y N 154 
G   N7     N Y N 155 
G   C5     C Y N 156 
G   C6     C N N 157 
G   O6     O N N 158 
G   N1     N N N 159 
G   C2     C N N 160 
G   N2     N N N 161 
G   N3     N N N 162 
G   C4     C Y N 163 
G   HOP3   H N N 164 
G   HOP2   H N N 165 
G   "H5'"  H N N 166 
G   "H5''" H N N 167 
G   "H4'"  H N N 168 
G   "H3'"  H N N 169 
G   "HO3'" H N N 170 
G   "H2'"  H N N 171 
G   "HO2'" H N N 172 
G   "H1'"  H N N 173 
G   H8     H N N 174 
G   H1     H N N 175 
G   H21    H N N 176 
G   H22    H N N 177 
HOH O      O N N 178 
HOH H1     H N N 179 
HOH H2     H N N 180 
U   OP3    O N N 181 
U   P      P N N 182 
U   OP1    O N N 183 
U   OP2    O N N 184 
U   "O5'"  O N N 185 
U   "C5'"  C N N 186 
U   "C4'"  C N R 187 
U   "O4'"  O N N 188 
U   "C3'"  C N S 189 
U   "O3'"  O N N 190 
U   "C2'"  C N R 191 
U   "O2'"  O N N 192 
U   "C1'"  C N R 193 
U   N1     N N N 194 
U   C2     C N N 195 
U   O2     O N N 196 
U   N3     N N N 197 
U   C4     C N N 198 
U   O4     O N N 199 
U   C5     C N N 200 
U   C6     C N N 201 
U   HOP3   H N N 202 
U   HOP2   H N N 203 
U   "H5'"  H N N 204 
U   "H5''" H N N 205 
U   "H4'"  H N N 206 
U   "H3'"  H N N 207 
U   "HO3'" H N N 208 
U   "H2'"  H N N 209 
U   "HO2'" H N N 210 
U   "H1'"  H N N 211 
U   H3     H N N 212 
U   H5     H N N 213 
U   H6     H N N 214 
# 
loop_
_chem_comp_bond.comp_id 
_chem_comp_bond.atom_id_1 
_chem_comp_bond.atom_id_2 
_chem_comp_bond.value_order 
_chem_comp_bond.pdbx_aromatic_flag 
_chem_comp_bond.pdbx_stereo_config 
_chem_comp_bond.pdbx_ordinal 
6HS N21   C21    sing N N 1   
6HS C21   C31    sing N N 2   
6HS C21   C11    sing N N 3   
6HS C31   C41    sing N N 4   
6HS C83   C43    sing N N 5   
6HS C11   O51    sing N N 6   
6HS C11   O11    sing N N 7   
6HS C41   C51    doub N N 8   
6HS O51   C51    sing N N 9   
6HS C53   C43    sing N N 10  
6HS C53   O53    sing N N 11  
6HS C51   C61    sing N N 12  
6HS O52   C52    sing N N 13  
6HS O43   C43    sing N N 14  
6HS C43   C33    sing N N 15  
6HS C61   O61    sing N N 16  
6HS O11   C42    sing N N 17  
6HS O53   C13    sing N N 18  
6HS C52   C42    sing N N 19  
6HS C52   C62    sing N N 20  
6HS C42   C32    sing N N 21  
6HS C33   N33    sing N N 22  
6HS C33   C23    sing N N 23  
6HS C13   O62    sing N N 24  
6HS C13   C23    sing N N 25  
6HS N33   C93    sing N N 26  
6HS O62   C62    sing N N 27  
6HS C62   C12    sing N N 28  
6HS C23   O23    sing N N 29  
6HS C32   N32    sing N N 30  
6HS C32   C22    sing N N 31  
6HS C12   C22    sing N N 32  
6HS C12   N12    sing N N 33  
6HS C11   H1     sing N N 34  
6HS C12   H2     sing N N 35  
6HS C13   H3     sing N N 36  
6HS C21   H4     sing N N 37  
6HS C22   H5     sing N N 38  
6HS C22   H6     sing N N 39  
6HS C23   H7     sing N N 40  
6HS C31   H8     sing N N 41  
6HS C31   H9     sing N N 42  
6HS C32   H10    sing N N 43  
6HS C33   H11    sing N N 44  
6HS C41   H12    sing N N 45  
6HS C42   H13    sing N N 46  
6HS C52   H14    sing N N 47  
6HS C53   H15    sing N N 48  
6HS C53   H16    sing N N 49  
6HS C61   H17    sing N N 50  
6HS C61   H18    sing N N 51  
6HS C62   H19    sing N N 52  
6HS C83   H20    sing N N 53  
6HS C83   H21    sing N N 54  
6HS C83   H22    sing N N 55  
6HS C93   H23    sing N N 56  
6HS C93   H24    sing N N 57  
6HS C93   H25    sing N N 58  
6HS N12   H26    sing N N 59  
6HS N12   H27    sing N N 60  
6HS N21   H29    sing N N 61  
6HS N21   H30    sing N N 62  
6HS N32   H32    sing N N 63  
6HS N32   H33    sing N N 64  
6HS N33   H35    sing N N 65  
6HS O61   H37    sing N N 66  
6HS O23   H38    sing N N 67  
6HS O43   H39    sing N N 68  
6HS O52   H40    sing N N 69  
A   OP3   P      sing N N 70  
A   OP3   HOP3   sing N N 71  
A   P     OP1    doub N N 72  
A   P     OP2    sing N N 73  
A   P     "O5'"  sing N N 74  
A   OP2   HOP2   sing N N 75  
A   "O5'" "C5'"  sing N N 76  
A   "C5'" "C4'"  sing N N 77  
A   "C5'" "H5'"  sing N N 78  
A   "C5'" "H5''" sing N N 79  
A   "C4'" "O4'"  sing N N 80  
A   "C4'" "C3'"  sing N N 81  
A   "C4'" "H4'"  sing N N 82  
A   "O4'" "C1'"  sing N N 83  
A   "C3'" "O3'"  sing N N 84  
A   "C3'" "C2'"  sing N N 85  
A   "C3'" "H3'"  sing N N 86  
A   "O3'" "HO3'" sing N N 87  
A   "C2'" "O2'"  sing N N 88  
A   "C2'" "C1'"  sing N N 89  
A   "C2'" "H2'"  sing N N 90  
A   "O2'" "HO2'" sing N N 91  
A   "C1'" N9     sing N N 92  
A   "C1'" "H1'"  sing N N 93  
A   N9    C8     sing Y N 94  
A   N9    C4     sing Y N 95  
A   C8    N7     doub Y N 96  
A   C8    H8     sing N N 97  
A   N7    C5     sing Y N 98  
A   C5    C6     sing Y N 99  
A   C5    C4     doub Y N 100 
A   C6    N6     sing N N 101 
A   C6    N1     doub Y N 102 
A   N6    H61    sing N N 103 
A   N6    H62    sing N N 104 
A   N1    C2     sing Y N 105 
A   C2    N3     doub Y N 106 
A   C2    H2     sing N N 107 
A   N3    C4     sing Y N 108 
C   OP3   P      sing N N 109 
C   OP3   HOP3   sing N N 110 
C   P     OP1    doub N N 111 
C   P     OP2    sing N N 112 
C   P     "O5'"  sing N N 113 
C   OP2   HOP2   sing N N 114 
C   "O5'" "C5'"  sing N N 115 
C   "C5'" "C4'"  sing N N 116 
C   "C5'" "H5'"  sing N N 117 
C   "C5'" "H5''" sing N N 118 
C   "C4'" "O4'"  sing N N 119 
C   "C4'" "C3'"  sing N N 120 
C   "C4'" "H4'"  sing N N 121 
C   "O4'" "C1'"  sing N N 122 
C   "C3'" "O3'"  sing N N 123 
C   "C3'" "C2'"  sing N N 124 
C   "C3'" "H3'"  sing N N 125 
C   "O3'" "HO3'" sing N N 126 
C   "C2'" "O2'"  sing N N 127 
C   "C2'" "C1'"  sing N N 128 
C   "C2'" "H2'"  sing N N 129 
C   "O2'" "HO2'" sing N N 130 
C   "C1'" N1     sing N N 131 
C   "C1'" "H1'"  sing N N 132 
C   N1    C2     sing N N 133 
C   N1    C6     sing N N 134 
C   C2    O2     doub N N 135 
C   C2    N3     sing N N 136 
C   N3    C4     doub N N 137 
C   C4    N4     sing N N 138 
C   C4    C5     sing N N 139 
C   N4    H41    sing N N 140 
C   N4    H42    sing N N 141 
C   C5    C6     doub N N 142 
C   C5    H5     sing N N 143 
C   C6    H6     sing N N 144 
G   OP3   P      sing N N 145 
G   OP3   HOP3   sing N N 146 
G   P     OP1    doub N N 147 
G   P     OP2    sing N N 148 
G   P     "O5'"  sing N N 149 
G   OP2   HOP2   sing N N 150 
G   "O5'" "C5'"  sing N N 151 
G   "C5'" "C4'"  sing N N 152 
G   "C5'" "H5'"  sing N N 153 
G   "C5'" "H5''" sing N N 154 
G   "C4'" "O4'"  sing N N 155 
G   "C4'" "C3'"  sing N N 156 
G   "C4'" "H4'"  sing N N 157 
G   "O4'" "C1'"  sing N N 158 
G   "C3'" "O3'"  sing N N 159 
G   "C3'" "C2'"  sing N N 160 
G   "C3'" "H3'"  sing N N 161 
G   "O3'" "HO3'" sing N N 162 
G   "C2'" "O2'"  sing N N 163 
G   "C2'" "C1'"  sing N N 164 
G   "C2'" "H2'"  sing N N 165 
G   "O2'" "HO2'" sing N N 166 
G   "C1'" N9     sing N N 167 
G   "C1'" "H1'"  sing N N 168 
G   N9    C8     sing Y N 169 
G   N9    C4     sing Y N 170 
G   C8    N7     doub Y N 171 
G   C8    H8     sing N N 172 
G   N7    C5     sing Y N 173 
G   C5    C6     sing N N 174 
G   C5    C4     doub Y N 175 
G   C6    O6     doub N N 176 
G   C6    N1     sing N N 177 
G   N1    C2     sing N N 178 
G   N1    H1     sing N N 179 
G   C2    N2     sing N N 180 
G   C2    N3     doub N N 181 
G   N2    H21    sing N N 182 
G   N2    H22    sing N N 183 
G   N3    C4     sing N N 184 
HOH O     H1     sing N N 185 
HOH O     H2     sing N N 186 
U   OP3   P      sing N N 187 
U   OP3   HOP3   sing N N 188 
U   P     OP1    doub N N 189 
U   P     OP2    sing N N 190 
U   P     "O5'"  sing N N 191 
U   OP2   HOP2   sing N N 192 
U   "O5'" "C5'"  sing N N 193 
U   "C5'" "C4'"  sing N N 194 
U   "C5'" "H5'"  sing N N 195 
U   "C5'" "H5''" sing N N 196 
U   "C4'" "O4'"  sing N N 197 
U   "C4'" "C3'"  sing N N 198 
U   "C4'" "H4'"  sing N N 199 
U   "O4'" "C1'"  sing N N 200 
U   "C3'" "O3'"  sing N N 201 
U   "C3'" "C2'"  sing N N 202 
U   "C3'" "H3'"  sing N N 203 
U   "O3'" "HO3'" sing N N 204 
U   "C2'" "O2'"  sing N N 205 
U   "C2'" "C1'"  sing N N 206 
U   "C2'" "H2'"  sing N N 207 
U   "O2'" "HO2'" sing N N 208 
U   "C1'" N1     sing N N 209 
U   "C1'" "H1'"  sing N N 210 
U   N1    C2     sing N N 211 
U   N1    C6     sing N N 212 
U   C2    O2     doub N N 213 
U   C2    N3     sing N N 214 
U   N3    C4     sing N N 215 
U   N3    H3     sing N N 216 
U   C4    O4     doub N N 217 
U   C4    C5     sing N N 218 
U   C5    C6     doub N N 219 
U   C5    H5     sing N N 220 
U   C6    H6     sing N N 221 
# 
loop_
_ndb_struct_conf_na.entry_id 
_ndb_struct_conf_na.feature 
4GPY 'double helix'         
4GPY 'a-form double helix'  
4GPY 'mismatched base pair' 
4GPY 'internal loop'        
# 
loop_
_ndb_struct_na_base_pair.model_number 
_ndb_struct_na_base_pair.i_label_asym_id 
_ndb_struct_na_base_pair.i_label_comp_id 
_ndb_struct_na_base_pair.i_label_seq_id 
_ndb_struct_na_base_pair.i_symmetry 
_ndb_struct_na_base_pair.j_label_asym_id 
_ndb_struct_na_base_pair.j_label_comp_id 
_ndb_struct_na_base_pair.j_label_seq_id 
_ndb_struct_na_base_pair.j_symmetry 
_ndb_struct_na_base_pair.shear 
_ndb_struct_na_base_pair.stretch 
_ndb_struct_na_base_pair.stagger 
_ndb_struct_na_base_pair.buckle 
_ndb_struct_na_base_pair.propeller 
_ndb_struct_na_base_pair.opening 
_ndb_struct_na_base_pair.pair_number 
_ndb_struct_na_base_pair.pair_name 
_ndb_struct_na_base_pair.i_auth_asym_id 
_ndb_struct_na_base_pair.i_auth_seq_id 
_ndb_struct_na_base_pair.i_PDB_ins_code 
_ndb_struct_na_base_pair.j_auth_asym_id 
_ndb_struct_na_base_pair.j_auth_seq_id 
_ndb_struct_na_base_pair.j_PDB_ins_code 
_ndb_struct_na_base_pair.hbond_type_28 
_ndb_struct_na_base_pair.hbond_type_12 
1 A G 3  1_555 B C 23 1_555 -0.175 0.076  -0.207 -8.616  -2.882  -1.600 1  A_G3:C46_B  A 3  ? B 46 ? 19 1 
1 A C 4  1_555 B G 22 1_555 0.222  -0.141 -0.224 11.056  -8.403  -1.982 2  A_C4:G45_B  A 4  ? B 45 ? 19 1 
1 A G 5  1_555 B C 21 1_555 -0.128 -0.295 -0.536 -4.276  -13.352 2.410  3  A_G5:C44_B  A 5  ? B 44 ? 19 1 
1 A U 6  1_555 B U 20 1_555 -2.252 -1.489 -0.299 15.637  -3.536  -4.354 4  A_U6:U43_B  A 6  ? B 43 ? ?  ? 
1 A C 7  1_555 B G 19 1_555 0.174  -0.289 -0.146 -1.906  -0.096  1.845  5  A_C7:G42_B  A 7  ? B 42 ? 19 1 
1 A C 9  1_555 B G 16 1_555 0.218  -0.068 -0.415 18.044  -20.502 3.195  6  A_C9:G39_B  A 9  ? B 39 ? 19 1 
1 A G 10 1_555 B C 15 1_555 0.161  -0.207 -0.010 -2.333  -26.495 3.435  7  A_G10:C38_B A 10 ? B 38 ? 19 1 
1 A C 11 1_555 B G 14 1_555 -0.085 -0.040 0.359  -2.949  -14.166 0.663  8  A_C11:G37_B A 11 ? B 37 ? 19 1 
1 A C 12 1_555 B G 13 1_555 0.930  -0.226 0.282  -0.943  -5.133  2.384  9  A_C12:G36_B A 12 ? B 36 ? 19 1 
1 A G 13 1_555 B C 12 1_555 -0.063 -0.158 0.032  -2.318  -11.046 5.175  10 A_G13:C35_B A 13 ? B 35 ? 19 1 
1 A G 14 1_555 B C 11 1_555 0.106  -0.288 0.137  2.158   -12.408 1.425  11 A_G14:C34_B A 14 ? B 34 ? 19 1 
1 A C 15 1_555 B G 10 1_555 0.581  -0.040 0.364  0.646   -16.217 8.274  12 A_C15:G33_B A 15 ? B 33 ? 19 1 
1 A G 16 1_555 B C 9  1_555 0.275  -0.016 -0.117 -12.816 -21.008 4.104  13 A_G16:C32_B A 16 ? B 32 ? 19 1 
1 A G 19 1_555 B C 7  1_555 0.196  -0.140 -0.162 2.249   13.539  -0.685 14 A_G19:C30_B A 19 ? B 30 ? 19 1 
1 A U 20 1_555 B U 6  1_555 1.825  -1.499 -0.546 4.759   -10.726 -6.471 15 A_U20:U29_B A 20 ? B 29 ? ?  ? 
1 A C 21 1_555 B G 5  1_555 0.763  -0.444 0.127  3.988   -9.709  2.740  16 A_C21:G28_B A 21 ? B 28 ? 19 1 
1 A G 22 1_555 B C 4  1_555 -0.463 -0.505 -0.149 -2.474  -10.379 -3.536 17 A_G22:C27_B A 22 ? B 27 ? 19 1 
1 A C 23 1_555 B G 3  1_555 0.784  -0.453 0.219  2.254   -2.288  -6.449 18 A_C23:G26_B A 23 ? B 26 ? 19 1 
# 
loop_
_ndb_struct_na_base_pair_step.model_number 
_ndb_struct_na_base_pair_step.i_label_asym_id_1 
_ndb_struct_na_base_pair_step.i_label_comp_id_1 
_ndb_struct_na_base_pair_step.i_label_seq_id_1 
_ndb_struct_na_base_pair_step.i_symmetry_1 
_ndb_struct_na_base_pair_step.j_label_asym_id_1 
_ndb_struct_na_base_pair_step.j_label_comp_id_1 
_ndb_struct_na_base_pair_step.j_label_seq_id_1 
_ndb_struct_na_base_pair_step.j_symmetry_1 
_ndb_struct_na_base_pair_step.i_label_asym_id_2 
_ndb_struct_na_base_pair_step.i_label_comp_id_2 
_ndb_struct_na_base_pair_step.i_label_seq_id_2 
_ndb_struct_na_base_pair_step.i_symmetry_2 
_ndb_struct_na_base_pair_step.j_label_asym_id_2 
_ndb_struct_na_base_pair_step.j_label_comp_id_2 
_ndb_struct_na_base_pair_step.j_label_seq_id_2 
_ndb_struct_na_base_pair_step.j_symmetry_2 
_ndb_struct_na_base_pair_step.shift 
_ndb_struct_na_base_pair_step.slide 
_ndb_struct_na_base_pair_step.rise 
_ndb_struct_na_base_pair_step.tilt 
_ndb_struct_na_base_pair_step.roll 
_ndb_struct_na_base_pair_step.twist 
_ndb_struct_na_base_pair_step.x_displacement 
_ndb_struct_na_base_pair_step.y_displacement 
_ndb_struct_na_base_pair_step.helical_rise 
_ndb_struct_na_base_pair_step.inclination 
_ndb_struct_na_base_pair_step.tip 
_ndb_struct_na_base_pair_step.helical_twist 
_ndb_struct_na_base_pair_step.step_number 
_ndb_struct_na_base_pair_step.step_name 
_ndb_struct_na_base_pair_step.i_auth_asym_id_1 
_ndb_struct_na_base_pair_step.i_auth_seq_id_1 
_ndb_struct_na_base_pair_step.i_PDB_ins_code_1 
_ndb_struct_na_base_pair_step.j_auth_asym_id_1 
_ndb_struct_na_base_pair_step.j_auth_seq_id_1 
_ndb_struct_na_base_pair_step.j_PDB_ins_code_1 
_ndb_struct_na_base_pair_step.i_auth_asym_id_2 
_ndb_struct_na_base_pair_step.i_auth_seq_id_2 
_ndb_struct_na_base_pair_step.i_PDB_ins_code_2 
_ndb_struct_na_base_pair_step.j_auth_asym_id_2 
_ndb_struct_na_base_pair_step.j_auth_seq_id_2 
_ndb_struct_na_base_pair_step.j_PDB_ins_code_2 
1 A G 3  1_555 B C 23 1_555 A C 4  1_555 B G 22 1_555 -0.566 -1.091 2.924 -2.305 -0.364 33.292 -1.846 0.642  2.967 -0.634 4.018  
33.371 1  AA_G3C4:G45C46_BB   A 3  ? B 46 ? A 4  ? B 45 ? 
1 A C 4  1_555 B G 22 1_555 A G 5  1_555 B C 21 1_555 0.672  -1.844 3.696 1.249  11.239 30.475 -5.349 -0.974 2.877 20.515 -2.279 
32.459 2  AA_C4G5:C44G45_BB   A 4  ? B 45 ? A 5  ? B 44 ? 
1 A G 5  1_555 B C 21 1_555 A U 6  1_555 B U 20 1_555 -0.431 -1.860 2.637 -3.922 -1.367 23.945 -4.060 -0.005 2.771 -3.264 9.363  
24.298 3  AA_G5U6:U43C44_BB   A 5  ? B 44 ? A 6  ? B 43 ? 
1 A U 6  1_555 B U 20 1_555 A C 7  1_555 B G 19 1_555 1.019  -2.278 3.874 -1.398 5.911  40.961 -3.938 -1.611 3.491 8.391  1.984  
41.390 4  AA_U6C7:G42U43_BB   A 6  ? B 43 ? A 7  ? B 42 ? 
1 A C 7  1_555 B G 19 1_555 A C 9  1_555 B G 16 1_555 0.473  -3.215 6.430 -9.589 9.658  74.646 -3.173 -0.935 5.952 7.901  7.845  
75.698 5  AA_C7C9:G39G42_BB   A 7  ? B 42 ? A 9  ? B 39 ? 
1 A C 9  1_555 B G 16 1_555 A G 10 1_555 B C 15 1_555 -0.383 -1.581 3.669 -5.859 19.247 32.028 -4.971 -0.175 2.406 31.323 9.535  
37.682 6  AA_C9G10:C38G39_BB  A 9  ? B 39 ? A 10 ? B 38 ? 
1 A G 10 1_555 B C 15 1_555 A C 11 1_555 B G 14 1_555 -0.486 -1.191 3.173 -5.545 3.938  33.708 -2.608 -0.011 3.058 6.706  9.442  
34.368 7  AA_G10C11:G37C38_BB A 10 ? B 38 ? A 11 ? B 37 ? 
1 A C 11 1_555 B G 14 1_555 A C 12 1_555 B G 13 1_555 0.052  -1.644 3.171 -0.154 0.348  36.233 -2.690 -0.105 3.155 0.560  0.248  
36.235 8  AA_C11C12:G36G37_BB A 11 ? B 37 ? A 12 ? B 36 ? 
1 A C 12 1_555 B G 13 1_555 A G 13 1_555 B C 12 1_555 -0.192 -1.938 3.195 2.426  5.684  24.438 -5.955 1.085  2.651 13.161 -5.617 
25.195 9  AA_C12G13:C35G36_BB A 12 ? B 36 ? A 13 ? B 35 ? 
1 A G 13 1_555 B C 12 1_555 A G 14 1_555 B C 11 1_555 -0.252 -1.501 3.048 -1.646 6.136  33.939 -3.381 0.197  2.752 10.399 2.790  
34.511 10 AA_G13G14:C34C35_BB A 13 ? B 35 ? A 14 ? B 34 ? 
1 A G 14 1_555 B C 11 1_555 A C 15 1_555 B G 10 1_555 0.615  -1.273 3.226 0.530  5.331  34.564 -2.889 -0.947 3.011 8.905  -0.886 
34.965 11 AA_G14C15:G33C34_BB A 14 ? B 34 ? A 15 ? B 33 ? 
1 A C 15 1_555 B G 10 1_555 A G 16 1_555 B C 9  1_555 0.012  -1.497 3.469 4.583  11.625 33.413 -4.120 0.639  2.788 19.397 -7.647 
35.611 12 AA_C15G16:C32G33_BB A 15 ? B 33 ? A 16 ? B 32 ? 
1 A G 16 1_555 B C 9  1_555 A G 19 1_555 B C 7  1_555 -1.206 -3.588 6.270 11.692 16.250 72.889 -3.831 1.629  5.275 13.432 -9.665 
75.219 13 AA_G16G19:C30C32_BB A 16 ? B 32 ? A 19 ? B 30 ? 
1 A G 19 1_555 B C 7  1_555 A U 20 1_555 B U 6  1_555 -0.929 -2.358 3.438 4.692  0.028  39.221 -3.494 1.947  3.308 0.042  -6.959 
39.490 14 AA_G19U20:U29C30_BB A 19 ? B 30 ? A 20 ? B 29 ? 
1 A U 20 1_555 B U 6  1_555 A C 21 1_555 B G 5  1_555 0.603  -1.799 3.226 -1.825 4.676  30.534 -4.223 -1.462 2.885 8.805  3.437  
30.935 15 AA_U20C21:G28U29_BB A 20 ? B 29 ? A 21 ? B 28 ? 
1 A C 21 1_555 B G 5  1_555 A G 22 1_555 B C 4  1_555 -0.644 -2.037 3.384 2.198  6.752  23.658 -6.703 2.139  2.640 16.013 -5.213 
24.686 16 AA_C21G22:C27G28_BB A 21 ? B 28 ? A 22 ? B 27 ? 
1 A G 22 1_555 B C 4  1_555 A C 23 1_555 B G 3  1_555 0.483  -1.587 3.243 -0.508 0.253  40.796 -2.304 -0.748 3.227 0.363  0.729  
40.800 17 AA_G22C23:G26C27_BB A 22 ? B 27 ? A 23 ? B 26 ? 
# 
_atom_sites.entry_id                    4GPY 
_atom_sites.fract_transf_matrix[1][1]   -0.02748653 
_atom_sites.fract_transf_matrix[1][2]   -0.00934719 
_atom_sites.fract_transf_matrix[1][3]   -0.00595588 
_atom_sites.fract_transf_matrix[2][1]   -0.00375865 
_atom_sites.fract_transf_matrix[2][2]   0.01118759 
_atom_sites.fract_transf_matrix[2][3]   -0.00021159 
_atom_sites.fract_transf_matrix[3][1]   0.00410558 
_atom_sites.fract_transf_matrix[3][2]   0.00099156 
_atom_sites.fract_transf_matrix[3][3]   -0.02050350 
_atom_sites.fract_transf_vector[1]      0.154460 
_atom_sites.fract_transf_vector[2]      0.124010 
_atom_sites.fract_transf_vector[3]      0.485402 
# 
loop_
_atom_type.symbol 
C 
N 
O 
P 
# 
loop_
_atom_site.group_PDB 
_atom_site.id 
_atom_site.type_symbol 
_atom_site.label_atom_id 
_atom_site.label_alt_id 
_atom_site.label_comp_id 
_atom_site.label_asym_id 
_atom_site.label_entity_id 
_atom_site.label_seq_id 
_atom_site.pdbx_PDB_ins_code 
_atom_site.Cartn_x 
_atom_site.Cartn_y 
_atom_site.Cartn_z 
_atom_site.occupancy 
_atom_site.B_iso_or_equiv 
_atom_site.pdbx_formal_charge 
_atom_site.auth_seq_id 
_atom_site.auth_comp_id 
_atom_site.auth_asym_id 
_atom_site.auth_atom_id 
_atom_site.pdbx_PDB_model_num 
ATOM   1    P P     . U   A 1 2  ? -19.404 -17.459 21.683  1.00 101.24 ? 2   U   A P     1 
ATOM   2    O OP1   . U   A 1 2  ? -19.401 -18.784 22.431  1.00 98.74  ? 2   U   A OP1   1 
ATOM   3    O OP2   . U   A 1 2  ? -19.802 -17.578 20.218  1.00 100.30 ? 2   U   A OP2   1 
ATOM   4    O "O5'" . U   A 1 2  ? -17.861 -16.942 21.672  1.00 99.13  ? 2   U   A "O5'" 1 
ATOM   5    C "C5'" . U   A 1 2  ? -17.336 -16.166 22.762  1.00 95.54  ? 2   U   A "C5'" 1 
ATOM   6    C "C4'" . U   A 1 2  ? -16.407 -15.111 22.230  1.00 93.00  ? 2   U   A "C4'" 1 
ATOM   7    O "O4'" . U   A 1 2  ? -15.885 -14.313 23.302  1.00 95.14  ? 2   U   A "O4'" 1 
ATOM   8    C "C3'" . U   A 1 2  ? -15.169 -15.621 21.502  1.00 91.08  ? 2   U   A "C3'" 1 
ATOM   9    O "O3'" . U   A 1 2  ? -15.443 -15.653 20.110  1.00 83.73  ? 2   U   A "O3'" 1 
ATOM   10   C "C2'" . U   A 1 2  ? -14.081 -14.577 21.802  1.00 94.18  ? 2   U   A "C2'" 1 
ATOM   11   O "O2'" . U   A 1 2  ? -13.690 -13.855 20.647  1.00 94.76  ? 2   U   A "O2'" 1 
ATOM   12   C "C1'" . U   A 1 2  ? -14.752 -13.641 22.814  1.00 96.62  ? 2   U   A "C1'" 1 
ATOM   13   N N1    . U   A 1 2  ? -13.915 -13.239 23.954  1.00 98.37  ? 2   U   A N1    1 
ATOM   14   C C2    . U   A 1 2  ? -12.816 -12.435 23.698  1.00 98.61  ? 2   U   A C2    1 
ATOM   15   O O2    . U   A 1 2  ? -12.490 -12.086 22.575  1.00 97.69  ? 2   U   A O2    1 
ATOM   16   N N3    . U   A 1 2  ? -12.109 -12.054 24.810  1.00 100.27 ? 2   U   A N3    1 
ATOM   17   C C4    . U   A 1 2  ? -12.376 -12.391 26.119  1.00 101.42 ? 2   U   A C4    1 
ATOM   18   O O4    . U   A 1 2  ? -11.667 -11.934 27.016  1.00 103.49 ? 2   U   A O4    1 
ATOM   19   C C5    . U   A 1 2  ? -13.514 -13.242 26.297  1.00 101.13 ? 2   U   A C5    1 
ATOM   20   C C6    . U   A 1 2  ? -14.225 -13.630 25.236  1.00 99.13  ? 2   U   A C6    1 
ATOM   21   P P     . G   A 1 3  ? -14.514 -16.518 19.125  1.00 77.34  ? 3   G   A P     1 
ATOM   22   O OP1   . G   A 1 3  ? -14.680 -17.959 19.439  1.00 78.00  ? 3   G   A OP1   1 
ATOM   23   O OP2   . G   A 1 3  ? -13.156 -15.915 19.126  1.00 77.52  ? 3   G   A OP2   1 
ATOM   24   O "O5'" . G   A 1 3  ? -15.175 -16.243 17.707  1.00 69.78  ? 3   G   A "O5'" 1 
ATOM   25   C "C5'" . G   A 1 3  ? -15.388 -14.909 17.251  1.00 58.54  ? 3   G   A "C5'" 1 
ATOM   26   C "C4'" . G   A 1 3  ? -16.813 -14.737 16.774  1.00 48.61  ? 3   G   A "C4'" 1 
ATOM   27   O "O4'" . G   A 1 3  ? -17.666 -14.284 17.863  1.00 45.79  ? 3   G   A "O4'" 1 
ATOM   28   C "C3'" . G   A 1 3  ? -16.973 -13.700 15.681  1.00 43.21  ? 3   G   A "C3'" 1 
ATOM   29   O "O3'" . G   A 1 3  ? -16.840 -14.383 14.451  1.00 39.38  ? 3   G   A "O3'" 1 
ATOM   30   C "C2'" . G   A 1 3  ? -18.393 -13.192 15.902  1.00 41.88  ? 3   G   A "C2'" 1 
ATOM   31   O "O2'" . G   A 1 3  ? -19.363 -14.074 15.389  1.00 37.95  ? 3   G   A "O2'" 1 
ATOM   32   C "C1'" . G   A 1 3  ? -18.483 -13.207 17.426  1.00 43.57  ? 3   G   A "C1'" 1 
ATOM   33   N N9    . G   A 1 3  ? -18.041 -11.987 18.113  1.00 44.77  ? 3   G   A N9    1 
ATOM   34   C C8    . G   A 1 3  ? -17.021 -11.895 19.030  1.00 43.39  ? 3   G   A C8    1 
ATOM   35   N N7    . G   A 1 3  ? -16.875 -10.692 19.517  1.00 39.61  ? 3   G   A N7    1 
ATOM   36   C C5    . G   A 1 3  ? -17.846 -9.937  18.880  1.00 38.35  ? 3   G   A C5    1 
ATOM   37   C C6    . G   A 1 3  ? -18.170 -8.558  19.011  1.00 38.29  ? 3   G   A C6    1 
ATOM   38   O O6    . G   A 1 3  ? -17.637 -7.709  19.738  1.00 37.84  ? 3   G   A O6    1 
ATOM   39   N N1    . G   A 1 3  ? -19.228 -8.197  18.181  1.00 36.62  ? 3   G   A N1    1 
ATOM   40   C C2    . G   A 1 3  ? -19.884 -9.047  17.328  1.00 36.82  ? 3   G   A C2    1 
ATOM   41   N N2    . G   A 1 3  ? -20.868 -8.508  16.598  1.00 31.50  ? 3   G   A N2    1 
ATOM   42   N N3    . G   A 1 3  ? -19.594 -10.338 17.199  1.00 41.10  ? 3   G   A N3    1 
ATOM   43   C C4    . G   A 1 3  ? -18.574 -10.712 17.998  1.00 40.59  ? 3   G   A C4    1 
ATOM   44   P P     . C   A 1 4  ? -15.819 -13.833 13.354  1.00 40.86  ? 4   C   A P     1 
ATOM   45   O OP1   . C   A 1 4  ? -15.546 -14.920 12.375  1.00 37.47  ? 4   C   A OP1   1 
ATOM   46   O OP2   . C   A 1 4  ? -14.685 -13.163 14.057  1.00 38.79  ? 4   C   A OP2   1 
ATOM   47   O "O5'" . C   A 1 4  ? -16.683 -12.721 12.614  1.00 41.80  ? 4   C   A "O5'" 1 
ATOM   48   C "C5'" . C   A 1 4  ? -17.881 -13.066 11.927  1.00 36.32  ? 4   C   A "C5'" 1 
ATOM   49   C "C4'" . C   A 1 4  ? -18.701 -11.831 11.686  1.00 35.64  ? 4   C   A "C4'" 1 
ATOM   50   O "O4'" . C   A 1 4  ? -19.260 -11.343 12.939  1.00 35.76  ? 4   C   A "O4'" 1 
ATOM   51   C "C3'" . C   A 1 4  ? -17.911 -10.636 11.203  1.00 37.61  ? 4   C   A "C3'" 1 
ATOM   52   O "O3'" . C   A 1 4  ? -17.539 -10.717 9.845   1.00 39.25  ? 4   C   A "O3'" 1 
ATOM   53   C "C2'" . C   A 1 4  ? -18.877 -9.508  11.501  1.00 37.51  ? 4   C   A "C2'" 1 
ATOM   54   O "O2'" . C   A 1 4  ? -19.954 -9.452  10.594  1.00 38.34  ? 4   C   A "O2'" 1 
ATOM   55   C "C1'" . C   A 1 4  ? -19.348 -9.924  12.894  1.00 36.91  ? 4   C   A "C1'" 1 
ATOM   56   N N1    . C   A 1 4  ? -18.456 -9.365  13.924  1.00 38.59  ? 4   C   A N1    1 
ATOM   57   C C2    . C   A 1 4  ? -18.701 -8.064  14.376  1.00 38.70  ? 4   C   A C2    1 
ATOM   58   O O2    . C   A 1 4  ? -19.671 -7.433  13.903  1.00 38.24  ? 4   C   A O2    1 
ATOM   59   N N3    . C   A 1 4  ? -17.877 -7.523  15.306  1.00 35.24  ? 4   C   A N3    1 
ATOM   60   C C4    . C   A 1 4  ? -16.841 -8.220  15.764  1.00 28.51  ? 4   C   A C4    1 
ATOM   61   N N4    . C   A 1 4  ? -16.042 -7.628  16.651  1.00 27.26  ? 4   C   A N4    1 
ATOM   62   C C5    . C   A 1 4  ? -16.574 -9.550  15.327  1.00 29.81  ? 4   C   A C5    1 
ATOM   63   C C6    . C   A 1 4  ? -17.400 -10.081 14.421  1.00 32.37  ? 4   C   A C6    1 
ATOM   64   P P     . G   A 1 5  ? -16.199 -9.982  9.363   1.00 39.48  ? 5   G   A P     1 
ATOM   65   O OP1   . G   A 1 5  ? -15.922 -10.398 7.958   1.00 39.87  ? 5   G   A OP1   1 
ATOM   66   O OP2   . G   A 1 5  ? -15.173 -10.214 10.418  1.00 38.42  ? 5   G   A OP2   1 
ATOM   67   O "O5'" . G   A 1 5  ? -16.587 -8.438  9.393   1.00 36.15  ? 5   G   A "O5'" 1 
ATOM   68   C "C5'" . G   A 1 5  ? -17.682 -7.948  8.630   1.00 31.29  ? 5   G   A "C5'" 1 
ATOM   69   C "C4'" . G   A 1 5  ? -17.976 -6.509  8.987   1.00 29.94  ? 5   G   A "C4'" 1 
ATOM   70   O "O4'" . G   A 1 5  ? -18.426 -6.423  10.366  1.00 29.25  ? 5   G   A "O4'" 1 
ATOM   71   C "C3'" . G   A 1 5  ? -16.821 -5.526  8.921   1.00 28.32  ? 5   G   A "C3'" 1 
ATOM   72   O "O3'" . G   A 1 5  ? -16.552 -5.105  7.584   1.00 33.79  ? 5   G   A "O3'" 1 
ATOM   73   C "C2'" . G   A 1 5  ? -17.360 -4.401  9.785   1.00 28.61  ? 5   G   A "C2'" 1 
ATOM   74   O "O2'" . G   A 1 5  ? -18.364 -3.643  9.150   1.00 32.68  ? 5   G   A "O2'" 1 
ATOM   75   C "C1'" . G   A 1 5  ? -17.983 -5.199  10.930  1.00 30.66  ? 5   G   A "C1'" 1 
ATOM   76   N N9    . G   A 1 5  ? -16.989 -5.492  11.957  1.00 29.37  ? 5   G   A N9    1 
ATOM   77   C C8    . G   A 1 5  ? -16.367 -6.693  12.204  1.00 26.04  ? 5   G   A C8    1 
ATOM   78   N N7    . G   A 1 5  ? -15.473 -6.617  13.151  1.00 25.68  ? 5   G   A N7    1 
ATOM   79   C C5    . G   A 1 5  ? -15.520 -5.287  13.564  1.00 27.59  ? 5   G   A C5    1 
ATOM   80   C C6    . G   A 1 5  ? -14.762 -4.591  14.562  1.00 24.63  ? 5   G   A C6    1 
ATOM   81   O O6    . G   A 1 5  ? -13.877 -5.027  15.298  1.00 25.08  ? 5   G   A O6    1 
ATOM   82   N N1    . G   A 1 5  ? -15.129 -3.254  14.646  1.00 22.70  ? 5   G   A N1    1 
ATOM   83   C C2    . G   A 1 5  ? -16.095 -2.654  13.876  1.00 27.04  ? 5   G   A C2    1 
ATOM   84   N N2    . G   A 1 5  ? -16.312 -1.353  14.106  1.00 27.83  ? 5   G   A N2    1 
ATOM   85   N N3    . G   A 1 5  ? -16.801 -3.282  12.946  1.00 27.70  ? 5   G   A N3    1 
ATOM   86   C C4    . G   A 1 5  ? -16.462 -4.587  12.847  1.00 28.02  ? 5   G   A C4    1 
ATOM   87   P P     . U   A 1 6  ? -15.077 -4.577  7.189   1.00 38.45  ? 6   U   A P     1 
ATOM   88   O OP1   . U   A 1 6  ? -15.036 -4.383  5.724   1.00 36.88  ? 6   U   A OP1   1 
ATOM   89   O OP2   . U   A 1 6  ? -14.059 -5.453  7.835   1.00 37.47  ? 6   U   A OP2   1 
ATOM   90   O "O5'" . U   A 1 6  ? -15.015 -3.124  7.846   1.00 40.11  ? 6   U   A "O5'" 1 
ATOM   91   C "C5'" . U   A 1 6  ? -15.957 -2.123  7.463   1.00 38.42  ? 6   U   A "C5'" 1 
ATOM   92   C "C4'" . U   A 1 6  ? -15.668 -0.816  8.160   1.00 39.95  ? 6   U   A "C4'" 1 
ATOM   93   O "O4'" . U   A 1 6  ? -15.977 -0.891  9.578   1.00 42.29  ? 6   U   A "O4'" 1 
ATOM   94   C "C3'" . U   A 1 6  ? -14.238 -0.314  8.154   1.00 39.42  ? 6   U   A "C3'" 1 
ATOM   95   O "O3'" . U   A 1 6  ? -13.870 0.241   6.903   1.00 39.31  ? 6   U   A "O3'" 1 
ATOM   96   C "C2'" . U   A 1 6  ? -14.329 0.751   9.229   1.00 42.20  ? 6   U   A "C2'" 1 
ATOM   97   O "O2'" . U   A 1 6  ? -15.072 1.875   8.797   1.00 43.18  ? 6   U   A "O2'" 1 
ATOM   98   C "C1'" . U   A 1 6  ? -15.127 -0.002  10.292  1.00 41.60  ? 6   U   A "C1'" 1 
ATOM   99   N N1    . U   A 1 6  ? -14.267 -0.795  11.185  1.00 42.59  ? 6   U   A N1    1 
ATOM   100  C C2    . U   A 1 6  ? -13.699 -0.147  12.271  1.00 42.23  ? 6   U   A C2    1 
ATOM   101  O O2    . U   A 1 6  ? -13.893 1.032   12.517  1.00 42.79  ? 6   U   A O2    1 
ATOM   102  N N3    . U   A 1 6  ? -12.901 -0.930  13.062  1.00 41.24  ? 6   U   A N3    1 
ATOM   103  C C4    . U   A 1 6  ? -12.622 -2.269  12.889  1.00 43.86  ? 6   U   A C4    1 
ATOM   104  O O4    . U   A 1 6  ? -11.847 -2.832  13.671  1.00 46.99  ? 6   U   A O4    1 
ATOM   105  C C5    . U   A 1 6  ? -13.254 -2.870  11.749  1.00 43.06  ? 6   U   A C5    1 
ATOM   106  C C6    . U   A 1 6  ? -14.031 -2.130  10.955  1.00 40.44  ? 6   U   A C6    1 
ATOM   107  P P     . C   A 1 7  ? -12.342 0.142   6.412   1.00 41.57  ? 7   C   A P     1 
ATOM   108  O OP1   . C   A 1 7  ? -12.201 0.870   5.125   1.00 41.40  ? 7   C   A OP1   1 
ATOM   109  O OP2   . C   A 1 7  ? -11.956 -1.287  6.483   1.00 44.61  ? 7   C   A OP2   1 
ATOM   110  O "O5'" . C   A 1 7  ? -11.524 0.931   7.529   1.00 38.68  ? 7   C   A "O5'" 1 
ATOM   111  C "C5'" . C   A 1 7  ? -11.686 2.335   7.682   1.00 37.03  ? 7   C   A "C5'" 1 
ATOM   112  C "C4'" . C   A 1 7  ? -10.960 2.815   8.909   1.00 38.13  ? 7   C   A "C4'" 1 
ATOM   113  O "O4'" . C   A 1 7  ? -11.346 1.989   10.043  1.00 39.60  ? 7   C   A "O4'" 1 
ATOM   114  C "C3'" . C   A 1 7  ? -9.445  2.698   8.902   1.00 36.63  ? 7   C   A "C3'" 1 
ATOM   115  O "O3'" . C   A 1 7  ? -8.855  3.783   8.189   1.00 37.83  ? 7   C   A "O3'" 1 
ATOM   116  C "C2'" . C   A 1 7  ? -9.147  2.784   10.390  1.00 36.38  ? 7   C   A "C2'" 1 
ATOM   117  O "O2'" . C   A 1 7  ? -9.292  4.104   10.891  1.00 35.35  ? 7   C   A "O2'" 1 
ATOM   118  C "C1'" . C   A 1 7  ? -10.267 1.910   10.958  1.00 36.61  ? 7   C   A "C1'" 1 
ATOM   119  N N1    . C   A 1 7  ? -9.900  0.495   11.130  1.00 34.91  ? 7   C   A N1    1 
ATOM   120  C C2    . C   A 1 7  ? -8.927  0.172   12.079  1.00 31.23  ? 7   C   A C2    1 
ATOM   121  O O2    . C   A 1 7  ? -8.395  1.088   12.714  1.00 26.37  ? 7   C   A O2    1 
ATOM   122  N N3    . C   A 1 7  ? -8.599  -1.128  12.284  1.00 30.07  ? 7   C   A N3    1 
ATOM   123  C C4    . C   A 1 7  ? -9.213  -2.088  11.587  1.00 30.54  ? 7   C   A C4    1 
ATOM   124  N N4    . C   A 1 7  ? -8.886  -3.349  11.855  1.00 32.85  ? 7   C   A N4    1 
ATOM   125  C C5    . C   A 1 7  ? -10.197 -1.789  10.593  1.00 31.63  ? 7   C   A C5    1 
ATOM   126  C C6    . C   A 1 7  ? -10.507 -0.494  10.396  1.00 34.76  ? 7   C   A C6    1 
ATOM   127  P P     . A   A 1 8  ? -7.441  3.576   7.436   1.00 38.85  ? 8   A   A P     1 
ATOM   128  O OP1   . A   A 1 8  ? -7.185  4.785   6.616   1.00 43.37  ? 8   A   A OP1   1 
ATOM   129  O OP2   . A   A 1 8  ? -7.459  2.238   6.780   1.00 35.48  ? 8   A   A OP2   1 
ATOM   130  O "O5'" . A   A 1 8  ? -6.367  3.567   8.619   1.00 38.36  ? 8   A   A "O5'" 1 
ATOM   131  C "C5'" . A   A 1 8  ? -6.176  4.721   9.437   1.00 37.49  ? 8   A   A "C5'" 1 
ATOM   132  C "C4'" . A   A 1 8  ? -5.163  4.441   10.524  1.00 39.96  ? 8   A   A "C4'" 1 
ATOM   133  O "O4'" . A   A 1 8  ? -5.676  3.449   11.455  1.00 38.98  ? 8   A   A "O4'" 1 
ATOM   134  C "C3'" . A   A 1 8  ? -3.832  3.860   10.076  1.00 41.11  ? 8   A   A "C3'" 1 
ATOM   135  O "O3'" . A   A 1 8  ? -2.963  4.873   9.607   1.00 39.85  ? 8   A   A "O3'" 1 
ATOM   136  C "C2'" . A   A 1 8  ? -3.316  3.239   11.365  1.00 39.69  ? 8   A   A "C2'" 1 
ATOM   137  O "O2'" . A   A 1 8  ? -2.766  4.186   12.256  1.00 38.71  ? 8   A   A "O2'" 1 
ATOM   138  C "C1'" . A   A 1 8  ? -4.606  2.646   11.931  1.00 39.19  ? 8   A   A "C1'" 1 
ATOM   139  N N9    . A   A 1 8  ? -4.828  1.275   11.477  1.00 38.47  ? 8   A   A N9    1 
ATOM   140  C C8    . A   A 1 8  ? -5.650  0.841   10.464  1.00 38.68  ? 8   A   A C8    1 
ATOM   141  N N7    . A   A 1 8  ? -5.656  -0.464  10.310  1.00 38.48  ? 8   A   A N7    1 
ATOM   142  C C5    . A   A 1 8  ? -4.770  -0.917  11.280  1.00 37.53  ? 8   A   A C5    1 
ATOM   143  C C6    . A   A 1 8  ? -4.334  -2.204  11.640  1.00 34.47  ? 8   A   A C6    1 
ATOM   144  N N6    . A   A 1 8  ? -4.754  -3.319  11.043  1.00 31.44  ? 8   A   A N6    1 
ATOM   145  N N1    . A   A 1 8  ? -3.444  -2.307  12.653  1.00 31.83  ? 8   A   A N1    1 
ATOM   146  C C2    . A   A 1 8  ? -3.030  -1.189  13.259  1.00 29.67  ? 8   A   A C2    1 
ATOM   147  N N3    . A   A 1 8  ? -3.364  0.073   13.017  1.00 35.21  ? 8   A   A N3    1 
ATOM   148  C C4    . A   A 1 8  ? -4.249  0.144   12.003  1.00 38.46  ? 8   A   A C4    1 
ATOM   149  P P     . C   A 1 9  ? -1.912  4.529   8.452   1.00 43.35  ? 9   C   A P     1 
ATOM   150  O OP1   . C   A 1 9  ? -1.183  5.796   8.144   1.00 43.25  ? 9   C   A OP1   1 
ATOM   151  O OP2   . C   A 1 9  ? -2.632  3.799   7.362   1.00 39.73  ? 9   C   A OP2   1 
ATOM   152  O "O5'" . C   A 1 9  ? -0.889  3.533   9.159   1.00 42.26  ? 9   C   A "O5'" 1 
ATOM   153  C "C5'" . C   A 1 9  ? -0.101  3.967   10.263  1.00 41.25  ? 9   C   A "C5'" 1 
ATOM   154  C "C4'" . C   A 1 9  ? 0.718   2.820   10.810  1.00 42.27  ? 9   C   A "C4'" 1 
ATOM   155  O "O4'" . C   A 1 9  ? -0.148  1.824   11.420  1.00 41.04  ? 9   C   A "O4'" 1 
ATOM   156  C "C3'" . C   A 1 9  ? 1.532   2.042   9.791   1.00 43.22  ? 9   C   A "C3'" 1 
ATOM   157  O "O3'" . C   A 1 9  ? 2.752   2.718   9.473   1.00 43.76  ? 9   C   A "O3'" 1 
ATOM   158  C "C2'" . C   A 1 9  ? 1.734   0.708   10.504  1.00 41.65  ? 9   C   A "C2'" 1 
ATOM   159  O "O2'" . C   A 1 9  ? 2.793   0.720   11.446  1.00 39.96  ? 9   C   A "O2'" 1 
ATOM   160  C "C1'" . C   A 1 9  ? 0.380   0.526   11.200  1.00 39.97  ? 9   C   A "C1'" 1 
ATOM   161  N N1    . C   A 1 9  ? -0.598  -0.238  10.401  1.00 39.28  ? 9   C   A N1    1 
ATOM   162  C C2    . C   A 1 9  ? -0.623  -1.645  10.508  1.00 38.02  ? 9   C   A C2    1 
ATOM   163  O O2    . C   A 1 9  ? 0.153   -2.205  11.298  1.00 37.86  ? 9   C   A O2    1 
ATOM   164  N N3    . C   A 1 9  ? -1.495  -2.351  9.752   1.00 36.60  ? 9   C   A N3    1 
ATOM   165  C C4    . C   A 1 9  ? -2.328  -1.712  8.925   1.00 38.14  ? 9   C   A C4    1 
ATOM   166  N N4    . C   A 1 9  ? -3.167  -2.449  8.194   1.00 36.47  ? 9   C   A N4    1 
ATOM   167  C C5    . C   A 1 9  ? -2.335  -0.285  8.810   1.00 37.36  ? 9   C   A C5    1 
ATOM   168  C C6    . C   A 1 9  ? -1.463  0.403   9.557   1.00 36.69  ? 9   C   A C6    1 
ATOM   169  P P     . G   A 1 10 ? 3.402   2.547   8.005   1.00 46.07  ? 10  G   A P     1 
ATOM   170  O OP1   . G   A 1 10 ? 4.512   3.531   7.863   1.00 46.06  ? 10  G   A OP1   1 
ATOM   171  O OP2   . G   A 1 10 ? 2.305   2.534   7.001   1.00 43.60  ? 10  G   A OP2   1 
ATOM   172  O "O5'" . G   A 1 10 ? 4.033   1.080   8.024   1.00 44.65  ? 10  G   A "O5'" 1 
ATOM   173  C "C5'" . G   A 1 10 ? 4.976   0.689   9.025   1.00 38.34  ? 10  G   A "C5'" 1 
ATOM   174  C "C4'" . G   A 1 10 ? 5.243   -0.796  8.933   1.00 38.44  ? 10  G   A "C4'" 1 
ATOM   175  O "O4'" . G   A 1 10 ? 4.092   -1.537  9.420   1.00 34.89  ? 10  G   A "O4'" 1 
ATOM   176  C "C3'" . G   A 1 10 ? 5.465   -1.318  7.520   1.00 40.98  ? 10  G   A "C3'" 1 
ATOM   177  O "O3'" . G   A 1 10 ? 6.811   -1.156  7.094   1.00 46.37  ? 10  G   A "O3'" 1 
ATOM   178  C "C2'" . G   A 1 10 ? 5.072   -2.785  7.640   1.00 39.70  ? 10  G   A "C2'" 1 
ATOM   179  O "O2'" . G   A 1 10 ? 6.102   -3.644  8.087   1.00 39.71  ? 10  G   A "O2'" 1 
ATOM   180  C "C1'" . G   A 1 10 ? 3.916   -2.709  8.639   1.00 37.79  ? 10  G   A "C1'" 1 
ATOM   181  N N9    . G   A 1 10 ? 2.626   -2.639  7.957   1.00 38.98  ? 10  G   A N9    1 
ATOM   182  C C8    . G   A 1 10 ? 1.819   -1.533  7.765   1.00 38.29  ? 10  G   A C8    1 
ATOM   183  N N7    . G   A 1 10 ? 0.722   -1.807  7.105   1.00 37.55  ? 10  G   A N7    1 
ATOM   184  C C5    . G   A 1 10 ? 0.808   -3.175  6.851   1.00 41.27  ? 10  G   A C5    1 
ATOM   185  C C6    . G   A 1 10 ? -0.096  -4.065  6.168   1.00 39.91  ? 10  G   A C6    1 
ATOM   186  O O6    . G   A 1 10 ? -1.192  -3.812  5.650   1.00 39.79  ? 10  G   A O6    1 
ATOM   187  N N1    . G   A 1 10 ? 0.402   -5.364  6.127   1.00 37.59  ? 10  G   A N1    1 
ATOM   188  C C2    . G   A 1 10 ? 1.603   -5.771  6.671   1.00 37.63  ? 10  G   A C2    1 
ATOM   189  N N2    . G   A 1 10 ? 1.916   -7.067  6.518   1.00 34.30  ? 10  G   A N2    1 
ATOM   190  N N3    . G   A 1 10 ? 2.437   -4.969  7.316   1.00 36.32  ? 10  G   A N3    1 
ATOM   191  C C4    . G   A 1 10 ? 1.983   -3.699  7.366   1.00 39.49  ? 10  G   A C4    1 
ATOM   192  P P     . C   A 1 11 ? 7.113   -0.700  5.582   1.00 49.51  ? 11  C   A P     1 
ATOM   193  O OP1   . C   A 1 11 ? 8.451   -0.046  5.597   1.00 49.82  ? 11  C   A OP1   1 
ATOM   194  O OP2   . C   A 1 11 ? 5.928   0.053   5.084   1.00 47.49  ? 11  C   A OP2   1 
ATOM   195  O "O5'" . C   A 1 11 ? 7.200   -2.069  4.765   1.00 48.41  ? 11  C   A "O5'" 1 
ATOM   196  C "C5'" . C   A 1 11 ? 8.174   -3.061  5.083   1.00 46.35  ? 11  C   A "C5'" 1 
ATOM   197  C "C4'" . C   A 1 11 ? 7.750   -4.399  4.527   1.00 47.21  ? 11  C   A "C4'" 1 
ATOM   198  O "O4'" . C   A 1 11 ? 6.531   -4.826  5.190   1.00 48.15  ? 11  C   A "O4'" 1 
ATOM   199  C "C3'" . C   A 1 11 ? 7.369   -4.422  3.052   1.00 49.71  ? 11  C   A "C3'" 1 
ATOM   200  O "O3'" . C   A 1 11 ? 8.500   -4.497  2.189   1.00 52.11  ? 11  C   A "O3'" 1 
ATOM   201  C "C2'" . C   A 1 11 ? 6.500   -5.671  2.969   1.00 48.13  ? 11  C   A "C2'" 1 
ATOM   202  O "O2'" . C   A 1 11 ? 7.197   -6.899  2.870   1.00 48.68  ? 11  C   A "O2'" 1 
ATOM   203  C "C1'" . C   A 1 11 ? 5.726   -5.568  4.281   1.00 47.08  ? 11  C   A "C1'" 1 
ATOM   204  N N1    . C   A 1 11 ? 4.472   -4.840  4.067   1.00 45.10  ? 11  C   A N1    1 
ATOM   205  C C2    . C   A 1 11 ? 3.424   -5.493  3.408   1.00 44.22  ? 11  C   A C2    1 
ATOM   206  O O2    . C   A 1 11 ? 3.583   -6.673  3.048   1.00 42.81  ? 11  C   A O2    1 
ATOM   207  N N3    . C   A 1 11 ? 2.271   -4.826  3.175   1.00 42.62  ? 11  C   A N3    1 
ATOM   208  C C4    . C   A 1 11 ? 2.147   -3.558  3.569   1.00 41.66  ? 11  C   A C4    1 
ATOM   209  N N4    . C   A 1 11 ? 1.004   -2.932  3.290   1.00 41.12  ? 11  C   A N4    1 
ATOM   210  C C5    . C   A 1 11 ? 3.194   -2.872  4.257   1.00 42.53  ? 11  C   A C5    1 
ATOM   211  C C6    . C   A 1 11 ? 4.328   -3.545  4.484   1.00 42.74  ? 11  C   A C6    1 
ATOM   212  P P     . C   A 1 12 ? 8.394   -3.934  0.687   1.00 48.05  ? 12  C   A P     1 
ATOM   213  O OP1   . C   A 1 12 ? 9.732   -4.055  0.052   1.00 50.28  ? 12  C   A OP1   1 
ATOM   214  O OP2   . C   A 1 12 ? 7.734   -2.605  0.769   1.00 46.63  ? 12  C   A OP2   1 
ATOM   215  O "O5'" . C   A 1 12 ? 7.406   -4.949  -0.041  1.00 46.10  ? 12  C   A "O5'" 1 
ATOM   216  C "C5'" . C   A 1 12 ? 7.792   -6.293  -0.274  1.00 42.58  ? 12  C   A "C5'" 1 
ATOM   217  C "C4'" . C   A 1 12 ? 6.663   -7.051  -0.914  1.00 43.11  ? 12  C   A "C4'" 1 
ATOM   218  O "O4'" . C   A 1 12 ? 5.524   -7.056  -0.011  1.00 44.73  ? 12  C   A "O4'" 1 
ATOM   219  C "C3'" . C   A 1 12 ? 6.081   -6.458  -2.184  1.00 44.09  ? 12  C   A "C3'" 1 
ATOM   220  O "O3'" . C   A 1 12 ? 6.869   -6.747  -3.334  1.00 47.44  ? 12  C   A "O3'" 1 
ATOM   221  C "C2'" . C   A 1 12 ? 4.733   -7.158  -2.227  1.00 43.95  ? 12  C   A "C2'" 1 
ATOM   222  O "O2'" . C   A 1 12 ? 4.858   -8.528  -2.561  1.00 45.23  ? 12  C   A "O2'" 1 
ATOM   223  C "C1'" . C   A 1 12 ? 4.319   -7.036  -0.764  1.00 41.95  ? 12  C   A "C1'" 1 
ATOM   224  N N1    . C   A 1 12 ? 3.623   -5.777  -0.474  1.00 39.96  ? 12  C   A N1    1 
ATOM   225  C C2    . C   A 1 12 ? 2.285   -5.638  -0.859  1.00 38.85  ? 12  C   A C2    1 
ATOM   226  O O2    . C   A 1 12 ? 1.735   -6.577  -1.458  1.00 34.81  ? 12  C   A O2    1 
ATOM   227  N N3    . C   A 1 12 ? 1.632   -4.483  -0.573  1.00 37.65  ? 12  C   A N3    1 
ATOM   228  C C4    . C   A 1 12 ? 2.274   -3.496  0.062   1.00 39.08  ? 12  C   A C4    1 
ATOM   229  N N4    . C   A 1 12 ? 1.600   -2.383  0.337   1.00 41.20  ? 12  C   A N4    1 
ATOM   230  C C5    . C   A 1 12 ? 3.638   -3.610  0.450   1.00 39.97  ? 12  C   A C5    1 
ATOM   231  C C6    . C   A 1 12 ? 4.267   -4.757  0.166   1.00 40.98  ? 12  C   A C6    1 
ATOM   232  P P     . G   A 1 13 ? 6.742   -5.808  -4.638  1.00 48.31  ? 13  G   A P     1 
ATOM   233  O OP1   . G   A 1 13 ? 7.786   -6.207  -5.616  1.00 48.33  ? 13  G   A OP1   1 
ATOM   234  O OP2   . G   A 1 13 ? 6.675   -4.398  -4.177  1.00 48.48  ? 13  G   A OP2   1 
ATOM   235  O "O5'" . G   A 1 13 ? 5.325   -6.208  -5.249  1.00 47.30  ? 13  G   A "O5'" 1 
ATOM   236  C "C5'" . G   A 1 13 ? 5.098   -7.517  -5.763  1.00 44.44  ? 13  G   A "C5'" 1 
ATOM   237  C "C4'" . G   A 1 13 ? 3.649   -7.684  -6.146  1.00 45.28  ? 13  G   A "C4'" 1 
ATOM   238  O "O4'" . G   A 1 13 ? 2.807   -7.436  -4.988  1.00 46.65  ? 13  G   A "O4'" 1 
ATOM   239  C "C3'" . G   A 1 13 ? 3.122   -6.699  -7.171  1.00 46.57  ? 13  G   A "C3'" 1 
ATOM   240  O "O3'" . G   A 1 13 ? 3.480   -7.078  -8.485  1.00 47.42  ? 13  G   A "O3'" 1 
ATOM   241  C "C2'" . G   A 1 13 ? 1.625   -6.786  -6.930  1.00 46.32  ? 13  G   A "C2'" 1 
ATOM   242  O "O2'" . G   A 1 13 ? 1.030   -7.955  -7.464  1.00 44.60  ? 13  G   A "O2'" 1 
ATOM   243  C "C1'" . G   A 1 13 ? 1.598   -6.820  -5.405  1.00 45.42  ? 13  G   A "C1'" 1 
ATOM   244  N N9    . G   A 1 13 ? 1.542   -5.484  -4.824  1.00 45.60  ? 13  G   A N9    1 
ATOM   245  C C8    . G   A 1 13 ? 2.559   -4.786  -4.220  1.00 43.79  ? 13  G   A C8    1 
ATOM   246  N N7    . G   A 1 13 ? 2.175   -3.624  -3.760  1.00 44.33  ? 13  G   A N7    1 
ATOM   247  C C5    . G   A 1 13 ? 0.827   -3.555  -4.083  1.00 44.92  ? 13  G   A C5    1 
ATOM   248  C C6    . G   A 1 13 ? -0.136  -2.546  -3.817  1.00 47.76  ? 13  G   A C6    1 
ATOM   249  O O6    . G   A 1 13 ? 0.004   -1.489  -3.179  1.00 48.99  ? 13  G   A O6    1 
ATOM   250  N N1    . G   A 1 13 ? -1.379  -2.870  -4.357  1.00 49.67  ? 13  G   A N1    1 
ATOM   251  C C2    . G   A 1 13 ? -1.668  -4.030  -5.042  1.00 50.52  ? 13  G   A C2    1 
ATOM   252  N N2    . G   A 1 13 ? -2.923  -4.154  -5.516  1.00 48.43  ? 13  G   A N2    1 
ATOM   253  N N3    . G   A 1 13 ? -0.789  -4.995  -5.257  1.00 48.58  ? 13  G   A N3    1 
ATOM   254  C C4    . G   A 1 13 ? 0.428   -4.689  -4.761  1.00 46.41  ? 13  G   A C4    1 
ATOM   255  P P     . G   A 1 14 ? 3.694   -5.946  -9.600  1.00 49.91  ? 14  G   A P     1 
ATOM   256  O OP1   . G   A 1 14 ? 4.314   -6.634  -10.763 1.00 49.57  ? 14  G   A OP1   1 
ATOM   257  O OP2   . G   A 1 14 ? 4.381   -4.785  -8.964  1.00 43.11  ? 14  G   A OP2   1 
ATOM   258  O "O5'" . G   A 1 14 ? 2.215   -5.493  -9.994  1.00 49.52  ? 14  G   A "O5'" 1 
ATOM   259  C "C5'" . G   A 1 14 ? 1.280   -6.442  -10.512 1.00 50.23  ? 14  G   A "C5'" 1 
ATOM   260  C "C4'" . G   A 1 14 ? -0.104  -5.837  -10.593 1.00 48.01  ? 14  G   A "C4'" 1 
ATOM   261  O "O4'" . G   A 1 14 ? -0.588  -5.526  -9.260  1.00 47.19  ? 14  G   A "O4'" 1 
ATOM   262  C "C3'" . G   A 1 14 ? -0.199  -4.505  -11.312 1.00 49.01  ? 14  G   A "C3'" 1 
ATOM   263  O "O3'" . G   A 1 14 ? -0.220  -4.668  -12.719 1.00 50.79  ? 14  G   A "O3'" 1 
ATOM   264  C "C2'" . G   A 1 14 ? -1.512  -3.969  -10.775 1.00 45.70  ? 14  G   A "C2'" 1 
ATOM   265  O "O2'" . G   A 1 14 ? -2.624  -4.633  -11.334 1.00 43.19  ? 14  G   A "O2'" 1 
ATOM   266  C "C1'" . G   A 1 14 ? -1.380  -4.349  -9.304  1.00 43.21  ? 14  G   A "C1'" 1 
ATOM   267  N N9    . G   A 1 14 ? -0.731  -3.331  -8.484  1.00 38.73  ? 14  G   A N9    1 
ATOM   268  C C8    . G   A 1 14 ? 0.581   -3.303  -8.069  1.00 37.62  ? 14  G   A C8    1 
ATOM   269  N N7    . G   A 1 14 ? 0.850   -2.279  -7.301  1.00 36.33  ? 14  G   A N7    1 
ATOM   270  C C5    . G   A 1 14 ? -0.352  -1.586  -7.215  1.00 34.00  ? 14  G   A C5    1 
ATOM   271  C C6    . G   A 1 14 ? -0.677  -0.392  -6.525  1.00 37.68  ? 14  G   A C6    1 
ATOM   272  O O6    . G   A 1 14 ? 0.053   0.318   -5.810  1.00 41.16  ? 14  G   A O6    1 
ATOM   273  N N1    . G   A 1 14 ? -2.005  -0.032  -6.730  1.00 37.24  ? 14  G   A N1    1 
ATOM   274  C C2    . G   A 1 14 ? -2.901  -0.729  -7.504  1.00 36.30  ? 14  G   A C2    1 
ATOM   275  N N2    . G   A 1 14 ? -4.124  -0.204  -7.612  1.00 37.10  ? 14  G   A N2    1 
ATOM   276  N N3    . G   A 1 14 ? -2.614  -1.850  -8.134  1.00 33.70  ? 14  G   A N3    1 
ATOM   277  C C4    . G   A 1 14 ? -1.331  -2.216  -7.951  1.00 34.90  ? 14  G   A C4    1 
ATOM   278  P P     . C   A 1 15 ? 0.516   -3.580  -13.645 1.00 52.16  ? 15  C   A P     1 
ATOM   279  O OP1   . C   A 1 15 ? 0.562   -4.140  -15.022 1.00 51.75  ? 15  C   A OP1   1 
ATOM   280  O OP2   . C   A 1 15 ? 1.784   -3.193  -12.953 1.00 48.59  ? 15  C   A OP2   1 
ATOM   281  O "O5'" . C   A 1 15 ? -0.475  -2.331  -13.630 1.00 45.40  ? 15  C   A "O5'" 1 
ATOM   282  C "C5'" . C   A 1 15 ? -1.827  -2.482  -14.038 1.00 41.56  ? 15  C   A "C5'" 1 
ATOM   283  C "C4'" . C   A 1 15 ? -2.676  -1.356  -13.492 1.00 41.97  ? 15  C   A "C4'" 1 
ATOM   284  O "O4'" . C   A 1 15 ? -2.684  -1.368  -12.039 1.00 38.15  ? 15  C   A "O4'" 1 
ATOM   285  C "C3'" . C   A 1 15 ? -2.242  0.061   -13.818 1.00 42.24  ? 15  C   A "C3'" 1 
ATOM   286  O "O3'" . C   A 1 15 ? -2.596  0.437   -15.139 1.00 43.81  ? 15  C   A "O3'" 1 
ATOM   287  C "C2'" . C   A 1 15 ? -3.026  0.847   -12.784 1.00 38.22  ? 15  C   A "C2'" 1 
ATOM   288  O "O2'" . C   A 1 15 ? -4.402  0.889   -13.096 1.00 37.80  ? 15  C   A "O2'" 1 
ATOM   289  C "C1'" . C   A 1 15 ? -2.811  -0.035  -11.556 1.00 35.52  ? 15  C   A "C1'" 1 
ATOM   290  N N1    . C   A 1 15 ? -1.583  0.299   -10.826 1.00 31.56  ? 15  C   A N1    1 
ATOM   291  C C2    . C   A 1 15 ? -1.576  1.409   -9.953  1.00 30.67  ? 15  C   A C2    1 
ATOM   292  O O2    . C   A 1 15 ? -2.597  2.106   -9.850  1.00 30.30  ? 15  C   A O2    1 
ATOM   293  N N3    . C   A 1 15 ? -0.450  1.687   -9.250  1.00 28.31  ? 15  C   A N3    1 
ATOM   294  C C4    . C   A 1 15 ? 0.639   0.919   -9.405  1.00 28.71  ? 15  C   A C4    1 
ATOM   295  N N4    . C   A 1 15 ? 1.732   1.224   -8.705  1.00 28.11  ? 15  C   A N4    1 
ATOM   296  C C5    . C   A 1 15 ? 0.658   -0.199  -10.292 1.00 29.78  ? 15  C   A C5    1 
ATOM   297  C C6    . C   A 1 15 ? -0.463  -0.469  -10.977 1.00 31.43  ? 15  C   A C6    1 
ATOM   298  P P     . G   A 1 16 ? -1.681  1.492   -15.916 1.00 43.61  ? 16  G   A P     1 
ATOM   299  O OP1   . G   A 1 16 ? -2.167  1.586   -17.317 1.00 42.84  ? 16  G   A OP1   1 
ATOM   300  O OP2   . G   A 1 16 ? -0.259  1.123   -15.640 1.00 40.61  ? 16  G   A OP2   1 
ATOM   301  O "O5'" . G   A 1 16 ? -2.013  2.863   -15.177 1.00 44.54  ? 16  G   A "O5'" 1 
ATOM   302  C "C5'" . G   A 1 16 ? -3.330  3.403   -15.213 1.00 43.89  ? 16  G   A "C5'" 1 
ATOM   303  C "C4'" . G   A 1 16 ? -3.402  4.637   -14.354 1.00 45.01  ? 16  G   A "C4'" 1 
ATOM   304  O "O4'" . G   A 1 16 ? -3.172  4.272   -12.970 1.00 44.77  ? 16  G   A "O4'" 1 
ATOM   305  C "C3'" . G   A 1 16 ? -2.325  5.675   -14.612 1.00 43.98  ? 16  G   A "C3'" 1 
ATOM   306  O "O3'" . G   A 1 16 ? -2.670  6.483   -15.719 1.00 49.09  ? 16  G   A "O3'" 1 
ATOM   307  C "C2'" . G   A 1 16 ? -2.372  6.464   -13.317 1.00 41.05  ? 16  G   A "C2'" 1 
ATOM   308  O "O2'" . G   A 1 16 ? -3.528  7.261   -13.205 1.00 40.52  ? 16  G   A "O2'" 1 
ATOM   309  C "C1'" . G   A 1 16 ? -2.488  5.326   -12.310 1.00 40.10  ? 16  G   A "C1'" 1 
ATOM   310  N N9    . G   A 1 16 ? -1.187  4.844   -11.885 1.00 35.14  ? 16  G   A N9    1 
ATOM   311  C C8    . G   A 1 16 ? -0.507  3.737   -12.344 1.00 32.48  ? 16  G   A C8    1 
ATOM   312  N N7    . G   A 1 16 ? 0.639   3.563   -11.754 1.00 28.69  ? 16  G   A N7    1 
ATOM   313  C C5    . G   A 1 16 ? 0.726   4.620   -10.853 1.00 27.91  ? 16  G   A C5    1 
ATOM   314  C C6    . G   A 1 16 ? 1.739   4.954   -9.930  1.00 28.77  ? 16  G   A C6    1 
ATOM   315  O O6    . G   A 1 16 ? 2.818   4.377   -9.724  1.00 35.14  ? 16  G   A O6    1 
ATOM   316  N N1    . G   A 1 16 ? 1.408   6.091   -9.199  1.00 25.80  ? 16  G   A N1    1 
ATOM   317  C C2    . G   A 1 16 ? 0.250   6.813   -9.344  1.00 25.64  ? 16  G   A C2    1 
ATOM   318  N N2    . G   A 1 16 ? 0.094   7.865   -8.530  1.00 19.90  ? 16  G   A N2    1 
ATOM   319  N N3    . G   A 1 16 ? -0.692  6.521   -10.218 1.00 25.64  ? 16  G   A N3    1 
ATOM   320  C C4    . G   A 1 16 ? -0.391  5.412   -10.931 1.00 29.40  ? 16  G   A C4    1 
ATOM   321  P P     . A   A 1 17 ? -1.705  6.525   -16.997 1.00 52.29  ? 17  A   A P     1 
ATOM   322  O OP1   . A   A 1 17 ? -2.543  6.169   -18.169 1.00 53.63  ? 17  A   A OP1   1 
ATOM   323  O OP2   . A   A 1 17 ? -0.468  5.745   -16.717 1.00 53.24  ? 17  A   A OP2   1 
ATOM   324  O "O5'" . A   A 1 17 ? -1.327  8.064   -17.137 1.00 51.89  ? 17  A   A "O5'" 1 
ATOM   325  C "C5'" . A   A 1 17 ? -0.915  8.563   -18.395 1.00 55.20  ? 17  A   A "C5'" 1 
ATOM   326  C "C4'" . A   A 1 17 ? -0.487  10.011  -18.301 1.00 54.09  ? 17  A   A "C4'" 1 
ATOM   327  O "O4'" . A   A 1 17 ? -1.572  10.950  -18.183 1.00 48.10  ? 17  A   A "O4'" 1 
ATOM   328  C "C3'" . A   A 1 17 ? 0.451   10.514  -17.219 1.00 51.60  ? 17  A   A "C3'" 1 
ATOM   329  O "O3'" . A   A 1 17 ? 1.778   10.024  -17.381 1.00 50.70  ? 17  A   A "O3'" 1 
ATOM   330  C "C2'" . A   A 1 17 ? 0.423   12.020  -17.496 1.00 51.55  ? 17  A   A "C2'" 1 
ATOM   331  O "O2'" . A   A 1 17 ? 1.392   12.368  -18.469 1.00 52.78  ? 17  A   A "O2'" 1 
ATOM   332  C "C1'" . A   A 1 17 ? -0.975  12.221  -18.105 1.00 47.32  ? 17  A   A "C1'" 1 
ATOM   333  N N9    . A   A 1 17 ? -1.854  13.129  -17.375 1.00 45.18  ? 17  A   A N9    1 
ATOM   334  C C8    . A   A 1 17 ? -2.397  13.003  -16.122 1.00 44.08  ? 17  A   A C8    1 
ATOM   335  N N7    . A   A 1 17 ? -3.172  14.008  -15.778 1.00 41.39  ? 17  A   A N7    1 
ATOM   336  C C5    . A   A 1 17 ? -3.130  14.853  -16.878 1.00 43.59  ? 17  A   A C5    1 
ATOM   337  C C6    . A   A 1 17 ? -3.752  16.089  -17.156 1.00 45.76  ? 17  A   A C6    1 
ATOM   338  N N6    . A   A 1 17 ? -4.576  16.714  -16.306 1.00 46.29  ? 17  A   A N6    1 
ATOM   339  N N1    . A   A 1 17 ? -3.494  16.669  -18.355 1.00 45.12  ? 17  A   A N1    1 
ATOM   340  C C2    . A   A 1 17 ? -2.673  16.040  -19.209 1.00 41.22  ? 17  A   A C2    1 
ATOM   341  N N3    . A   A 1 17 ? -2.036  14.878  -19.064 1.00 41.96  ? 17  A   A N3    1 
ATOM   342  C C4    . A   A 1 17 ? -2.312  14.329  -17.866 1.00 44.81  ? 17  A   A C4    1 
ATOM   343  P P     . A   A 1 18 ? 2.819   10.149  -16.161 1.00 55.99  ? 18  A   A P     1 
ATOM   344  O OP1   . A   A 1 18 ? 3.889   9.122   -16.344 1.00 51.19  ? 18  A   A OP1   1 
ATOM   345  O OP2   . A   A 1 18 ? 2.015   10.181  -14.898 1.00 54.19  ? 18  A   A OP2   1 
ATOM   346  O "O5'" . A   A 1 18 ? 3.476   11.589  -16.336 1.00 53.02  ? 18  A   A "O5'" 1 
ATOM   347  C "C5'" . A   A 1 18 ? 4.185   11.938  -17.520 1.00 48.77  ? 18  A   A "C5'" 1 
ATOM   348  C "C4'" . A   A 1 18 ? 4.399   13.435  -17.573 1.00 44.06  ? 18  A   A "C4'" 1 
ATOM   349  O "O4'" . A   A 1 18 ? 3.119   14.096  -17.716 1.00 42.80  ? 18  A   A "O4'" 1 
ATOM   350  C "C3'" . A   A 1 18 ? 5.039   14.037  -16.335 1.00 44.53  ? 18  A   A "C3'" 1 
ATOM   351  O "O3'" . A   A 1 18 ? 6.445   14.084  -16.529 1.00 43.19  ? 18  A   A "O3'" 1 
ATOM   352  C "C2'" . A   A 1 18 ? 4.463   15.449  -16.301 1.00 44.55  ? 18  A   A "C2'" 1 
ATOM   353  O "O2'" . A   A 1 18 ? 5.204   16.379  -17.067 1.00 47.59  ? 18  A   A "O2'" 1 
ATOM   354  C "C1'" . A   A 1 18 ? 3.074   15.244  -16.901 1.00 41.56  ? 18  A   A "C1'" 1 
ATOM   355  N N9    . A   A 1 18 ? 2.034   15.050  -15.897 1.00 38.53  ? 18  A   A N9    1 
ATOM   356  C C8    . A   A 1 18 ? 2.017   14.142  -14.876 1.00 37.40  ? 18  A   A C8    1 
ATOM   357  N N7    . A   A 1 18 ? 0.956   14.230  -14.110 1.00 38.94  ? 18  A   A N7    1 
ATOM   358  C C5    . A   A 1 18 ? 0.223   15.264  -14.670 1.00 36.79  ? 18  A   A C5    1 
ATOM   359  C C6    . A   A 1 18 ? -1.002  15.865  -14.311 1.00 37.29  ? 18  A   A C6    1 
ATOM   360  N N6    . A   A 1 18 ? -1.722  15.511  -13.242 1.00 32.76  ? 18  A   A N6    1 
ATOM   361  N N1    . A   A 1 18 ? -1.460  16.869  -15.091 1.00 36.61  ? 18  A   A N1    1 
ATOM   362  C C2    . A   A 1 18 ? -0.724  17.248  -16.145 1.00 35.57  ? 18  A   A C2    1 
ATOM   363  N N3    . A   A 1 18 ? 0.444   16.774  -16.571 1.00 38.27  ? 18  A   A N3    1 
ATOM   364  C C4    . A   A 1 18 ? 0.868   15.771  -15.780 1.00 38.59  ? 18  A   A C4    1 
ATOM   365  P P     . G   A 1 19 ? 7.392   13.092  -15.702 1.00 40.46  ? 19  G   A P     1 
ATOM   366  O OP1   . G   A 1 19 ? 8.770   13.094  -16.274 1.00 38.69  ? 19  G   A OP1   1 
ATOM   367  O OP2   . G   A 1 19 ? 6.637   11.810  -15.612 1.00 39.19  ? 19  G   A OP2   1 
ATOM   368  O "O5'" . G   A 1 19 ? 7.441   13.745  -14.252 1.00 37.28  ? 19  G   A "O5'" 1 
ATOM   369  C "C5'" . G   A 1 19 ? 7.565   15.143  -14.067 1.00 33.37  ? 19  G   A "C5'" 1 
ATOM   370  C "C4'" . G   A 1 19 ? 7.928   15.432  -12.629 1.00 38.58  ? 19  G   A "C4'" 1 
ATOM   371  O "O4'" . G   A 1 19 ? 6.919   14.809  -11.783 1.00 38.42  ? 19  G   A "O4'" 1 
ATOM   372  C "C3'" . G   A 1 19 ? 9.270   14.862  -12.165 1.00 39.16  ? 19  G   A "C3'" 1 
ATOM   373  O "O3'" . G   A 1 19 ? 10.312  15.835  -12.268 1.00 40.16  ? 19  G   A "O3'" 1 
ATOM   374  C "C2'" . G   A 1 19 ? 9.009   14.499  -10.707 1.00 37.28  ? 19  G   A "C2'" 1 
ATOM   375  O "O2'" . G   A 1 19 ? 9.179   15.583  -9.817  1.00 37.72  ? 19  G   A "O2'" 1 
ATOM   376  C "C1'" . G   A 1 19 ? 7.548   14.055  -10.756 1.00 37.65  ? 19  G   A "C1'" 1 
ATOM   377  N N9    . G   A 1 19 ? 7.381   12.631  -11.045 1.00 35.21  ? 19  G   A N9    1 
ATOM   378  C C8    . G   A 1 19 ? 6.587   12.063  -12.019 1.00 36.40  ? 19  G   A C8    1 
ATOM   379  N N7    . G   A 1 19 ? 6.684   10.763  -12.065 1.00 35.35  ? 19  G   A N7    1 
ATOM   380  C C5    . G   A 1 19 ? 7.585   10.450  -11.056 1.00 37.17  ? 19  G   A C5    1 
ATOM   381  C C6    . G   A 1 19 ? 8.091   9.196   -10.637 1.00 38.97  ? 19  G   A C6    1 
ATOM   382  O O6    . G   A 1 19 ? 7.835   8.071   -11.087 1.00 42.62  ? 19  G   A O6    1 
ATOM   383  N N1    . G   A 1 19 ? 8.983   9.336   -9.575  1.00 37.22  ? 19  G   A N1    1 
ATOM   384  C C2    . G   A 1 19 ? 9.336   10.528  -8.986  1.00 32.06  ? 19  G   A C2    1 
ATOM   385  N N2    . G   A 1 19 ? 10.217  10.461  -7.978  1.00 27.78  ? 19  G   A N2    1 
ATOM   386  N N3    . G   A 1 19 ? 8.862   11.700  -9.362  1.00 32.48  ? 19  G   A N3    1 
ATOM   387  C C4    . G   A 1 19 ? 8.006   11.590  -10.403 1.00 34.30  ? 19  G   A C4    1 
ATOM   388  P P     . U   A 1 20 ? 11.777  15.380  -12.762 1.00 37.23  ? 20  U   A P     1 
ATOM   389  O OP1   . U   A 1 20 ? 12.622  16.595  -12.887 1.00 35.03  ? 20  U   A OP1   1 
ATOM   390  O OP2   . U   A 1 20 ? 11.621  14.463  -13.927 1.00 33.37  ? 20  U   A OP2   1 
ATOM   391  O "O5'" . U   A 1 20 ? 12.342  14.535  -11.540 1.00 38.80  ? 20  U   A "O5'" 1 
ATOM   392  C "C5'" . U   A 1 20 ? 12.630  15.157  -10.297 1.00 39.57  ? 20  U   A "C5'" 1 
ATOM   393  C "C4'" . U   A 1 20 ? 13.268  14.161  -9.373  1.00 43.25  ? 20  U   A "C4'" 1 
ATOM   394  O "O4'" . U   A 1 20 ? 12.329  13.078  -9.136  1.00 44.80  ? 20  U   A "O4'" 1 
ATOM   395  C "C3'" . U   A 1 20 ? 14.481  13.448  -9.945  1.00 46.07  ? 20  U   A "C3'" 1 
ATOM   396  O "O3'" . U   A 1 20 ? 15.657  14.236  -9.809  1.00 50.58  ? 20  U   A "O3'" 1 
ATOM   397  C "C2'" . U   A 1 20 ? 14.522  12.193  -9.086  1.00 45.78  ? 20  U   A "C2'" 1 
ATOM   398  O "O2'" . U   A 1 20 ? 15.029  12.443  -7.786  1.00 46.89  ? 20  U   A "O2'" 1 
ATOM   399  C "C1'" . U   A 1 20 ? 13.033  11.852  -9.005  1.00 44.03  ? 20  U   A "C1'" 1 
ATOM   400  N N1    . U   A 1 20 ? 12.568  10.931  -10.055 1.00 44.52  ? 20  U   A N1    1 
ATOM   401  C C2    . U   A 1 20 ? 12.787  9.580   -9.864  1.00 45.45  ? 20  U   A C2    1 
ATOM   402  O O2    . U   A 1 20 ? 13.381  9.137   -8.897  1.00 51.10  ? 20  U   A O2    1 
ATOM   403  N N3    . U   A 1 20 ? 12.293  8.768   -10.853 1.00 43.83  ? 20  U   A N3    1 
ATOM   404  C C4    . U   A 1 20 ? 11.632  9.159   -11.995 1.00 42.78  ? 20  U   A C4    1 
ATOM   405  O O4    . U   A 1 20 ? 11.228  8.304   -12.779 1.00 42.74  ? 20  U   A O4    1 
ATOM   406  C C5    . U   A 1 20 ? 11.466  10.571  -12.136 1.00 40.95  ? 20  U   A C5    1 
ATOM   407  C C6    . U   A 1 20 ? 11.927  11.388  -11.185 1.00 42.59  ? 20  U   A C6    1 
ATOM   408  P P     . C   A 1 21 ? 16.754  14.232  -10.983 1.00 51.45  ? 21  C   A P     1 
ATOM   409  O OP1   . C   A 1 21 ? 17.561  15.469  -10.836 1.00 52.70  ? 21  C   A OP1   1 
ATOM   410  O OP2   . C   A 1 21 ? 16.052  13.957  -12.270 1.00 51.21  ? 21  C   A OP2   1 
ATOM   411  O "O5'" . C   A 1 21 ? 17.688  12.990  -10.629 1.00 51.56  ? 21  C   A "O5'" 1 
ATOM   412  C "C5'" . C   A 1 21 ? 18.281  12.866  -9.339  1.00 50.82  ? 21  C   A "C5'" 1 
ATOM   413  C "C4'" . C   A 1 21 ? 18.564  11.413  -9.023  1.00 51.51  ? 21  C   A "C4'" 1 
ATOM   414  O "O4'" . C   A 1 21 ? 17.320  10.663  -8.952  1.00 50.52  ? 21  C   A "O4'" 1 
ATOM   415  C "C3'" . C   A 1 21 ? 19.420  10.664  -10.033 1.00 51.25  ? 21  C   A "C3'" 1 
ATOM   416  O "O3'" . C   A 1 21 ? 20.787  10.822  -9.696  1.00 50.91  ? 21  C   A "O3'" 1 
ATOM   417  C "C2'" . C   A 1 21 ? 18.999  9.215   -9.820  1.00 51.18  ? 21  C   A "C2'" 1 
ATOM   418  O "O2'" . C   A 1 21 ? 19.684  8.579   -8.764  1.00 55.14  ? 21  C   A "O2'" 1 
ATOM   419  C "C1'" . C   A 1 21 ? 17.516  9.365   -9.484  1.00 50.21  ? 21  C   A "C1'" 1 
ATOM   420  N N1    . C   A 1 21 ? 16.687  9.221   -10.681 1.00 49.26  ? 21  C   A N1    1 
ATOM   421  C C2    . C   A 1 21 ? 16.469  7.943   -11.181 1.00 49.85  ? 21  C   A C2    1 
ATOM   422  O O2    . C   A 1 21 ? 16.995  6.977   -10.597 1.00 49.89  ? 21  C   A O2    1 
ATOM   423  N N3    . C   A 1 21 ? 15.702  7.788   -12.286 1.00 47.76  ? 21  C   A N3    1 
ATOM   424  C C4    . C   A 1 21 ? 15.177  8.857   -12.887 1.00 46.24  ? 21  C   A C4    1 
ATOM   425  N N4    . C   A 1 21 ? 14.431  8.663   -13.978 1.00 47.90  ? 21  C   A N4    1 
ATOM   426  C C5    . C   A 1 21 ? 15.393  10.174  -12.397 1.00 47.27  ? 21  C   A C5    1 
ATOM   427  C C6    . C   A 1 21 ? 16.144  10.310  -11.302 1.00 47.86  ? 21  C   A C6    1 
ATOM   428  P P     . G   A 1 22 ? 21.882  10.979  -10.858 1.00 52.84  ? 22  G   A P     1 
ATOM   429  O OP1   . G   A 1 22 ? 23.114  11.521  -10.223 1.00 52.15  ? 22  G   A OP1   1 
ATOM   430  O OP2   . G   A 1 22 ? 21.237  11.721  -11.983 1.00 51.60  ? 22  G   A OP2   1 
ATOM   431  O "O5'" . G   A 1 22 ? 22.191  9.487   -11.319 1.00 45.86  ? 22  G   A "O5'" 1 
ATOM   432  C "C5'" . G   A 1 22 ? 22.804  8.580   -10.424 1.00 43.41  ? 22  G   A "C5'" 1 
ATOM   433  C "C4'" . G   A 1 22 ? 22.524  7.164   -10.840 1.00 44.40  ? 22  G   A "C4'" 1 
ATOM   434  O "O4'" . G   A 1 22 ? 21.098  6.949   -10.986 1.00 44.81  ? 22  G   A "O4'" 1 
ATOM   435  C "C3'" . G   A 1 22 ? 23.021  6.731   -12.204 1.00 45.36  ? 22  G   A "C3'" 1 
ATOM   436  O "O3'" . G   A 1 22 ? 24.422  6.526   -12.200 1.00 45.14  ? 22  G   A "O3'" 1 
ATOM   437  C "C2'" . G   A 1 22 ? 22.267  5.419   -12.363 1.00 45.20  ? 22  G   A "C2'" 1 
ATOM   438  O "O2'" . G   A 1 22 ? 22.813  4.395   -11.552 1.00 43.34  ? 22  G   A "O2'" 1 
ATOM   439  C "C1'" . G   A 1 22 ? 20.892  5.817   -11.822 1.00 44.16  ? 22  G   A "C1'" 1 
ATOM   440  N N9    . G   A 1 22 ? 19.947  6.182   -12.871 1.00 41.56  ? 22  G   A N9    1 
ATOM   441  C C8    . G   A 1 22 ? 19.468  7.437   -13.155 1.00 41.56  ? 22  G   A C8    1 
ATOM   442  N N7    . G   A 1 22 ? 18.617  7.447   -14.145 1.00 40.76  ? 22  G   A N7    1 
ATOM   443  C C5    . G   A 1 22 ? 18.533  6.119   -14.541 1.00 36.82  ? 22  G   A C5    1 
ATOM   444  C C6    . G   A 1 22 ? 17.760  5.522   -15.556 1.00 36.68  ? 22  G   A C6    1 
ATOM   445  O O6    . G   A 1 22 ? 16.972  6.058   -16.335 1.00 35.89  ? 22  G   A O6    1 
ATOM   446  N N1    . G   A 1 22 ? 17.963  4.150   -15.614 1.00 37.93  ? 22  G   A N1    1 
ATOM   447  C C2    . G   A 1 22 ? 18.802  3.443   -14.796 1.00 39.20  ? 22  G   A C2    1 
ATOM   448  N N2    . G   A 1 22 ? 18.846  2.120   -15.012 1.00 39.58  ? 22  G   A N2    1 
ATOM   449  N N3    . G   A 1 22 ? 19.536  3.991   -13.838 1.00 38.65  ? 22  G   A N3    1 
ATOM   450  C C4    . G   A 1 22 ? 19.351  5.326   -13.768 1.00 39.03  ? 22  G   A C4    1 
ATOM   451  P P     . C   A 1 23 ? 25.273  6.837   -13.523 1.00 44.64  ? 23  C   A P     1 
ATOM   452  O OP1   . C   A 1 23 ? 26.707  6.724   -13.138 1.00 44.17  ? 23  C   A OP1   1 
ATOM   453  O OP2   . C   A 1 23 ? 24.765  8.102   -14.137 1.00 45.34  ? 23  C   A OP2   1 
ATOM   454  O "O5'" . C   A 1 23 ? 24.915  5.634   -14.496 1.00 38.79  ? 23  C   A "O5'" 1 
ATOM   455  C "C5'" . C   A 1 23 ? 25.160  4.293   -14.109 1.00 36.75  ? 23  C   A "C5'" 1 
ATOM   456  C "C4'" . C   A 1 23 ? 24.462  3.353   -15.054 1.00 37.85  ? 23  C   A "C4'" 1 
ATOM   457  O "O4'" . C   A 1 23 ? 23.053  3.685   -15.071 1.00 37.41  ? 23  C   A "O4'" 1 
ATOM   458  C "C3'" . C   A 1 23 ? 24.860  3.466   -16.517 1.00 36.57  ? 23  C   A "C3'" 1 
ATOM   459  O "O3'" . C   A 1 23 ? 26.104  2.845   -16.847 1.00 37.72  ? 23  C   A "O3'" 1 
ATOM   460  C "C2'" . C   A 1 23 ? 23.655  2.855   -17.219 1.00 37.83  ? 23  C   A "C2'" 1 
ATOM   461  O "O2'" . C   A 1 23 ? 23.673  1.440   -17.211 1.00 38.13  ? 23  C   A "O2'" 1 
ATOM   462  C "C1'" . C   A 1 23 ? 22.510  3.337   -16.327 1.00 36.55  ? 23  C   A "C1'" 1 
ATOM   463  N N1    . C   A 1 23 ? 21.759  4.489   -16.841 1.00 33.87  ? 23  C   A N1    1 
ATOM   464  C C2    . C   A 1 23 ? 20.811  4.273   -17.846 1.00 34.14  ? 23  C   A C2    1 
ATOM   465  O O2    . C   A 1 23 ? 20.687  3.123   -18.315 1.00 36.29  ? 23  C   A O2    1 
ATOM   466  N N3    . C   A 1 23 ? 20.064  5.313   -18.282 1.00 30.75  ? 23  C   A N3    1 
ATOM   467  C C4    . C   A 1 23 ? 20.259  6.528   -17.771 1.00 30.28  ? 23  C   A C4    1 
ATOM   468  N N4    . C   A 1 23 ? 19.509  7.529   -18.229 1.00 35.35  ? 23  C   A N4    1 
ATOM   469  C C5    . C   A 1 23 ? 21.234  6.777   -16.769 1.00 30.08  ? 23  C   A C5    1 
ATOM   470  C C6    . C   A 1 23 ? 21.958  5.741   -16.337 1.00 30.32  ? 23  C   A C6    1 
ATOM   471  P P     . U   B 1 2  ? 13.098  5.896   -29.892 1.00 97.33  ? 25  U   B P     1 
ATOM   472  O OP1   . U   B 1 2  ? 12.876  4.387   -29.926 1.00 94.60  ? 25  U   B OP1   1 
ATOM   473  O OP2   . U   B 1 2  ? 13.841  6.414   -31.112 1.00 96.89  ? 25  U   B OP2   1 
ATOM   474  O "O5'" . U   B 1 2  ? 14.091  6.194   -28.631 1.00 92.31  ? 25  U   B "O5'" 1 
ATOM   475  C "C5'" . U   B 1 2  ? 13.804  5.673   -27.313 1.00 86.34  ? 25  U   B "C5'" 1 
ATOM   476  C "C4'" . U   B 1 2  ? 13.535  6.807   -26.340 1.00 83.48  ? 25  U   B "C4'" 1 
ATOM   477  O "O4'" . U   B 1 2  ? 14.497  7.872   -26.579 1.00 83.18  ? 25  U   B "O4'" 1 
ATOM   478  C "C3'" . U   B 1 2  ? 12.181  7.484   -26.536 1.00 80.68  ? 25  U   B "C3'" 1 
ATOM   479  O "O3'" . U   B 1 2  ? 11.070  6.677   -26.043 1.00 75.25  ? 25  U   B "O3'" 1 
ATOM   480  C "C2'" . U   B 1 2  ? 12.407  8.945   -26.085 1.00 81.28  ? 25  U   B "C2'" 1 
ATOM   481  O "O2'" . U   B 1 2  ? 11.925  9.322   -24.805 1.00 79.51  ? 25  U   B "O2'" 1 
ATOM   482  C "C1'" . U   B 1 2  ? 13.937  9.114   -26.178 1.00 83.91  ? 25  U   B "C1'" 1 
ATOM   483  N N1    . U   B 1 2  ? 14.385  10.157  -27.122 1.00 85.39  ? 25  U   B N1    1 
ATOM   484  C C2    . U   B 1 2  ? 14.526  11.448  -26.640 1.00 84.66  ? 25  U   B C2    1 
ATOM   485  O O2    . U   B 1 2  ? 14.327  11.744  -25.471 1.00 86.11  ? 25  U   B O2    1 
ATOM   486  N N3    . U   B 1 2  ? 14.914  12.377  -27.572 1.00 83.72  ? 25  U   B N3    1 
ATOM   487  C C4    . U   B 1 2  ? 15.180  12.158  -28.907 1.00 84.72  ? 25  U   B C4    1 
ATOM   488  O O4    . U   B 1 2  ? 15.456  13.116  -29.634 1.00 86.86  ? 25  U   B O4    1 
ATOM   489  C C5    . U   B 1 2  ? 15.035  10.798  -29.331 1.00 84.33  ? 25  U   B C5    1 
ATOM   490  C C6    . U   B 1 2  ? 14.650  9.866   -28.448 1.00 85.78  ? 25  U   B C6    1 
ATOM   491  P P     . G   B 1 3  ? 11.034  6.191   -24.498 1.00 70.71  ? 26  G   B P     1 
ATOM   492  O OP1   . G   B 1 3  ? 9.620   5.817   -24.158 1.00 70.62  ? 26  G   B OP1   1 
ATOM   493  O OP2   . G   B 1 3  ? 11.756  7.222   -23.683 1.00 71.60  ? 26  G   B OP2   1 
ATOM   494  O "O5'" . G   B 1 3  ? 11.995  4.918   -24.417 1.00 66.01  ? 26  G   B "O5'" 1 
ATOM   495  C "C5'" . G   B 1 3  ? 11.661  3.629   -24.917 1.00 55.26  ? 26  G   B "C5'" 1 
ATOM   496  C "C4'" . G   B 1 3  ? 12.811  2.674   -24.628 1.00 51.48  ? 26  G   B "C4'" 1 
ATOM   497  O "O4'" . G   B 1 3  ? 14.067  3.415   -24.811 1.00 50.81  ? 26  G   B "O4'" 1 
ATOM   498  C "C3'" . G   B 1 3  ? 12.941  2.144   -23.199 1.00 48.46  ? 26  G   B "C3'" 1 
ATOM   499  O "O3'" . G   B 1 3  ? 12.139  0.989   -22.954 1.00 46.56  ? 26  G   B "O3'" 1 
ATOM   500  C "C2'" . G   B 1 3  ? 14.422  1.770   -23.141 1.00 46.93  ? 26  G   B "C2'" 1 
ATOM   501  O "O2'" . G   B 1 3  ? 14.759  0.527   -23.718 1.00 39.31  ? 26  G   B "O2'" 1 
ATOM   502  C "C1'" . G   B 1 3  ? 15.064  2.911   -23.930 1.00 48.26  ? 26  G   B "C1'" 1 
ATOM   503  N N9    . G   B 1 3  ? 15.534  3.988   -23.058 1.00 50.65  ? 26  G   B N9    1 
ATOM   504  C C8    . G   B 1 3  ? 15.118  5.299   -23.049 1.00 52.43  ? 26  G   B C8    1 
ATOM   505  N N7    . G   B 1 3  ? 15.734  6.030   -22.154 1.00 54.16  ? 26  G   B N7    1 
ATOM   506  C C5    . G   B 1 3  ? 16.608  5.148   -21.530 1.00 52.49  ? 26  G   B C5    1 
ATOM   507  C C6    . G   B 1 3  ? 17.544  5.370   -20.485 1.00 51.18  ? 26  G   B C6    1 
ATOM   508  O O6    . G   B 1 3  ? 17.809  6.428   -19.900 1.00 45.71  ? 26  G   B O6    1 
ATOM   509  N N1    . G   B 1 3  ? 18.214  4.194   -20.146 1.00 52.79  ? 26  G   B N1    1 
ATOM   510  C C2    . G   B 1 3  ? 18.023  2.966   -20.750 1.00 51.28  ? 26  G   B C2    1 
ATOM   511  N N2    . G   B 1 3  ? 18.761  1.939   -20.280 1.00 50.11  ? 26  G   B N2    1 
ATOM   512  N N3    . G   B 1 3  ? 17.169  2.759   -21.739 1.00 50.97  ? 26  G   B N3    1 
ATOM   513  C C4    . G   B 1 3  ? 16.496  3.882   -22.073 1.00 51.45  ? 26  G   B C4    1 
ATOM   514  P P     . C   B 1 4  ? 11.588  0.707   -21.482 1.00 43.37  ? 27  C   B P     1 
ATOM   515  O OP1   . C   B 1 4  ? 10.630  -0.409  -21.572 1.00 46.40  ? 27  C   B OP1   1 
ATOM   516  O OP2   . C   B 1 4  ? 11.203  2.000   -20.880 1.00 44.18  ? 27  C   B OP2   1 
ATOM   517  O "O5'" . C   B 1 4  ? 12.833  0.152   -20.674 1.00 48.99  ? 27  C   B "O5'" 1 
ATOM   518  C "C5'" . C   B 1 4  ? 13.239  -1.221  -20.770 1.00 47.92  ? 27  C   B "C5'" 1 
ATOM   519  C "C4'" . C   B 1 4  ? 14.387  -1.484  -19.818 1.00 47.61  ? 27  C   B "C4'" 1 
ATOM   520  O "O4'" . C   B 1 4  ? 15.485  -0.587  -20.144 1.00 47.65  ? 27  C   B "O4'" 1 
ATOM   521  C "C3'" . C   B 1 4  ? 14.079  -1.146  -18.375 1.00 49.04  ? 27  C   B "C3'" 1 
ATOM   522  O "O3'" . C   B 1 4  ? 13.367  -2.199  -17.745 1.00 50.35  ? 27  C   B "O3'" 1 
ATOM   523  C "C2'" . C   B 1 4  ? 15.472  -0.924  -17.806 1.00 49.93  ? 27  C   B "C2'" 1 
ATOM   524  O "O2'" . C   B 1 4  ? 16.186  -2.104  -17.517 1.00 56.59  ? 27  C   B "O2'" 1 
ATOM   525  C "C1'" . C   B 1 4  ? 16.135  -0.166  -18.954 1.00 47.02  ? 27  C   B "C1'" 1 
ATOM   526  N N1    . C   B 1 4  ? 15.918  1.275   -18.783 1.00 43.63  ? 27  C   B N1    1 
ATOM   527  C C2    . C   B 1 4  ? 16.733  1.961   -17.889 1.00 41.93  ? 27  C   B C2    1 
ATOM   528  O O2    . C   B 1 4  ? 17.662  1.354   -17.343 1.00 41.16  ? 27  C   B O2    1 
ATOM   529  N N3    . C   B 1 4  ? 16.490  3.268   -17.643 1.00 41.73  ? 27  C   B N3    1 
ATOM   530  C C4    . C   B 1 4  ? 15.483  3.885   -18.262 1.00 38.20  ? 27  C   B C4    1 
ATOM   531  N N4    . C   B 1 4  ? 15.237  5.154   -17.941 1.00 36.53  ? 27  C   B N4    1 
ATOM   532  C C5    . C   B 1 4  ? 14.671  3.220   -19.222 1.00 38.42  ? 27  C   B C5    1 
ATOM   533  C C6    . C   B 1 4  ? 14.920  1.927   -19.450 1.00 41.12  ? 27  C   B C6    1 
ATOM   534  P P     . G   B 1 5  ? 12.243  -1.848  -16.654 1.00 50.65  ? 28  G   B P     1 
ATOM   535  O OP1   . G   B 1 5  ? 11.391  -3.043  -16.435 1.00 48.65  ? 28  G   B OP1   1 
ATOM   536  O OP2   . G   B 1 5  ? 11.614  -0.571  -17.075 1.00 52.91  ? 28  G   B OP2   1 
ATOM   537  O "O5'" . G   B 1 5  ? 13.086  -1.567  -15.331 1.00 47.11  ? 28  G   B "O5'" 1 
ATOM   538  C "C5'" . G   B 1 5  ? 14.005  -2.534  -14.843 1.00 37.77  ? 28  G   B "C5'" 1 
ATOM   539  C "C4'" . G   B 1 5  ? 15.017  -1.878  -13.944 1.00 38.06  ? 28  G   B "C4'" 1 
ATOM   540  O "O4'" . G   B 1 5  ? 15.724  -0.845  -14.681 1.00 37.61  ? 28  G   B "O4'" 1 
ATOM   541  C "C3'" . G   B 1 5  ? 14.446  -1.088  -12.788 1.00 41.88  ? 28  G   B "C3'" 1 
ATOM   542  O "O3'" . G   B 1 5  ? 13.984  -1.903  -11.726 1.00 45.88  ? 28  G   B "O3'" 1 
ATOM   543  C "C2'" . G   B 1 5  ? 15.638  -0.235  -12.396 1.00 38.79  ? 28  G   B "C2'" 1 
ATOM   544  O "O2'" . G   B 1 5  ? 16.598  -0.933  -11.630 1.00 38.90  ? 28  G   B "O2'" 1 
ATOM   545  C "C1'" . G   B 1 5  ? 16.156  0.169   -13.779 1.00 36.86  ? 28  G   B "C1'" 1 
ATOM   546  N N9    . G   B 1 5  ? 15.551  1.435   -14.180 1.00 34.92  ? 28  G   B N9    1 
ATOM   547  C C8    . G   B 1 5  ? 14.628  1.653   -15.181 1.00 32.73  ? 28  G   B C8    1 
ATOM   548  N N7    . G   B 1 5  ? 14.221  2.894   -15.236 1.00 31.61  ? 28  G   B N7    1 
ATOM   549  C C5    . G   B 1 5  ? 14.926  3.537   -14.224 1.00 31.18  ? 28  G   B C5    1 
ATOM   550  C C6    . G   B 1 5  ? 14.877  4.889   -13.771 1.00 29.08  ? 28  G   B C6    1 
ATOM   551  O O6    . G   B 1 5  ? 14.165  5.812   -14.169 1.00 28.23  ? 28  G   B O6    1 
ATOM   552  N N1    . G   B 1 5  ? 15.764  5.108   -12.721 1.00 29.40  ? 28  G   B N1    1 
ATOM   553  C C2    . G   B 1 5  ? 16.574  4.153   -12.157 1.00 29.75  ? 28  G   B C2    1 
ATOM   554  N N2    . G   B 1 5  ? 17.356  4.567   -11.157 1.00 29.64  ? 28  G   B N2    1 
ATOM   555  N N3    . G   B 1 5  ? 16.611  2.886   -12.547 1.00 29.27  ? 28  G   B N3    1 
ATOM   556  C C4    . G   B 1 5  ? 15.769  2.651   -13.580 1.00 33.12  ? 28  G   B C4    1 
ATOM   557  P P     . U   B 1 6  ? 12.817  -1.356  -10.775 1.00 46.54  ? 29  U   B P     1 
ATOM   558  O OP1   . U   B 1 6  ? 12.301  -2.516  -10.011 1.00 47.71  ? 29  U   B OP1   1 
ATOM   559  O OP2   . U   B 1 6  ? 11.890  -0.583  -11.648 1.00 47.24  ? 29  U   B OP2   1 
ATOM   560  O "O5'" . U   B 1 6  ? 13.569  -0.350  -9.781  1.00 45.98  ? 29  U   B "O5'" 1 
ATOM   561  C "C5'" . U   B 1 6  ? 14.612  -0.812  -8.925  1.00 44.58  ? 29  U   B "C5'" 1 
ATOM   562  C "C4'" . U   B 1 6  ? 15.200  0.329   -8.127  1.00 48.45  ? 29  U   B "C4'" 1 
ATOM   563  O "O4'" . U   B 1 6  ? 15.819  1.307   -9.013  1.00 54.15  ? 29  U   B "O4'" 1 
ATOM   564  C "C3'" . U   B 1 6  ? 14.248  1.182   -7.313  1.00 50.49  ? 29  U   B "C3'" 1 
ATOM   565  O "O3'" . U   B 1 6  ? 13.780  0.546   -6.133  1.00 47.98  ? 29  U   B "O3'" 1 
ATOM   566  C "C2'" . U   B 1 6  ? 15.114  2.407   -7.042  1.00 53.55  ? 29  U   B "C2'" 1 
ATOM   567  O "O2'" . U   B 1 6  ? 16.107  2.233   -6.050  1.00 53.21  ? 29  U   B "O2'" 1 
ATOM   568  C "C1'" . U   B 1 6  ? 15.758  2.600   -8.415  1.00 52.71  ? 29  U   B "C1'" 1 
ATOM   569  N N1    . U   B 1 6  ? 14.931  3.463   -9.267  1.00 54.07  ? 29  U   B N1    1 
ATOM   570  C C2    . U   B 1 6  ? 14.920  4.813   -8.992  1.00 55.59  ? 29  U   B C2    1 
ATOM   571  O O2    . U   B 1 6  ? 15.585  5.300   -8.105  1.00 59.41  ? 29  U   B O2    1 
ATOM   572  N N3    . U   B 1 6  ? 14.106  5.568   -9.797  1.00 54.98  ? 29  U   B N3    1 
ATOM   573  C C4    . U   B 1 6  ? 13.328  5.115   -10.838 1.00 56.23  ? 29  U   B C4    1 
ATOM   574  O O4    . U   B 1 6  ? 12.661  5.917   -11.493 1.00 57.53  ? 29  U   B O4    1 
ATOM   575  C C5    . U   B 1 6  ? 13.402  3.704   -11.065 1.00 56.88  ? 29  U   B C5    1 
ATOM   576  C C6    . U   B 1 6  ? 14.184  2.946   -10.290 1.00 54.88  ? 29  U   B C6    1 
ATOM   577  P P     . C   B 1 7  ? 12.270  0.821   -5.637  1.00 49.16  ? 30  C   B P     1 
ATOM   578  O OP1   . C   B 1 7  ? 12.053  0.014   -4.406  1.00 47.79  ? 30  C   B OP1   1 
ATOM   579  O OP2   . C   B 1 7  ? 11.351  0.649   -6.803  1.00 46.51  ? 30  C   B OP2   1 
ATOM   580  O "O5'" . C   B 1 7  ? 12.261  2.368   -5.248  1.00 43.49  ? 30  C   B "O5'" 1 
ATOM   581  C "C5'" . C   B 1 7  ? 13.028  2.855   -4.159  1.00 42.23  ? 30  C   B "C5'" 1 
ATOM   582  C "C4'" . C   B 1 7  ? 12.880  4.349   -4.055  1.00 44.95  ? 30  C   B "C4'" 1 
ATOM   583  O "O4'" . C   B 1 7  ? 13.228  4.936   -5.336  1.00 47.70  ? 30  C   B "O4'" 1 
ATOM   584  C "C3'" . C   B 1 7  ? 11.474  4.879   -3.821  1.00 46.51  ? 30  C   B "C3'" 1 
ATOM   585  O "O3'" . C   B 1 7  ? 11.115  4.799   -2.448  1.00 46.31  ? 30  C   B "O3'" 1 
ATOM   586  C "C2'" . C   B 1 7  ? 11.618  6.325   -4.288  1.00 47.20  ? 30  C   B "C2'" 1 
ATOM   587  O "O2'" . C   B 1 7  ? 12.301  7.153   -3.368  1.00 45.51  ? 30  C   B "O2'" 1 
ATOM   588  C "C1'" . C   B 1 7  ? 12.501  6.145   -5.521  1.00 47.61  ? 30  C   B "C1'" 1 
ATOM   589  N N1    . C   B 1 7  ? 11.738  6.057   -6.778  1.00 47.14  ? 30  C   B N1    1 
ATOM   590  C C2    . C   B 1 7  ? 11.081  7.198   -7.237  1.00 47.75  ? 30  C   B C2    1 
ATOM   591  O O2    . C   B 1 7  ? 11.141  8.236   -6.559  1.00 48.69  ? 30  C   B O2    1 
ATOM   592  N N3    . C   B 1 7  ? 10.393  7.144   -8.405  1.00 46.19  ? 30  C   B N3    1 
ATOM   593  C C4    . C   B 1 7  ? 10.343  6.004   -9.095  1.00 46.71  ? 30  C   B C4    1 
ATOM   594  N N4    . C   B 1 7  ? 9.654   5.997   -10.240 1.00 49.30  ? 30  C   B N4    1 
ATOM   595  C C5    . C   B 1 7  ? 10.997  4.821   -8.643  1.00 47.13  ? 30  C   B C5    1 
ATOM   596  C C6    . C   B 1 7  ? 11.678  4.892   -7.491  1.00 47.49  ? 30  C   B C6    1 
ATOM   597  P P     . A   B 1 8  ? 9.571   4.936   -2.017  1.00 46.91  ? 31  A   B P     1 
ATOM   598  O OP1   . A   B 1 8  ? 9.497   4.855   -0.530  1.00 44.11  ? 31  A   B OP1   1 
ATOM   599  O OP2   . A   B 1 8  ? 8.787   3.986   -2.857  1.00 43.17  ? 31  A   B OP2   1 
ATOM   600  O "O5'" . A   B 1 8  ? 9.172   6.420   -2.435  1.00 44.20  ? 31  A   B "O5'" 1 
ATOM   601  C "C5'" . A   B 1 8  ? 9.765   7.542   -1.793  1.00 43.20  ? 31  A   B "C5'" 1 
ATOM   602  C "C4'" . A   B 1 8  ? 9.144   8.814   -2.304  1.00 45.22  ? 31  A   B "C4'" 1 
ATOM   603  O "O4'" . A   B 1 8  ? 9.499   9.008   -3.700  1.00 44.98  ? 31  A   B "O4'" 1 
ATOM   604  C "C3'" . A   B 1 8  ? 7.626   8.818   -2.311  1.00 46.34  ? 31  A   B "C3'" 1 
ATOM   605  O "O3'" . A   B 1 8  ? 7.107   9.118   -1.023  1.00 45.99  ? 31  A   B "O3'" 1 
ATOM   606  C "C2'" . A   B 1 8  ? 7.332   9.891   -3.347  1.00 46.48  ? 31  A   B "C2'" 1 
ATOM   607  O "O2'" . A   B 1 8  ? 7.520   11.193  -2.842  1.00 46.46  ? 31  A   B "O2'" 1 
ATOM   608  C "C1'" . A   B 1 8  ? 8.400   9.576   -4.397  1.00 46.91  ? 31  A   B "C1'" 1 
ATOM   609  N N9    . A   B 1 8  ? 7.952   8.614   -5.410  1.00 50.20  ? 31  A   B N9    1 
ATOM   610  C C8    . A   B 1 8  ? 8.228   7.265   -5.480  1.00 52.15  ? 31  A   B C8    1 
ATOM   611  N N7    . A   B 1 8  ? 7.669   6.660   -6.506  1.00 50.65  ? 31  A   B N7    1 
ATOM   612  C C5    . A   B 1 8  ? 6.984   7.679   -7.160  1.00 49.95  ? 31  A   B C5    1 
ATOM   613  C C6    . A   B 1 8  ? 6.187   7.694   -8.326  1.00 46.37  ? 31  A   B C6    1 
ATOM   614  N N6    . A   B 1 8  ? 5.931   6.621   -9.071  1.00 45.71  ? 31  A   B N6    1 
ATOM   615  N N1    . A   B 1 8  ? 5.657   8.872   -8.705  1.00 46.64  ? 31  A   B N1    1 
ATOM   616  C C2    . A   B 1 8  ? 5.909   9.959   -7.964  1.00 49.87  ? 31  A   B C2    1 
ATOM   617  N N3    . A   B 1 8  ? 6.635   10.076  -6.852  1.00 51.28  ? 31  A   B N3    1 
ATOM   618  C C4    . A   B 1 8  ? 7.152   8.887   -6.497  1.00 50.79  ? 31  A   B C4    1 
ATOM   619  P P     . C   B 1 9  ? 5.751   8.411   -0.528  1.00 46.42  ? 32  C   B P     1 
ATOM   620  O OP1   . C   B 1 9  ? 5.486   8.823   0.876   1.00 47.25  ? 32  C   B OP1   1 
ATOM   621  O OP2   . C   B 1 9  ? 5.827   6.966   -0.867  1.00 47.04  ? 32  C   B OP2   1 
ATOM   622  O "O5'" . C   B 1 9  ? 4.640   9.072   -1.458  1.00 46.76  ? 32  C   B "O5'" 1 
ATOM   623  C "C5'" . C   B 1 9  ? 4.412   10.477  -1.431  1.00 40.92  ? 32  C   B "C5'" 1 
ATOM   624  C "C4'" . C   B 1 9  ? 3.428   10.858  -2.504  1.00 39.67  ? 32  C   B "C4'" 1 
ATOM   625  O "O4'" . C   B 1 9  ? 4.007   10.598  -3.809  1.00 35.83  ? 32  C   B "O4'" 1 
ATOM   626  C "C3'" . C   B 1 9  ? 2.139   10.055  -2.539  1.00 41.02  ? 32  C   B "C3'" 1 
ATOM   627  O "O3'" . C   B 1 9  ? 1.195   10.515  -1.582  1.00 44.60  ? 32  C   B "O3'" 1 
ATOM   628  C "C2'" . C   B 1 9  ? 1.656   10.335  -3.951  1.00 40.57  ? 32  C   B "C2'" 1 
ATOM   629  O "O2'" . C   B 1 9  ? 1.053   11.607  -4.064  1.00 41.30  ? 32  C   B "O2'" 1 
ATOM   630  C "C1'" . C   B 1 9  ? 2.972   10.286  -4.727  1.00 38.70  ? 32  C   B "C1'" 1 
ATOM   631  N N1    . C   B 1 9  ? 3.235   8.950   -5.282  1.00 40.11  ? 32  C   B N1    1 
ATOM   632  C C2    . C   B 1 9  ? 2.611   8.587   -6.483  1.00 36.54  ? 32  C   B C2    1 
ATOM   633  O O2    . C   B 1 9  ? 1.855   9.408   -7.037  1.00 30.78  ? 32  C   B O2    1 
ATOM   634  N N3    . C   B 1 9  ? 2.849   7.357   -7.006  1.00 34.65  ? 32  C   B N3    1 
ATOM   635  C C4    . C   B 1 9  ? 3.670   6.508   -6.373  1.00 35.89  ? 32  C   B C4    1 
ATOM   636  N N4    . C   B 1 9  ? 3.882   5.306   -6.923  1.00 34.18  ? 32  C   B N4    1 
ATOM   637  C C5    . C   B 1 9  ? 4.313   6.852   -5.146  1.00 35.34  ? 32  C   B C5    1 
ATOM   638  C C6    . C   B 1 9  ? 4.071   8.072   -4.642  1.00 39.99  ? 32  C   B C6    1 
ATOM   639  P P     . G   B 1 10 ? 0.141   9.479   -0.941  1.00 48.77  ? 33  G   B P     1 
ATOM   640  O OP1   . G   B 1 10 ? -0.536  10.183  0.185   1.00 46.44  ? 33  G   B OP1   1 
ATOM   641  O OP2   . G   B 1 10 ? 0.843   8.189   -0.698  1.00 46.67  ? 33  G   B OP2   1 
ATOM   642  O "O5'" . G   B 1 10 ? -0.933  9.238   -2.092  1.00 45.36  ? 33  G   B "O5'" 1 
ATOM   643  C "C5'" . G   B 1 10 ? -1.835  10.270  -2.462  1.00 44.90  ? 33  G   B "C5'" 1 
ATOM   644  C "C4'" . G   B 1 10 ? -2.684  9.837   -3.630  1.00 43.84  ? 33  G   B "C4'" 1 
ATOM   645  O "O4'" . G   B 1 10 ? -1.835  9.575   -4.783  1.00 44.05  ? 33  G   B "O4'" 1 
ATOM   646  C "C3'" . G   B 1 10 ? -3.440  8.530   -3.468  1.00 46.23  ? 33  G   B "C3'" 1 
ATOM   647  O "O3'" . G   B 1 10 ? -4.606  8.642   -2.659  1.00 47.24  ? 33  G   B "O3'" 1 
ATOM   648  C "C2'" . G   B 1 10 ? -3.746  8.204   -4.917  1.00 43.94  ? 33  G   B "C2'" 1 
ATOM   649  O "O2'" . G   B 1 10 ? -4.708  9.086   -5.450  1.00 39.45  ? 33  G   B "O2'" 1 
ATOM   650  C "C1'" . G   B 1 10 ? -2.387  8.505   -5.545  1.00 42.10  ? 33  G   B "C1'" 1 
ATOM   651  N N9    . G   B 1 10 ? -1.460  7.380   -5.476  1.00 39.05  ? 33  G   B N9    1 
ATOM   652  C C8    . G   B 1 10 ? -0.391  7.245   -4.625  1.00 40.17  ? 33  G   B C8    1 
ATOM   653  N N7    . G   B 1 10 ? 0.295   6.150   -4.834  1.00 44.08  ? 33  G   B N7    1 
ATOM   654  C C5    . G   B 1 10 ? -0.369  5.520   -5.882  1.00 39.81  ? 33  G   B C5    1 
ATOM   655  C C6    . G   B 1 10 ? -0.075  4.297   -6.569  1.00 37.82  ? 33  G   B C6    1 
ATOM   656  O O6    . G   B 1 10 ? 0.882   3.517   -6.403  1.00 38.50  ? 33  G   B O6    1 
ATOM   657  N N1    . G   B 1 10 ? -1.023  4.026   -7.549  1.00 35.59  ? 33  G   B N1    1 
ATOM   658  C C2    . G   B 1 10 ? -2.101  4.829   -7.850  1.00 36.63  ? 33  G   B C2    1 
ATOM   659  N N2    . G   B 1 10 ? -2.909  4.390   -8.832  1.00 33.97  ? 33  G   B N2    1 
ATOM   660  N N3    . G   B 1 10 ? -2.372  5.974   -7.236  1.00 36.32  ? 33  G   B N3    1 
ATOM   661  C C4    . G   B 1 10 ? -1.471  6.256   -6.273  1.00 39.28  ? 33  G   B C4    1 
ATOM   662  P P     . C   B 1 11 ? -5.030  7.412   -1.704  1.00 46.97  ? 34  C   B P     1 
ATOM   663  O OP1   . C   B 1 11 ? -6.023  7.915   -0.724  1.00 47.44  ? 34  C   B OP1   1 
ATOM   664  O OP2   . C   B 1 11 ? -3.785  6.758   -1.210  1.00 47.45  ? 34  C   B OP2   1 
ATOM   665  O "O5'" . C   B 1 11 ? -5.761  6.407   -2.701  1.00 45.14  ? 34  C   B "O5'" 1 
ATOM   666  C "C5'" . C   B 1 11 ? -6.897  6.828   -3.445  1.00 42.75  ? 34  C   B "C5'" 1 
ATOM   667  C "C4'" . C   B 1 11 ? -7.253  5.798   -4.488  1.00 43.62  ? 34  C   B "C4'" 1 
ATOM   668  O "O4'" . C   B 1 11 ? -6.193  5.706   -5.480  1.00 42.84  ? 34  C   B "O4'" 1 
ATOM   669  C "C3'" . C   B 1 11 ? -7.414  4.368   -3.998  1.00 45.51  ? 34  C   B "C3'" 1 
ATOM   670  O "O3'" . C   B 1 11 ? -8.697  4.137   -3.437  1.00 45.23  ? 34  C   B "O3'" 1 
ATOM   671  C "C2'" . C   B 1 11 ? -7.219  3.580   -5.287  1.00 45.29  ? 34  C   B "C2'" 1 
ATOM   672  O "O2'" . C   B 1 11 ? -8.357  3.568   -6.124  1.00 50.14  ? 34  C   B "O2'" 1 
ATOM   673  C "C1'" . C   B 1 11 ? -6.075  4.361   -5.926  1.00 41.23  ? 34  C   B "C1'" 1 
ATOM   674  N N1    . C   B 1 11 ? -4.781  3.845   -5.479  1.00 37.15  ? 34  C   B N1    1 
ATOM   675  C C2    . C   B 1 11 ? -4.288  2.677   -6.073  1.00 35.97  ? 34  C   B C2    1 
ATOM   676  O O2    . C   B 1 11 ? -4.971  2.124   -6.962  1.00 31.93  ? 34  C   B O2    1 
ATOM   677  N N3    . C   B 1 11 ? -3.086  2.187   -5.669  1.00 33.01  ? 34  C   B N3    1 
ATOM   678  C C4    . C   B 1 11 ? -2.387  2.833   -4.721  1.00 33.71  ? 34  C   B C4    1 
ATOM   679  N N4    . C   B 1 11 ? -1.203  2.335   -4.361  1.00 32.24  ? 34  C   B N4    1 
ATOM   680  C C5    . C   B 1 11 ? -2.875  4.022   -4.100  1.00 33.99  ? 34  C   B C5    1 
ATOM   681  C C6    . C   B 1 11 ? -4.065  4.486   -4.504  1.00 35.09  ? 34  C   B C6    1 
ATOM   682  P P     . C   B 1 12 ? -8.884  2.985   -2.326  1.00 46.80  ? 35  C   B P     1 
ATOM   683  O OP1   . C   B 1 12 ? -10.301 3.035   -1.891  1.00 48.90  ? 35  C   B OP1   1 
ATOM   684  O OP2   . C   B 1 12 ? -7.804  3.122   -1.320  1.00 44.90  ? 35  C   B OP2   1 
ATOM   685  O "O5'" . C   B 1 12 ? -8.637  1.619   -3.118  1.00 48.07  ? 35  C   B "O5'" 1 
ATOM   686  C "C5'" . C   B 1 12 ? -9.600  1.127   -4.052  1.00 48.18  ? 35  C   B "C5'" 1 
ATOM   687  C "C4'" . C   B 1 12 ? -9.133  -0.176  -4.663  1.00 47.29  ? 35  C   B "C4'" 1 
ATOM   688  O "O4'" . C   B 1 12 ? -7.936  0.036   -5.464  1.00 46.26  ? 35  C   B "O4'" 1 
ATOM   689  C "C3'" . C   B 1 12 ? -8.708  -1.267  -3.696  1.00 50.87  ? 35  C   B "C3'" 1 
ATOM   690  O "O3'" . C   B 1 12 ? -9.808  -1.914  -3.056  1.00 55.08  ? 35  C   B "O3'" 1 
ATOM   691  C "C2'" . C   B 1 12 ? -7.890  -2.164  -4.616  1.00 47.40  ? 35  C   B "C2'" 1 
ATOM   692  O "O2'" . C   B 1 12 ? -8.660  -2.896  -5.543  1.00 48.70  ? 35  C   B "O2'" 1 
ATOM   693  C "C1'" . C   B 1 12 ? -7.089  -1.107  -5.368  1.00 44.46  ? 35  C   B "C1'" 1 
ATOM   694  N N1    . C   B 1 12 ? -5.872  -0.736  -4.625  1.00 40.98  ? 35  C   B N1    1 
ATOM   695  C C2    . C   B 1 12 ? -4.729  -1.520  -4.795  1.00 40.39  ? 35  C   B C2    1 
ATOM   696  O O2    . C   B 1 12 ? -4.783  -2.493  -5.574  1.00 38.48  ? 35  C   B O2    1 
ATOM   697  N N3    . C   B 1 12 ? -3.600  -1.201  -4.108  1.00 38.54  ? 35  C   B N3    1 
ATOM   698  C C4    . C   B 1 12 ? -3.595  -0.152  -3.278  1.00 36.74  ? 35  C   B C4    1 
ATOM   699  N N4    . C   B 1 12 ? -2.471  0.111   -2.607  1.00 31.89  ? 35  C   B N4    1 
ATOM   700  C C5    . C   B 1 12 ? -4.746  0.667   -3.098  1.00 36.38  ? 35  C   B C5    1 
ATOM   701  C C6    . C   B 1 12 ? -5.852  0.343   -3.783  1.00 37.93  ? 35  C   B C6    1 
ATOM   702  P P     . G   B 1 13 ? -9.596  -2.610  -1.616  1.00 55.79  ? 36  G   B P     1 
ATOM   703  O OP1   . G   B 1 13 ? -10.936 -3.114  -1.200  1.00 52.86  ? 36  G   B OP1   1 
ATOM   704  O OP2   . G   B 1 13 ? -8.838  -1.689  -0.717  1.00 49.28  ? 36  G   B OP2   1 
ATOM   705  O "O5'" . G   B 1 13 ? -8.686  -3.876  -1.954  1.00 49.86  ? 36  G   B "O5'" 1 
ATOM   706  C "C5'" . G   B 1 13 ? -9.175  -4.876  -2.842  1.00 49.10  ? 36  G   B "C5'" 1 
ATOM   707  C "C4'" . G   B 1 13 ? -8.081  -5.835  -3.220  1.00 46.72  ? 36  G   B "C4'" 1 
ATOM   708  O "O4'" . G   B 1 13 ? -6.970  -5.089  -3.773  1.00 47.52  ? 36  G   B "O4'" 1 
ATOM   709  C "C3'" . G   B 1 13 ? -7.429  -6.615  -2.097  1.00 46.86  ? 36  G   B "C3'" 1 
ATOM   710  O "O3'" . G   B 1 13 ? -8.228  -7.710  -1.656  1.00 50.39  ? 36  G   B "O3'" 1 
ATOM   711  C "C2'" . G   B 1 13 ? -6.149  -7.063  -2.780  1.00 43.46  ? 36  G   B "C2'" 1 
ATOM   712  O "O2'" . G   B 1 13 ? -6.379  -8.060  -3.746  1.00 38.18  ? 36  G   B "O2'" 1 
ATOM   713  C "C1'" . G   B 1 13 ? -5.758  -5.775  -3.495  1.00 43.37  ? 36  G   B "C1'" 1 
ATOM   714  N N9    . G   B 1 13 ? -4.911  -4.904  -2.685  1.00 38.25  ? 36  G   B N9    1 
ATOM   715  C C8    . G   B 1 13 ? -5.250  -3.700  -2.116  1.00 35.35  ? 36  G   B C8    1 
ATOM   716  N N7    . G   B 1 13 ? -4.260  -3.140  -1.475  1.00 33.10  ? 36  G   B N7    1 
ATOM   717  C C5    . G   B 1 13 ? -3.206  -4.031  -1.631  1.00 32.71  ? 36  G   B C5    1 
ATOM   718  C C6    . G   B 1 13 ? -1.864  -3.963  -1.164  1.00 30.03  ? 36  G   B C6    1 
ATOM   719  O O6    . G   B 1 13 ? -1.318  -3.061  -0.522  1.00 27.81  ? 36  G   B O6    1 
ATOM   720  N N1    . G   B 1 13 ? -1.139  -5.093  -1.527  1.00 28.38  ? 36  G   B N1    1 
ATOM   721  C C2    . G   B 1 13 ? -1.637  -6.153  -2.254  1.00 31.18  ? 36  G   B C2    1 
ATOM   722  N N2    . G   B 1 13 ? -0.786  -7.163  -2.501  1.00 30.32  ? 36  G   B N2    1 
ATOM   723  N N3    . G   B 1 13 ? -2.877  -6.220  -2.707  1.00 31.60  ? 36  G   B N3    1 
ATOM   724  C C4    . G   B 1 13 ? -3.599  -5.132  -2.360  1.00 34.23  ? 36  G   B C4    1 
ATOM   725  P P     . G   B 1 14 ? -8.120  -8.204  -0.125  1.00 50.51  ? 37  G   B P     1 
ATOM   726  O OP1   . G   B 1 14 ? -9.256  -9.123  0.124   1.00 50.74  ? 37  G   B OP1   1 
ATOM   727  O OP2   . G   B 1 14 ? -7.951  -7.001  0.733   1.00 48.45  ? 37  G   B OP2   1 
ATOM   728  O "O5'" . G   B 1 14 ? -6.759  -9.037  -0.084  1.00 46.04  ? 37  G   B "O5'" 1 
ATOM   729  C "C5'" . G   B 1 14 ? -6.476  -10.034 -1.066  1.00 45.41  ? 37  G   B "C5'" 1 
ATOM   730  C "C4'" . G   B 1 14 ? -5.015  -10.426 -1.012  1.00 47.63  ? 37  G   B "C4'" 1 
ATOM   731  O "O4'" . G   B 1 14 ? -4.194  -9.307  -1.451  1.00 47.96  ? 37  G   B "O4'" 1 
ATOM   732  C "C3'" . G   B 1 14 ? -4.448  -10.756 0.365   1.00 47.88  ? 37  G   B "C3'" 1 
ATOM   733  O "O3'" . G   B 1 14 ? -4.761  -12.069 0.816   1.00 48.36  ? 37  G   B "O3'" 1 
ATOM   734  C "C2'" . G   B 1 14 ? -2.961  -10.561 0.135   1.00 44.72  ? 37  G   B "C2'" 1 
ATOM   735  O "O2'" . G   B 1 14 ? -2.378  -11.614 -0.603  1.00 42.74  ? 37  G   B "O2'" 1 
ATOM   736  C "C1'" . G   B 1 14 ? -2.984  -9.285  -0.702  1.00 44.88  ? 37  G   B "C1'" 1 
ATOM   737  N N9    . G   B 1 14 ? -2.972  -8.078  0.117   1.00 42.55  ? 37  G   B N9    1 
ATOM   738  C C8    . G   B 1 14 ? -4.024  -7.237  0.412   1.00 39.05  ? 37  G   B C8    1 
ATOM   739  N N7    . G   B 1 14 ? -3.667  -6.205  1.130   1.00 37.57  ? 37  G   B N7    1 
ATOM   740  C C5    . G   B 1 14 ? -2.299  -6.382  1.327   1.00 37.44  ? 37  G   B C5    1 
ATOM   741  C C6    . G   B 1 14 ? -1.344  -5.575  2.011   1.00 33.69  ? 37  G   B C6    1 
ATOM   742  O O6    . G   B 1 14 ? -1.511  -4.494  2.590   1.00 31.09  ? 37  G   B O6    1 
ATOM   743  N N1    . G   B 1 14 ? -0.079  -6.144  1.972   1.00 36.28  ? 37  G   B N1    1 
ATOM   744  C C2    . G   B 1 14 ? 0.241   -7.338  1.358   1.00 38.96  ? 37  G   B C2    1 
ATOM   745  N N2    . G   B 1 14 ? 1.521   -7.738  1.443   1.00 39.93  ? 37  G   B N2    1 
ATOM   746  N N3    . G   B 1 14 ? -0.628  -8.086  0.710   1.00 37.67  ? 37  G   B N3    1 
ATOM   747  C C4    . G   B 1 14 ? -1.867  -7.551  0.730   1.00 40.07  ? 37  G   B C4    1 
ATOM   748  P P     . C   B 1 15 ? -5.103  -12.308 2.372   1.00 46.28  ? 38  C   B P     1 
ATOM   749  O OP1   . C   B 1 15 ? -5.726  -13.647 2.502   1.00 45.75  ? 38  C   B OP1   1 
ATOM   750  O OP2   . C   B 1 15 ? -5.842  -11.101 2.836   1.00 42.73  ? 38  C   B OP2   1 
ATOM   751  O "O5'" . C   B 1 15 ? -3.675  -12.330 3.086   1.00 43.09  ? 38  C   B "O5'" 1 
ATOM   752  C "C5'" . C   B 1 15 ? -2.704  -13.315 2.749   1.00 39.72  ? 38  C   B "C5'" 1 
ATOM   753  C "C4'" . C   B 1 15 ? -1.334  -12.883 3.219   1.00 42.76  ? 38  C   B "C4'" 1 
ATOM   754  O "O4'" . C   B 1 15 ? -0.997  -11.611 2.603   1.00 46.57  ? 38  C   B "O4'" 1 
ATOM   755  C "C3'" . C   B 1 15 ? -1.190  -12.578 4.700   1.00 45.03  ? 38  C   B "C3'" 1 
ATOM   756  O "O3'" . C   B 1 15 ? -1.060  -13.750 5.484   1.00 48.45  ? 38  C   B "O3'" 1 
ATOM   757  C "C2'" . C   B 1 15 ? 0.068   -11.723 4.713   1.00 44.53  ? 38  C   B "C2'" 1 
ATOM   758  O "O2'" . C   B 1 15 ? 1.275   -12.435 4.569   1.00 41.74  ? 38  C   B "O2'" 1 
ATOM   759  C "C1'" . C   B 1 15 ? -0.177  -10.850 3.486   1.00 45.52  ? 38  C   B "C1'" 1 
ATOM   760  N N1    . C   B 1 15 ? -0.897  -9.630  3.879   1.00 45.81  ? 38  C   B N1    1 
ATOM   761  C C2    . C   B 1 15 ? -0.156  -8.554  4.361   1.00 44.63  ? 38  C   B C2    1 
ATOM   762  O O2    . C   B 1 15 ? 1.082   -8.640  4.363   1.00 45.07  ? 38  C   B O2    1 
ATOM   763  N N3    . C   B 1 15 ? -0.801  -7.450  4.807   1.00 44.65  ? 38  C   B N3    1 
ATOM   764  C C4    . C   B 1 15 ? -2.135  -7.396  4.770   1.00 45.42  ? 38  C   B C4    1 
ATOM   765  N N4    . C   B 1 15 ? -2.731  -6.308  5.256   1.00 42.95  ? 38  C   B N4    1 
ATOM   766  C C5    . C   B 1 15 ? -2.916  -8.465  4.241   1.00 45.51  ? 38  C   B C5    1 
ATOM   767  C C6    . C   B 1 15 ? -2.262  -9.553  3.808   1.00 45.93  ? 38  C   B C6    1 
ATOM   768  P P     . G   B 1 16 ? -1.693  -13.787 6.957   1.00 52.33  ? 39  G   B P     1 
ATOM   769  O OP1   . G   B 1 16 ? -1.608  -15.182 7.458   1.00 54.31  ? 39  G   B OP1   1 
ATOM   770  O OP2   . G   B 1 16 ? -3.017  -13.098 6.901   1.00 48.19  ? 39  G   B OP2   1 
ATOM   771  O "O5'" . G   B 1 16 ? -0.708  -12.886 7.828   1.00 50.83  ? 39  G   B "O5'" 1 
ATOM   772  C "C5'" . G   B 1 16 ? 0.682   -13.177 7.909   1.00 46.88  ? 39  G   B "C5'" 1 
ATOM   773  C "C4'" . G   B 1 16 ? 1.391   -12.078 8.663   1.00 48.42  ? 39  G   B "C4'" 1 
ATOM   774  O "O4'" . G   B 1 16 ? 1.213   -10.835 7.944   1.00 48.78  ? 39  G   B "O4'" 1 
ATOM   775  C "C3'" . G   B 1 16 ? 0.844   -11.788 10.052  1.00 49.28  ? 39  G   B "C3'" 1 
ATOM   776  O "O3'" . G   B 1 16 ? 1.493   -12.627 10.996  1.00 53.23  ? 39  G   B "O3'" 1 
ATOM   777  C "C2'" . G   B 1 16 ? 1.245   -10.334 10.277  1.00 49.14  ? 39  G   B "C2'" 1 
ATOM   778  O "O2'" . G   B 1 16 ? 2.541   -10.196 10.822  1.00 50.77  ? 39  G   B "O2'" 1 
ATOM   779  C "C1'" . G   B 1 16 ? 1.203   -9.757  8.860   1.00 47.81  ? 39  G   B "C1'" 1 
ATOM   780  N N9    . G   B 1 16 ? 0.030   -8.932  8.593   1.00 44.82  ? 39  G   B N9    1 
ATOM   781  C C8    . G   B 1 16 ? -1.132  -9.319  7.970   1.00 43.49  ? 39  G   B C8    1 
ATOM   782  N N7    . G   B 1 16 ? -2.013  -8.359  7.880   1.00 43.36  ? 39  G   B N7    1 
ATOM   783  C C5    . G   B 1 16 ? -1.397  -7.267  8.480   1.00 43.74  ? 39  G   B C5    1 
ATOM   784  C C6    . G   B 1 16 ? -1.874  -5.941  8.697   1.00 42.85  ? 39  G   B C6    1 
ATOM   785  O O6    . G   B 1 16 ? -2.978  -5.466  8.408   1.00 39.59  ? 39  G   B O6    1 
ATOM   786  N N1    . G   B 1 16 ? -0.920  -5.148  9.336   1.00 39.66  ? 39  G   B N1    1 
ATOM   787  C C2    . G   B 1 16 ? 0.326   -5.581  9.735   1.00 38.63  ? 39  G   B C2    1 
ATOM   788  N N2    . G   B 1 16 ? 1.104   -4.678  10.347  1.00 32.54  ? 39  G   B N2    1 
ATOM   789  N N3    . G   B 1 16 ? 0.776   -6.815  9.550   1.00 40.64  ? 39  G   B N3    1 
ATOM   790  C C4    . G   B 1 16 ? -0.134  -7.600  8.920   1.00 43.79  ? 39  G   B C4    1 
ATOM   791  P P     . A   B 1 17 ? 0.628   -13.403 12.113  1.00 59.59  ? 40  A   B P     1 
ATOM   792  O OP1   . A   B 1 17 ? 1.522   -14.457 12.668  1.00 59.31  ? 40  A   B OP1   1 
ATOM   793  O OP2   . A   B 1 17 ? -0.706  -13.784 11.559  1.00 54.96  ? 40  A   B OP2   1 
ATOM   794  O "O5'" . A   B 1 17 ? 0.386   -12.308 13.244  1.00 54.32  ? 40  A   B "O5'" 1 
ATOM   795  C "C5'" . A   B 1 17 ? -0.921  -12.054 13.753  1.00 50.17  ? 40  A   B "C5'" 1 
ATOM   796  C "C4'" . A   B 1 17 ? -0.936  -12.249 15.247  1.00 48.35  ? 40  A   B "C4'" 1 
ATOM   797  O "O4'" . A   B 1 17 ? -0.944  -13.663 15.543  1.00 47.38  ? 40  A   B "O4'" 1 
ATOM   798  C "C3'" . A   B 1 17 ? 0.261   -11.650 15.988  1.00 48.96  ? 40  A   B "C3'" 1 
ATOM   799  O "O3'" . A   B 1 17 ? -0.161  -10.686 16.944  1.00 50.16  ? 40  A   B "O3'" 1 
ATOM   800  C "C2'" . A   B 1 17 ? 0.944   -12.845 16.665  1.00 45.87  ? 40  A   B "C2'" 1 
ATOM   801  O "O2'" . A   B 1 17 ? 1.361   -12.589 17.990  1.00 46.66  ? 40  A   B "O2'" 1 
ATOM   802  C "C1'" . A   B 1 17 ? -0.166  -13.893 16.692  1.00 45.81  ? 40  A   B "C1'" 1 
ATOM   803  N N9    . A   B 1 17 ? 0.360   -15.255 16.626  1.00 44.86  ? 40  A   B N9    1 
ATOM   804  C C8    . A   B 1 17 ? 1.246   -15.769 15.711  1.00 43.57  ? 40  A   B C8    1 
ATOM   805  N N7    . A   B 1 17 ? 1.544   -17.028 15.915  1.00 43.69  ? 40  A   B N7    1 
ATOM   806  C C5    . A   B 1 17 ? 0.805   -17.367 17.038  1.00 44.23  ? 40  A   B C5    1 
ATOM   807  C C6    . A   B 1 17 ? 0.689   -18.559 17.761  1.00 48.04  ? 40  A   B C6    1 
ATOM   808  N N6    . A   B 1 17 ? 1.350   -19.676 17.446  1.00 48.17  ? 40  A   B N6    1 
ATOM   809  N N1    . A   B 1 17 ? -0.138  -18.570 18.834  1.00 49.65  ? 40  A   B N1    1 
ATOM   810  C C2    . A   B 1 17 ? -0.797  -17.445 19.144  1.00 45.46  ? 40  A   B C2    1 
ATOM   811  N N3    . A   B 1 17 ? -0.765  -16.261 18.541  1.00 44.56  ? 40  A   B N3    1 
ATOM   812  C C4    . A   B 1 17 ? 0.067   -16.288 17.484  1.00 43.87  ? 40  A   B C4    1 
ATOM   813  P P     . A   B 1 18 ? -0.001  -9.122  16.625  1.00 49.89  ? 41  A   B P     1 
ATOM   814  O OP1   . A   B 1 18 ? -0.884  -8.814  15.468  1.00 51.41  ? 41  A   B OP1   1 
ATOM   815  O OP2   . A   B 1 18 ? 1.439   -8.777  16.558  1.00 48.38  ? 41  A   B OP2   1 
ATOM   816  O "O5'" . A   B 1 18 ? -0.617  -8.428  17.920  1.00 49.38  ? 41  A   B "O5'" 1 
ATOM   817  C "C5'" . A   B 1 18 ? -1.860  -8.863  18.455  1.00 46.47  ? 41  A   B "C5'" 1 
ATOM   818  C "C4'" . A   B 1 18 ? -1.993  -8.410  19.885  1.00 46.80  ? 41  A   B "C4'" 1 
ATOM   819  O "O4'" . A   B 1 18 ? -1.152  -9.202  20.763  1.00 49.66  ? 41  A   B "O4'" 1 
ATOM   820  C "C3'" . A   B 1 18 ? -1.618  -6.966  20.160  1.00 46.89  ? 41  A   B "C3'" 1 
ATOM   821  O "O3'" . A   B 1 18 ? -2.418  -6.522  21.240  1.00 44.49  ? 41  A   B "O3'" 1 
ATOM   822  C "C2'" . A   B 1 18 ? -0.147  -7.085  20.555  1.00 47.87  ? 41  A   B "C2'" 1 
ATOM   823  O "O2'" . A   B 1 18 ? 0.346   -6.010  21.332  1.00 46.25  ? 41  A   B "O2'" 1 
ATOM   824  C "C1'" . A   B 1 18 ? -0.160  -8.384  21.358  1.00 47.48  ? 41  A   B "C1'" 1 
ATOM   825  N N9    . A   B 1 18 ? 1.098   -9.116  21.283  1.00 49.69  ? 41  A   B N9    1 
ATOM   826  C C8    . A   B 1 18 ? 1.951   -9.195  20.213  1.00 50.34  ? 41  A   B C8    1 
ATOM   827  N N7    . A   B 1 18 ? 2.985   -9.975  20.421  1.00 52.90  ? 41  A   B N7    1 
ATOM   828  C C5    . A   B 1 18 ? 2.808   -10.426 21.721  1.00 51.86  ? 41  A   B C5    1 
ATOM   829  C C6    . A   B 1 18 ? 3.565   -11.285 22.534  1.00 51.99  ? 41  A   B C6    1 
ATOM   830  N N6    . A   B 1 18 ? 4.707   -11.852 22.144  1.00 50.84  ? 41  A   B N6    1 
ATOM   831  N N1    . A   B 1 18 ? 3.107   -11.541 23.778  1.00 54.61  ? 41  A   B N1    1 
ATOM   832  C C2    . A   B 1 18 ? 1.969   -10.956 24.173  1.00 54.95  ? 41  A   B C2    1 
ATOM   833  N N3    . A   B 1 18 ? 1.173   -10.120 23.503  1.00 55.16  ? 41  A   B N3    1 
ATOM   834  C C4    . A   B 1 18 ? 1.654   -9.897  22.269  1.00 52.47  ? 41  A   B C4    1 
ATOM   835  P P     . G   B 1 19 ? -3.831  -5.837  20.938  1.00 44.27  ? 42  G   B P     1 
ATOM   836  O OP1   . G   B 1 19 ? -4.400  -5.401  22.244  1.00 47.00  ? 42  G   B OP1   1 
ATOM   837  O OP2   . G   B 1 19 ? -4.613  -6.742  20.055  1.00 41.23  ? 42  G   B OP2   1 
ATOM   838  O "O5'" . G   B 1 19 ? -3.447  -4.547  20.089  1.00 42.13  ? 42  G   B "O5'" 1 
ATOM   839  C "C5'" . G   B 1 19 ? -2.586  -3.554  20.640  1.00 36.97  ? 42  G   B "C5'" 1 
ATOM   840  C "C4'" . G   B 1 19 ? -2.832  -2.210  19.988  1.00 31.82  ? 42  G   B "C4'" 1 
ATOM   841  O "O4'" . G   B 1 19 ? -2.381  -2.233  18.607  1.00 29.67  ? 42  G   B "O4'" 1 
ATOM   842  C "C3'" . G   B 1 19 ? -4.276  -1.744  19.905  1.00 31.01  ? 42  G   B "C3'" 1 
ATOM   843  O "O3'" . G   B 1 19 ? -4.701  -1.118  21.101  1.00 33.18  ? 42  G   B "O3'" 1 
ATOM   844  C "C2'" . G   B 1 19 ? -4.206  -0.739  18.772  1.00 28.01  ? 42  G   B "C2'" 1 
ATOM   845  O "O2'" . G   B 1 19 ? -3.703  0.499   19.206  1.00 28.57  ? 42  G   B "O2'" 1 
ATOM   846  C "C1'" . G   B 1 19 ? -3.245  -1.444  17.815  1.00 26.58  ? 42  G   B "C1'" 1 
ATOM   847  N N9    . G   B 1 19 ? -3.972  -2.328  16.909  1.00 28.92  ? 42  G   B N9    1 
ATOM   848  C C8    . G   B 1 19 ? -3.936  -3.705  16.836  1.00 26.51  ? 42  G   B C8    1 
ATOM   849  N N7    . G   B 1 19 ? -4.738  -4.186  15.923  1.00 24.80  ? 42  G   B N7    1 
ATOM   850  C C5    . G   B 1 19 ? -5.329  -3.060  15.363  1.00 27.92  ? 42  G   B C5    1 
ATOM   851  C C6    . G   B 1 19 ? -6.292  -2.938  14.329  1.00 29.76  ? 42  G   B C6    1 
ATOM   852  O O6    . G   B 1 19 ? -6.834  -3.837  13.663  1.00 31.20  ? 42  G   B O6    1 
ATOM   853  N N1    . G   B 1 19 ? -6.615  -1.603  14.092  1.00 28.47  ? 42  G   B N1    1 
ATOM   854  C C2    . G   B 1 19 ? -6.084  -0.530  14.761  1.00 27.15  ? 42  G   B C2    1 
ATOM   855  N N2    . G   B 1 19 ? -6.531  0.686   14.409  1.00 31.53  ? 42  G   B N2    1 
ATOM   856  N N3    . G   B 1 19 ? -5.187  -0.634  15.709  1.00 26.93  ? 42  G   B N3    1 
ATOM   857  C C4    . G   B 1 19 ? -4.861  -1.910  15.960  1.00 26.98  ? 42  G   B C4    1 
ATOM   858  P P     . U   B 1 20 ? -6.258  -1.147  21.496  1.00 39.47  ? 43  U   B P     1 
ATOM   859  O OP1   . U   B 1 20 ? -6.451  -0.399  22.778  1.00 40.09  ? 43  U   B OP1   1 
ATOM   860  O OP2   . U   B 1 20 ? -6.702  -2.565  21.389  1.00 35.18  ? 43  U   B OP2   1 
ATOM   861  O "O5'" . U   B 1 20 ? -6.950  -0.294  20.345  1.00 38.73  ? 43  U   B "O5'" 1 
ATOM   862  C "C5'" . U   B 1 20 ? -6.665  1.092   20.216  1.00 37.31  ? 43  U   B "C5'" 1 
ATOM   863  C "C4'" . U   B 1 20 ? -7.601  1.732   19.225  1.00 37.17  ? 43  U   B "C4'" 1 
ATOM   864  O "O4'" . U   B 1 20 ? -7.334  1.243   17.882  1.00 36.61  ? 43  U   B "O4'" 1 
ATOM   865  C "C3'" . U   B 1 20 ? -9.081  1.466   19.421  1.00 35.04  ? 43  U   B "C3'" 1 
ATOM   866  O "O3'" . U   B 1 20 ? -9.615  2.317   20.419  1.00 37.49  ? 43  U   B "O3'" 1 
ATOM   867  C "C2'" . U   B 1 20 ? -9.618  1.823   18.046  1.00 34.66  ? 43  U   B "C2'" 1 
ATOM   868  O "O2'" . U   B 1 20 ? -9.654  3.224   17.842  1.00 30.11  ? 43  U   B "O2'" 1 
ATOM   869  C "C1'" . U   B 1 20 ? -8.546  1.198   17.149  1.00 33.49  ? 43  U   B "C1'" 1 
ATOM   870  N N1    . U   B 1 20 ? -8.803  -0.207  16.811  1.00 33.53  ? 43  U   B N1    1 
ATOM   871  C C2    . U   B 1 20 ? -9.814  -0.492  15.911  1.00 33.11  ? 43  U   B C2    1 
ATOM   872  O O2    . U   B 1 20 ? -10.528 0.368   15.413  1.00 35.77  ? 43  U   B O2    1 
ATOM   873  N N3    . U   B 1 20 ? -9.964  -1.825  15.619  1.00 27.50  ? 43  U   B N3    1 
ATOM   874  C C4    . U   B 1 20 ? -9.234  -2.872  16.134  1.00 29.17  ? 43  U   B C4    1 
ATOM   875  O O4    . U   B 1 20 ? -9.515  -4.017  15.803  1.00 33.94  ? 43  U   B O4    1 
ATOM   876  C C5    . U   B 1 20 ? -8.223  -2.499  17.069  1.00 30.54  ? 43  U   B C5    1 
ATOM   877  C C6    . U   B 1 20 ? -8.047  -1.210  17.369  1.00 33.77  ? 43  U   B C6    1 
ATOM   878  P P     . C   B 1 21 ? -10.753 1.760   21.406  1.00 41.67  ? 44  C   B P     1 
ATOM   879  O OP1   . C   B 1 21 ? -10.715 2.577   22.646  1.00 40.13  ? 44  C   B OP1   1 
ATOM   880  O OP2   . C   B 1 21 ? -10.580 0.278   21.481  1.00 41.10  ? 44  C   B OP2   1 
ATOM   881  O "O5'" . C   B 1 21 ? -12.129 2.036   20.647  1.00 39.47  ? 44  C   B "O5'" 1 
ATOM   882  C "C5'" . C   B 1 21 ? -12.504 3.349   20.261  1.00 32.37  ? 44  C   B "C5'" 1 
ATOM   883  C "C4'" . C   B 1 21 ? -13.375 3.302   19.026  1.00 34.19  ? 44  C   B "C4'" 1 
ATOM   884  O "O4'" . C   B 1 21 ? -12.658 2.657   17.940  1.00 36.73  ? 44  C   B "O4'" 1 
ATOM   885  C "C3'" . C   B 1 21 ? -14.682 2.532   19.102  1.00 32.13  ? 44  C   B "C3'" 1 
ATOM   886  O "O3'" . C   B 1 21 ? -15.686 3.368   19.654  1.00 29.83  ? 44  C   B "O3'" 1 
ATOM   887  C "C2'" . C   B 1 21 ? -14.971 2.298   17.624  1.00 33.39  ? 44  C   B "C2'" 1 
ATOM   888  O "O2'" . C   B 1 21 ? -15.454 3.460   16.984  1.00 31.66  ? 44  C   B "O2'" 1 
ATOM   889  C "C1'" . C   B 1 21 ? -13.574 1.983   17.095  1.00 34.38  ? 44  C   B "C1'" 1 
ATOM   890  N N1    . C   B 1 21 ? -13.269 0.547   17.134  1.00 36.16  ? 44  C   B N1    1 
ATOM   891  C C2    . C   B 1 21 ? -13.761 -0.279  16.109  1.00 37.12  ? 44  C   B C2    1 
ATOM   892  O O2    . C   B 1 21 ? -14.391 0.237   15.168  1.00 38.21  ? 44  C   B O2    1 
ATOM   893  N N3    . C   B 1 21 ? -13.534 -1.616  16.173  1.00 35.40  ? 44  C   B N3    1 
ATOM   894  C C4    . C   B 1 21 ? -12.845 -2.127  17.197  1.00 31.85  ? 44  C   B C4    1 
ATOM   895  N N4    . C   B 1 21 ? -12.682 -3.445  17.244  1.00 31.67  ? 44  C   B N4    1 
ATOM   896  C C5    . C   B 1 21 ? -12.303 -1.304  18.228  1.00 34.11  ? 44  C   B C5    1 
ATOM   897  C C6    . C   B 1 21 ? -12.535 0.014   18.158  1.00 33.17  ? 44  C   B C6    1 
ATOM   898  P P     . G   B 1 22 ? -17.021 2.718   20.259  1.00 32.55  ? 45  G   B P     1 
ATOM   899  O OP1   . G   B 1 22 ? -17.841 3.787   20.905  1.00 28.66  ? 45  G   B OP1   1 
ATOM   900  O OP2   . G   B 1 22 ? -16.583 1.545   21.053  1.00 35.36  ? 45  G   B OP2   1 
ATOM   901  O "O5'" . G   B 1 22 ? -17.825 2.185   18.994  1.00 33.65  ? 45  G   B "O5'" 1 
ATOM   902  C "C5'" . G   B 1 22 ? -18.543 3.084   18.153  1.00 34.79  ? 45  G   B "C5'" 1 
ATOM   903  C "C4'" . G   B 1 22 ? -19.354 2.312   17.139  1.00 37.35  ? 45  G   B "C4'" 1 
ATOM   904  O "O4'" . G   B 1 22 ? -18.461 1.516   16.311  1.00 39.67  ? 45  G   B "O4'" 1 
ATOM   905  C "C3'" . G   B 1 22 ? -20.332 1.299   17.714  1.00 35.82  ? 45  G   B "C3'" 1 
ATOM   906  O "O3'" . G   B 1 22 ? -21.566 1.935   18.014  1.00 35.97  ? 45  G   B "O3'" 1 
ATOM   907  C "C2'" . G   B 1 22 ? -20.505 0.337   16.551  1.00 35.25  ? 45  G   B "C2'" 1 
ATOM   908  O "O2'" . G   B 1 22 ? -21.384 0.844   15.574  1.00 34.56  ? 45  G   B "O2'" 1 
ATOM   909  C "C1'" . G   B 1 22 ? -19.083 0.287   15.990  1.00 37.33  ? 45  G   B "C1'" 1 
ATOM   910  N N9    . G   B 1 22 ? -18.285 -0.803  16.543  1.00 37.21  ? 45  G   B N9    1 
ATOM   911  C C8    . G   B 1 22 ? -17.308 -0.734  17.511  1.00 39.05  ? 45  G   B C8    1 
ATOM   912  N N7    . G   B 1 22 ? -16.774 -1.899  17.784  1.00 37.29  ? 45  G   B N7    1 
ATOM   913  C C5    . G   B 1 22 ? -17.444 -2.784  16.948  1.00 36.89  ? 45  G   B C5    1 
ATOM   914  C C6    . G   B 1 22 ? -17.312 -4.180  16.792  1.00 34.61  ? 45  G   B C6    1 
ATOM   915  O O6    . G   B 1 22 ? -16.553 -4.947  17.376  1.00 34.61  ? 45  G   B O6    1 
ATOM   916  N N1    . G   B 1 22 ? -18.192 -4.674  15.836  1.00 36.40  ? 45  G   B N1    1 
ATOM   917  C C2    . G   B 1 22 ? -19.085 -3.922  15.116  1.00 34.86  ? 45  G   B C2    1 
ATOM   918  N N2    . G   B 1 22 ? -19.836 -4.572  14.223  1.00 33.05  ? 45  G   B N2    1 
ATOM   919  N N3    . G   B 1 22 ? -19.226 -2.623  15.256  1.00 37.55  ? 45  G   B N3    1 
ATOM   920  C C4    . G   B 1 22 ? -18.378 -2.121  16.179  1.00 37.97  ? 45  G   B C4    1 
ATOM   921  P P     . C   B 1 23 ? -22.398 1.488   19.316  1.00 37.15  ? 46  C   B P     1 
ATOM   922  O OP1   . C   B 1 23 ? -23.430 2.526   19.562  1.00 35.63  ? 46  C   B OP1   1 
ATOM   923  O OP2   . C   B 1 23 ? -21.416 1.157   20.388  1.00 36.87  ? 46  C   B OP2   1 
ATOM   924  O "O5'" . C   B 1 23 ? -23.129 0.143   18.863  1.00 36.37  ? 46  C   B "O5'" 1 
ATOM   925  C "C5'" . C   B 1 23 ? -24.052 0.149   17.779  1.00 38.99  ? 46  C   B "C5'" 1 
ATOM   926  C "C4'" . C   B 1 23 ? -24.249 -1.246  17.253  1.00 39.98  ? 46  C   B "C4'" 1 
ATOM   927  O "O4'" . C   B 1 23 ? -22.959 -1.783  16.889  1.00 43.19  ? 46  C   B "O4'" 1 
ATOM   928  C "C3'" . C   B 1 23 ? -24.781 -2.253  18.256  1.00 43.42  ? 46  C   B "C3'" 1 
ATOM   929  O "O3'" . C   B 1 23 ? -26.188 -2.158  18.451  1.00 46.05  ? 46  C   B "O3'" 1 
ATOM   930  C "C2'" . C   B 1 23 ? -24.320 -3.582  17.666  1.00 44.97  ? 46  C   B "C2'" 1 
ATOM   931  O "O2'" . C   B 1 23 ? -25.202 -4.079  16.676  1.00 43.39  ? 46  C   B "O2'" 1 
ATOM   932  C "C1'" . C   B 1 23 ? -22.972 -3.195  17.045  1.00 46.39  ? 46  C   B "C1'" 1 
ATOM   933  N N1    . C   B 1 23 ? -21.796 -3.593  17.850  1.00 48.09  ? 46  C   B N1    1 
ATOM   934  C C2    . C   B 1 23 ? -21.247 -4.868  17.655  1.00 47.27  ? 46  C   B C2    1 
ATOM   935  O O2    . C   B 1 23 ? -21.753 -5.613  16.809  1.00 48.44  ? 46  C   B O2    1 
ATOM   936  N N3    . C   B 1 23 ? -20.180 -5.251  18.391  1.00 46.60  ? 46  C   B N3    1 
ATOM   937  C C4    . C   B 1 23 ? -19.663 -4.417  19.297  1.00 46.00  ? 46  C   B C4    1 
ATOM   938  N N4    . C   B 1 23 ? -18.612 -4.842  20.007  1.00 44.41  ? 46  C   B N4    1 
ATOM   939  C C5    . C   B 1 23 ? -20.198 -3.110  19.514  1.00 43.83  ? 46  C   B C5    1 
ATOM   940  C C6    . C   B 1 23 ? -21.251 -2.742  18.775  1.00 45.42  ? 46  C   B C6    1 
HETATM 941  C C11   . 6HS C 2 .  ? 4.327   6.150   -12.777 1.00 33.74  ? 101 6HS A C11   1 
HETATM 942  C C12   . 6HS C 2 .  ? 8.864   7.801   -15.107 1.00 37.73  ? 101 6HS A C12   1 
HETATM 943  C C13   . 6HS C 2 .  ? 10.640  5.025   -13.769 1.00 36.21  ? 101 6HS A C13   1 
HETATM 944  C C21   . 6HS C 2 .  ? 2.995   5.496   -13.349 1.00 33.49  ? 101 6HS A C21   1 
HETATM 945  C C22   . 6HS C 2 .  ? 7.944   9.019   -14.650 1.00 37.33  ? 101 6HS A C22   1 
HETATM 946  C C23   . 6HS C 2 .  ? 11.513  4.239   -14.804 1.00 37.14  ? 101 6HS A C23   1 
HETATM 947  C C31   . 6HS C 2 .  ? 1.942   6.608   -13.706 1.00 30.92  ? 101 6HS A C31   1 
HETATM 948  C C32   . 6HS C 2 .  ? 6.433   8.547   -14.712 1.00 36.34  ? 101 6HS A C32   1 
HETATM 949  C C33   . 6HS C 2 .  ? 10.689  3.001   -15.314 1.00 39.13  ? 101 6HS A C33   1 
HETATM 950  C C41   . 6HS C 2 .  ? 1.928   7.773   -12.629 1.00 30.56  ? 101 6HS A C41   1 
HETATM 951  C C42   . 6HS C 2 .  ? 6.238   7.320   -13.731 1.00 35.73  ? 101 6HS A C42   1 
HETATM 952  C C43   . 6HS C 2 .  ? 10.355  2.036   -14.047 1.00 36.74  ? 101 6HS A C43   1 
HETATM 953  C C51   . 6HS C 2 .  ? 2.911   7.884   -11.703 1.00 28.09  ? 101 6HS A C51   1 
HETATM 954  C C52   . 6HS C 2 .  ? 7.176   6.123   -14.180 1.00 35.70  ? 101 6HS A C52   1 
HETATM 955  C C53   . 6HS C 2 .  ? 9.520   2.836   -13.003 1.00 34.84  ? 101 6HS A C53   1 
HETATM 956  C C61   . 6HS C 2 .  ? 2.939   8.982   -10.666 1.00 26.61  ? 101 6HS A C61   1 
HETATM 957  C C62   . 6HS C 2 .  ? 8.678   6.597   -14.125 1.00 36.57  ? 101 6HS A C62   1 
HETATM 958  C C83   . 6HS C 2 .  ? 9.541   0.783   -14.397 1.00 36.42  ? 101 6HS A C83   1 
HETATM 959  C C93   . 6HS C 2 .  ? 11.127  2.431   -17.737 1.00 42.87  ? 101 6HS A C93   1 
HETATM 960  N N12   . 6HS C 2 .  ? 10.222  8.230   -15.066 1.00 43.51  ? 101 6HS A N12   1 
HETATM 961  N N21   . 6HS C 2 .  ? 3.324   4.688   -14.519 1.00 36.01  ? 101 6HS A N21   1 
HETATM 962  N N32   . 6HS C 2 .  ? 5.571   9.657   -14.303 1.00 37.50  ? 101 6HS A N32   1 
HETATM 963  N N33   . 6HS C 2 .  ? 11.497  2.238   -16.320 1.00 41.06  ? 101 6HS A N33   1 
HETATM 964  O O61   . 6HS C 2 .  ? 4.078   9.813   -10.977 1.00 31.36  ? 101 6HS A O61   1 
HETATM 965  O O11   . 6HS C 2 .  ? 4.916   6.922   -13.806 1.00 36.98  ? 101 6HS A O11   1 
HETATM 966  O O23   . 6HS C 2 .  ? 11.835  5.104   -15.873 1.00 42.01  ? 101 6HS A O23   1 
HETATM 967  O O43   . 6HS C 2 .  ? 11.513  1.546   -13.400 1.00 36.17  ? 101 6HS A O43   1 
HETATM 968  O O51   . 6HS C 2 .  ? 4.013   6.984   -11.618 1.00 30.85  ? 101 6HS A O51   1 
HETATM 969  O O52   . 6HS C 2 .  ? 7.002   5.015   -13.273 1.00 32.03  ? 101 6HS A O52   1 
HETATM 970  O O53   . 6HS C 2 .  ? 10.252  4.110   -12.620 1.00 31.35  ? 101 6HS A O53   1 
HETATM 971  O O62   . 6HS C 2 .  ? 9.489   5.523   -14.532 1.00 34.08  ? 101 6HS A O62   1 
HETATM 972  C C11   . 6HS D 2 .  ? -4.520  -6.879  11.516  1.00 25.65  ? 102 6HS A C11   1 
HETATM 973  C C12   . 6HS D 2 .  ? -8.437  -7.172  15.230  1.00 29.44  ? 102 6HS A C12   1 
HETATM 974  C C13   . 6HS D 2 .  ? -10.780 -5.935  12.790  1.00 23.24  ? 102 6HS A C13   1 
HETATM 975  C C21   . 6HS D 2 .  ? -3.828  -8.095  10.762  1.00 28.54  ? 102 6HS A C21   1 
HETATM 976  C C22   . 6HS D 2 .  ? -7.031  -6.793  15.849  1.00 29.03  ? 102 6HS A C22   1 
HETATM 977  C C23   . 6HS D 2 .  ? -12.157 -6.585  13.026  1.00 21.19  ? 102 6HS A C23   1 
HETATM 978  C C31   . 6HS D 2 .  ? -2.594  -8.654  11.598  1.00 28.19  ? 102 6HS A C31   1 
HETATM 979  C C32   . 6HS D 2 .  ? -5.900  -7.403  14.931  1.00 26.99  ? 102 6HS A C32   1 
HETATM 980  C C33   . 6HS D 2 .  ? -12.298 -7.867  12.105  1.00 20.38  ? 102 6HS A C33   1 
HETATM 981  C C41   . 6HS D 2 .  ? -1.797  -7.503  12.343  1.00 30.62  ? 102 6HS A C41   1 
HETATM 982  C C42   . 6HS D 2 .  ? -6.020  -6.811  13.480  1.00 28.10  ? 102 6HS A C42   1 
HETATM 983  C C43   . 6HS D 2 .  ? -12.194 -7.384  10.559  1.00 17.19  ? 102 6HS A C43   1 
HETATM 984  C C51   . 6HS D 2 .  ? -2.281  -6.226  12.379  1.00 31.40  ? 102 6HS A C51   1 
HETATM 985  C C52   . 6HS D 2 .  ? -7.448  -7.176  12.881  1.00 31.65  ? 102 6HS A C52   1 
HETATM 986  C C53   . 6HS D 2 .  ? -10.807 -6.732  10.346  1.00 18.33  ? 102 6HS A C53   1 
HETATM 987  C C61   . 6HS D 2 .  ? -1.553  -5.079  13.084  1.00 31.19  ? 102 6HS A C61   1 
HETATM 988  C C62   . 6HS D 2 .  ? -8.568  -6.549  13.795  1.00 30.82  ? 102 6HS A C62   1 
HETATM 989  C C83   . 6HS D 2 .  ? -12.317 -8.501  9.505   1.00 12.40  ? 102 6HS A C83   1 
HETATM 990  C C93   . 6HS D 2 .  ? -13.645 -9.812  13.064  1.00 21.88  ? 102 6HS A C93   1 
HETATM 991  N N12   . 6HS D 2 .  ? -9.454  -6.631  16.068  1.00 33.24  ? 102 6HS A N12   1 
HETATM 992  N N21   . 6HS D 2 .  ? -4.822  -9.147  10.540  1.00 28.21  ? 102 6HS A N21   1 
HETATM 993  N N32   . 6HS D 2 .  ? -4.586  -7.062  15.493  1.00 31.65  ? 102 6HS A N32   1 
HETATM 994  N N33   . 6HS D 2 .  ? -13.644 -8.522  12.330  1.00 27.17  ? 102 6HS A N33   1 
HETATM 995  O O61   . 6HS D 2 .  ? -2.516  -4.355  13.883  1.00 33.72  ? 102 6HS A O61   1 
HETATM 996  O O11   . 6HS D 2 .  ? -5.014  -7.396  12.732  1.00 25.27  ? 102 6HS A O11   1 
HETATM 997  O O23   . 6HS D 2 .  ? -12.239 -6.900  14.388  1.00 18.06  ? 102 6HS A O23   1 
HETATM 998  O O43   . 6HS D 2 .  ? -13.174 -6.434  10.222  1.00 17.91  ? 102 6HS A O43   1 
HETATM 999  O O51   . 6HS D 2 .  ? -3.520  -5.846  11.754  1.00 29.52  ? 102 6HS A O51   1 
HETATM 1000 O O52   . 6HS D 2 .  ? -7.575  -6.615  11.551  1.00 28.57  ? 102 6HS A O52   1 
HETATM 1001 O O53   . 6HS D 2 .  ? -10.611 -5.609  11.339  1.00 24.59  ? 102 6HS A O53   1 
HETATM 1002 O O62   . 6HS D 2 .  ? -9.815  -6.893  13.250  1.00 30.92  ? 102 6HS A O62   1 
HETATM 1003 O O     . HOH E 3 .  ? -7.291  -8.439  9.536   1.00 26.03  ? 201 HOH A O     1 
HETATM 1004 O O     . HOH E 3 .  ? 3.015   2.573   -11.801 1.00 29.55  ? 202 HOH A O     1 
HETATM 1005 O O     . HOH E 3 .  ? -9.456  -13.794 27.206  1.00 49.35  ? 203 HOH A O     1 
HETATM 1006 O O     . HOH E 3 .  ? -11.229 -3.457  8.492   1.00 32.53  ? 204 HOH A O     1 
HETATM 1007 O O     . HOH E 3 .  ? -1.741  -5.685  16.228  1.00 40.49  ? 205 HOH A O     1 
HETATM 1008 O O     . HOH E 3 .  ? 7.184   3.094   -16.152 1.00 18.11  ? 206 HOH A O     1 
HETATM 1009 O O     . HOH E 3 .  ? 3.097   -0.795  -2.779  1.00 30.33  ? 207 HOH A O     1 
HETATM 1010 O O     . HOH E 3 .  ? -6.515  -1.175  -9.460  1.00 52.63  ? 208 HOH A O     1 
HETATM 1011 O O     . HOH E 3 .  ? 7.055   9.076   -17.954 1.00 37.88  ? 209 HOH A O     1 
HETATM 1012 O O     . HOH E 3 .  ? 23.204  5.363   -7.647  1.00 33.44  ? 210 HOH A O     1 
HETATM 1013 O O     . HOH E 3 .  ? -5.061  14.140  -10.011 1.00 31.40  ? 211 HOH A O     1 
HETATM 1014 O O     . HOH F 3 .  ? -9.125  -9.026  17.718  1.00 50.41  ? 201 HOH B O     1 
HETATM 1015 O O     . HOH F 3 .  ? -3.234  -9.449  15.017  1.00 9.55   ? 202 HOH B O     1 
HETATM 1016 O O     . HOH F 3 .  ? -6.487  -4.381  19.329  1.00 17.81  ? 203 HOH B O     1 
HETATM 1017 O O     . HOH F 3 .  ? 17.581  -0.852  -22.324 1.00 16.35  ? 204 HOH B O     1 
HETATM 1018 O O     . HOH F 3 .  ? -5.202  -8.410  17.957  1.00 24.44  ? 205 HOH B O     1 
HETATM 1019 O O     . HOH F 3 .  ? -14.332 -5.303  18.800  1.00 39.25  ? 206 HOH B O     1 
HETATM 1020 O O     . HOH F 3 .  ? -3.779  7.599   1.553   1.00 37.46  ? 207 HOH B O     1 
HETATM 1021 O O     . HOH F 3 .  ? -10.359 3.161   14.530  1.00 31.35  ? 208 HOH B O     1 
HETATM 1022 O O     . HOH F 3 .  ? 3.844   2.333   -4.393  1.00 38.18  ? 209 HOH B O     1 
HETATM 1023 O O     . HOH F 3 .  ? 2.535   5.605   -2.094  1.00 50.66  ? 210 HOH B O     1 
HETATM 1024 O O     . HOH F 3 .  ? -6.225  -3.885  1.163   1.00 32.10  ? 211 HOH B O     1 
HETATM 1025 O O     . HOH F 3 .  ? -2.246  -9.024  -4.269  1.00 18.56  ? 212 HOH B O     1 
HETATM 1026 O O     . HOH F 3 .  ? 1.237   4.059   1.629   1.00 36.02  ? 213 HOH B O     1 
HETATM 1027 O O     . HOH F 3 .  ? 4.890   5.642   2.145   1.00 20.79  ? 214 HOH B O     1 
HETATM 1028 O O     . HOH F 3 .  ? -12.293 -6.845  -0.904  1.00 30.14  ? 215 HOH B O     1 
HETATM 1029 O O     . HOH F 3 .  ? -8.961  -13.995 5.299   0.50 40.70  ? 216 HOH B O     1 
HETATM 1030 O O     . HOH F 3 .  ? -8.926  -5.324  23.138  1.00 25.88  ? 217 HOH B O     1 
HETATM 1031 O O     . HOH F 3 .  ? 8.869   -0.949  -18.894 1.00 38.15  ? 218 HOH B O     1 
HETATM 1032 O O     . HOH F 3 .  ? 15.516  6.834   -6.623  1.00 76.91  ? 219 HOH B O     1 
HETATM 1033 O O     . HOH F 3 .  ? 13.342  9.475   -4.743  1.00 25.81  ? 220 HOH B O     1 
HETATM 1034 O O     . HOH F 3 .  ? -9.369  1.480   -8.737  1.00 27.48  ? 221 HOH B O     1 
HETATM 1035 O O     . HOH F 3 .  ? -6.196  14.763  -3.916  1.00 26.89  ? 222 HOH B O     1 
HETATM 1036 O O     . HOH F 3 .  ? -5.175  8.293   4.060   1.00 43.32  ? 223 HOH B O     1 
HETATM 1037 O O     . HOH F 3 .  ? -7.685  -4.671  26.174  1.00 47.21  ? 224 HOH B O     1 
HETATM 1038 O O     . HOH F 3 .  ? 4.074   2.552   -0.121  1.00 47.85  ? 225 HOH B O     1 
# 
